data_4IID
#
_entry.id   4IID
#
_cell.length_a   82.452
_cell.length_b   121.599
_cell.length_c   221.805
_cell.angle_alpha   90.00
_cell.angle_beta   90.00
_cell.angle_gamma   90.00
#
_symmetry.space_group_name_H-M   'P 21 21 21'
#
loop_
_entity.id
_entity.type
_entity.pdbx_description
1 polymer 'Beta-glucosidase 1'
2 branched alpha-D-mannopyranose-(1-6)-beta-D-mannopyranose-(1-4)-2-acetamido-2-deoxy-beta-D-glucopyranose-(1-4)-2-acetamido-2-deoxy-beta-D-glucopyranose
3 branched beta-D-mannopyranose-(1-4)-2-acetamido-2-deoxy-beta-D-glucopyranose-(1-4)-2-acetamido-2-deoxy-beta-D-glucopyranose
4 branched 2-acetamido-2-deoxy-beta-D-glucopyranose-(1-4)-2-acetamido-2-deoxy-beta-D-glucopyranose
5 branched alpha-D-mannopyranose-(1-2)-alpha-D-mannopyranose-(1-3)-[alpha-D-mannopyranose-(1-2)-alpha-D-mannopyranose-(1-6)]alpha-D-mannopyranose-(1-6)-[alpha-D-mannopyranose-(1-2)-alpha-D-mannopyranose-(1-3)]beta-D-mannopyranose-(1-4)-2-acetamido-2-deoxy-beta-D-glucopyranose-(1-4)-2-acetamido-2-deoxy-beta-D-glucopyranose
6 branched alpha-D-mannopyranose-(1-2)-alpha-D-mannopyranose-(1-6)-alpha-D-mannopyranose-(1-6)-[alpha-D-mannopyranose-(1-3)]beta-D-mannopyranose-(1-4)-2-acetamido-2-deoxy-beta-D-glucopyranose-(1-4)-2-acetamido-2-deoxy-beta-D-glucopyranose
7 branched alpha-D-mannopyranose-(1-2)-alpha-D-mannopyranose-(1-3)-[alpha-D-mannopyranose-(1-6)]alpha-D-mannopyranose-(1-6)-beta-D-mannopyranose-(1-4)-2-acetamido-2-deoxy-beta-D-glucopyranose-(1-4)-2-acetamido-2-deoxy-beta-D-glucopyranose
8 branched alpha-D-mannopyranose-(1-2)-alpha-D-mannopyranose-(1-2)-alpha-D-mannopyranose-(1-3)-[alpha-D-mannopyranose-(1-6)]beta-D-mannopyranose-(1-4)-2-acetamido-2-deoxy-beta-D-glucopyranose-(1-4)-2-acetamido-2-deoxy-beta-D-glucopyranose
9 branched alpha-D-mannopyranose-(1-3)-[alpha-D-mannopyranose-(1-6)]beta-D-mannopyranose-(1-4)-2-acetamido-2-deoxy-beta-D-glucopyranose-(1-4)-2-acetamido-2-deoxy-beta-D-glucopyranose
10 branched alpha-D-mannopyranose-(1-2)-alpha-D-mannopyranose-(1-3)-[alpha-D-mannopyranose-(1-6)]alpha-D-mannopyranose-(1-6)-[alpha-D-mannopyranose-(1-3)]beta-D-mannopyranose-(1-4)-2-acetamido-2-deoxy-beta-D-glucopyranose-(1-4)-2-acetamido-2-deoxy-beta-D-glucopyranose
11 non-polymer 2-acetamido-2-deoxy-beta-D-glucopyranose
12 non-polymer (4R)-2-METHYLPENTANE-2,4-DIOL
13 non-polymer 1-DEOXYNOJIRIMYCIN
14 non-polymer (4S)-2-METHYL-2,4-PENTANEDIOL
15 water water
#
_entity_poly.entity_id   1
_entity_poly.type   'polypeptide(L)'
_entity_poly.pdbx_seq_one_letter_code
;DELAFSPPFYPSPWANGQGEWAEAYQRAVAIVSQMTLDEKVNLTTGTGWELEKCVGQTGGVPRLNIGGMCLQDSPLGIRD
SDYNSAFPAGVNVAATWDKNLAYLRGQAMGQEFSDKGIDVQLGPAAGPLGRSPDGGRNWEGFSPDPALTGVLFAETIKGI
QDAGVVATAKHYILNEQEHFRQVAEAAGYGFNISDTISSNVDDKTIHEMYLWPFADAVRAGVGAIMCSYNQINNSYGCQN
SYTLNKLLKAELGFQGFVMSDWGAHHSGVGSALAGLDMSMPGDITFDSATSFWGTNLTIAVLNGTVPQWRVDDMAVRIMA
AYYKVGRDRLYQPPNFSSWTRDEYGFKYFYPQEGPYEKVNHFVNVQRNHSEVIRKLGADSTVLLKNNNALPLTGKERKVA
ILGEDAGSNSYGANGCSDRGCDNGTLAMAWGSGTAEFPYLVTPEQAIQAEVLKHKGSVYAITDNWALSQVETLAKQASVS
LVFVNSDAGEGYISVDGNEGDRNNLTLWKNGDNLIKAAANNCNNTIVVIHSVGPVLVDEWYDHPNVTAILWAGLPGQESG
NSLADVLYGRVNPGAKSPFTWGKTREAYGDYLVRELNNGNGAPQDDFSEGVFIDYRGFDKRNETPIYEFGHGLSYTTFNY
SGLHIQVLNASSNAQVATETGAAPTFGQVGNASDYVYPEGLTRISKFIYPWLNSTDLKASSGDPYYGVDTAEHVPEGATD
GSPQPVLPAGGGSGGNPRLYDELIRVSVTVKNTGRVAGDAVPQLYVSLGGPNEPKVVLRKFDRLTLKPSEETVWTTTLTR
RDLSNWDVAAQDWVITSYPKKVHVGSSSRQLPLHAALPKVQ
;
_entity_poly.pdbx_strand_id   A,B
#
loop_
_chem_comp.id
_chem_comp.type
_chem_comp.name
_chem_comp.formula
BMA D-saccharide, beta linking beta-D-mannopyranose 'C6 H12 O6'
MAN D-saccharide, alpha linking alpha-D-mannopyranose 'C6 H12 O6'
MPD non-polymer (4S)-2-METHYL-2,4-PENTANEDIOL 'C6 H14 O2'
MRD non-polymer (4R)-2-METHYLPENTANE-2,4-DIOL 'C6 H14 O2'
NAG D-saccharide, beta linking 2-acetamido-2-deoxy-beta-D-glucopyranose 'C8 H15 N O6'
NOJ D-saccharide 1-DEOXYNOJIRIMYCIN 'C6 H13 N O4'
#
# COMPACT_ATOMS: atom_id res chain seq x y z
N LEU A 3 -6.66 -10.73 53.83
CA LEU A 3 -7.26 -10.11 52.58
C LEU A 3 -7.58 -8.65 52.79
N ALA A 4 -7.16 -7.83 51.83
CA ALA A 4 -7.41 -6.38 51.85
C ALA A 4 -8.89 -6.05 52.01
N PHE A 5 -9.17 -4.98 52.76
CA PHE A 5 -10.55 -4.66 53.11
C PHE A 5 -10.84 -3.20 52.79
N SER A 6 -12.07 -2.90 52.39
CA SER A 6 -12.37 -1.56 52.07
C SER A 6 -13.41 -1.04 53.09
N PRO A 7 -12.96 -0.11 53.98
CA PRO A 7 -13.80 0.51 55.03
C PRO A 7 -14.98 1.30 54.44
N PRO A 8 -16.15 1.28 55.12
CA PRO A 8 -17.37 1.93 54.58
C PRO A 8 -17.21 3.41 54.71
N PHE A 9 -17.87 4.20 53.86
CA PHE A 9 -17.99 5.61 54.08
C PHE A 9 -19.38 5.99 53.57
N TYR A 10 -20.21 6.44 54.49
CA TYR A 10 -21.58 6.75 54.27
C TYR A 10 -21.94 7.96 55.13
N PRO A 11 -22.97 8.73 54.74
CA PRO A 11 -23.79 8.46 53.56
C PRO A 11 -23.11 8.92 52.27
N SER A 12 -23.77 8.64 51.16
CA SER A 12 -23.37 9.09 49.84
C SER A 12 -23.67 10.55 49.73
N PRO A 13 -22.61 11.38 49.67
CA PRO A 13 -22.77 12.84 49.69
C PRO A 13 -23.69 13.32 48.60
N TRP A 14 -24.44 14.41 48.87
CA TRP A 14 -25.37 14.96 47.89
C TRP A 14 -24.83 16.20 47.24
N ALA A 15 -25.32 16.45 46.03
CA ALA A 15 -24.87 17.61 45.26
C ALA A 15 -25.19 18.89 46.00
N ASN A 16 -24.41 19.95 45.81
CA ASN A 16 -24.74 21.24 46.46
C ASN A 16 -24.58 22.48 45.57
N GLY A 17 -24.50 22.36 44.26
CA GLY A 17 -24.20 23.57 43.47
C GLY A 17 -22.84 24.20 43.78
N GLN A 18 -21.84 23.39 44.12
CA GLN A 18 -20.53 23.97 44.44
C GLN A 18 -19.87 24.62 43.20
N GLY A 19 -19.30 25.80 43.43
CA GLY A 19 -18.56 26.58 42.41
C GLY A 19 -19.27 26.82 41.10
N GLU A 20 -18.63 26.31 40.05
CA GLU A 20 -18.98 26.38 38.65
C GLU A 20 -20.31 25.66 38.37
N TRP A 21 -20.74 24.81 39.30
CA TRP A 21 -21.97 23.99 39.17
C TRP A 21 -23.31 24.68 39.60
N ALA A 22 -23.21 25.86 40.20
CA ALA A 22 -24.35 26.56 40.80
C ALA A 22 -25.59 26.59 39.90
N GLU A 23 -25.42 27.15 38.72
CA GLU A 23 -26.52 27.35 37.81
C GLU A 23 -27.03 26.04 37.23
N ALA A 24 -26.12 25.13 36.81
CA ALA A 24 -26.53 23.79 36.38
C ALA A 24 -27.34 23.12 37.47
N TYR A 25 -26.91 23.26 38.75
CA TYR A 25 -27.61 22.56 39.84
C TYR A 25 -29.05 23.13 40.07
N GLN A 26 -29.18 24.47 40.05
CA GLN A 26 -30.47 25.14 40.20
C GLN A 26 -31.42 24.61 39.15
N ARG A 27 -30.98 24.59 37.91
CA ARG A 27 -31.85 24.06 36.82
C ARG A 27 -32.20 22.56 37.00
N ALA A 28 -31.24 21.78 37.47
CA ALA A 28 -31.41 20.34 37.67
C ALA A 28 -32.49 20.11 38.74
N VAL A 29 -32.37 20.86 39.83
CA VAL A 29 -33.32 20.87 40.96
C VAL A 29 -34.73 21.22 40.49
N ALA A 30 -34.84 22.33 39.73
CA ALA A 30 -36.11 22.79 39.24
C ALA A 30 -36.75 21.76 38.32
N ILE A 31 -35.96 21.03 37.53
CA ILE A 31 -36.58 20.02 36.65
C ILE A 31 -36.91 18.69 37.35
N VAL A 32 -36.00 18.26 38.22
CA VAL A 32 -36.18 16.98 38.92
C VAL A 32 -37.37 17.11 39.89
N SER A 33 -37.56 18.30 40.50
CA SER A 33 -38.75 18.61 41.33
C SER A 33 -40.09 18.28 40.69
N GLN A 34 -40.13 18.39 39.36
CA GLN A 34 -41.33 18.16 38.54
C GLN A 34 -41.56 16.68 38.15
N MET A 35 -40.63 15.81 38.53
CA MET A 35 -40.60 14.47 37.98
C MET A 35 -41.23 13.44 38.91
N THR A 36 -41.89 12.43 38.35
CA THR A 36 -42.36 11.27 39.07
C THR A 36 -41.17 10.36 39.37
N LEU A 37 -41.41 9.37 40.23
CA LEU A 37 -40.32 8.47 40.66
C LEU A 37 -39.83 7.63 39.48
N ASP A 38 -40.77 7.03 38.70
CA ASP A 38 -40.39 6.22 37.58
C ASP A 38 -39.64 7.05 36.55
N GLU A 39 -39.98 8.33 36.37
CA GLU A 39 -39.23 9.21 35.50
C GLU A 39 -37.75 9.36 35.94
N LYS A 40 -37.53 9.65 37.23
CA LYS A 40 -36.19 9.77 37.84
C LYS A 40 -35.37 8.50 37.66
N VAL A 41 -36.00 7.35 37.95
CA VAL A 41 -35.40 6.05 37.70
C VAL A 41 -34.96 5.93 36.23
N ASN A 42 -35.76 6.44 35.31
CA ASN A 42 -35.45 6.34 33.88
C ASN A 42 -34.06 6.97 33.60
N LEU A 43 -33.77 8.11 34.25
CA LEU A 43 -32.47 8.77 34.13
C LEU A 43 -31.31 7.92 34.60
N THR A 44 -31.56 7.05 35.58
CA THR A 44 -30.48 6.30 36.20
C THR A 44 -30.09 5.01 35.51
N THR A 45 -30.90 4.48 34.62
CA THR A 45 -30.74 3.10 34.15
C THR A 45 -30.77 2.99 32.59
N GLY A 46 -29.73 2.41 31.98
CA GLY A 46 -29.74 2.14 30.53
C GLY A 46 -30.92 1.28 30.14
N THR A 47 -31.29 1.29 28.87
CA THR A 47 -32.48 0.54 28.47
C THR A 47 -32.17 -0.88 28.01
N GLY A 48 -30.91 -1.32 28.06
CA GLY A 48 -30.60 -2.74 27.79
C GLY A 48 -29.62 -2.88 26.64
N TRP A 49 -28.72 -3.88 26.68
CA TRP A 49 -27.70 -3.99 25.65
C TRP A 49 -28.28 -3.98 24.21
N GLU A 50 -27.89 -2.99 23.39
CA GLU A 50 -28.32 -2.92 21.95
C GLU A 50 -29.79 -2.79 21.72
N LEU A 51 -30.50 -2.17 22.68
CA LEU A 51 -31.89 -1.84 22.51
C LEU A 51 -32.15 -0.57 21.73
N GLU A 52 -31.26 0.40 21.81
CA GLU A 52 -31.47 1.60 21.07
C GLU A 52 -30.26 1.92 20.11
N LYS A 53 -29.77 3.16 20.04
CA LYS A 53 -28.73 3.48 19.04
C LYS A 53 -27.28 3.41 19.58
N CYS A 54 -27.06 3.85 20.81
CA CYS A 54 -25.70 4.11 21.34
C CYS A 54 -25.19 2.99 22.23
N VAL A 55 -23.90 2.96 22.48
CA VAL A 55 -23.38 1.83 23.24
C VAL A 55 -23.96 1.81 24.65
N GLY A 56 -24.29 2.98 25.21
CA GLY A 56 -25.26 3.08 26.28
C GLY A 56 -26.35 4.08 26.00
N GLN A 57 -27.56 3.86 26.52
CA GLN A 57 -28.65 4.78 26.24
C GLN A 57 -29.72 4.65 27.33
N THR A 58 -30.14 5.81 27.89
CA THR A 58 -31.25 5.80 28.86
C THR A 58 -32.58 6.17 28.20
N GLY A 59 -33.70 5.97 28.90
CA GLY A 59 -35.01 6.20 28.30
C GLY A 59 -35.39 7.69 28.25
N GLY A 60 -34.69 8.52 29.02
CA GLY A 60 -35.09 9.90 29.22
C GLY A 60 -36.44 10.07 29.94
N VAL A 61 -36.96 11.27 29.87
CA VAL A 61 -38.21 11.61 30.48
C VAL A 61 -39.08 12.30 29.41
N PRO A 62 -39.86 11.49 28.67
CA PRO A 62 -40.61 12.07 27.52
C PRO A 62 -41.68 13.08 27.94
N ARG A 63 -42.34 12.88 29.08
CA ARG A 63 -43.30 13.90 29.55
C ARG A 63 -42.66 15.28 29.70
N LEU A 64 -41.42 15.35 30.17
CA LEU A 64 -40.77 16.66 30.35
C LEU A 64 -39.83 17.05 29.19
N ASN A 65 -39.97 16.32 28.07
CA ASN A 65 -39.21 16.62 26.86
C ASN A 65 -37.69 16.46 27.07
N ILE A 66 -37.31 15.44 27.84
CA ILE A 66 -35.92 15.11 27.98
C ILE A 66 -35.65 13.84 27.21
N GLY A 67 -34.87 13.94 26.11
CA GLY A 67 -34.62 12.77 25.23
C GLY A 67 -33.73 11.81 26.00
N GLY A 68 -33.78 10.53 25.65
CA GLY A 68 -32.87 9.54 26.25
C GLY A 68 -31.43 10.03 26.11
N MET A 69 -30.59 9.73 27.08
CA MET A 69 -29.21 10.12 26.96
C MET A 69 -28.46 9.06 26.19
N CYS A 70 -27.72 9.51 25.19
CA CYS A 70 -26.91 8.65 24.31
C CYS A 70 -25.44 8.80 24.74
N LEU A 71 -24.83 7.66 25.09
CA LEU A 71 -23.43 7.49 25.63
C LEU A 71 -22.70 6.68 24.61
N GLN A 72 -21.65 7.24 24.00
CA GLN A 72 -20.89 6.48 22.98
C GLN A 72 -19.40 6.44 23.28
N ASP A 73 -18.75 5.35 22.97
CA ASP A 73 -17.27 5.31 22.96
C ASP A 73 -16.80 6.18 21.77
N SER A 74 -15.53 6.59 21.68
CA SER A 74 -14.44 6.22 22.55
C SER A 74 -13.60 7.44 22.89
N PRO A 75 -12.52 7.26 23.68
CA PRO A 75 -11.71 8.45 23.95
C PRO A 75 -10.96 9.11 22.76
N LEU A 76 -11.00 8.52 21.57
CA LEU A 76 -10.22 9.04 20.46
C LEU A 76 -11.06 9.27 19.18
N GLY A 77 -12.40 9.19 19.30
CA GLY A 77 -13.30 9.49 18.16
C GLY A 77 -14.53 8.60 18.30
N ILE A 78 -15.57 8.93 17.50
CA ILE A 78 -16.82 8.21 17.64
C ILE A 78 -16.65 6.75 17.19
N ARG A 79 -17.05 5.82 18.08
CA ARG A 79 -17.04 4.34 17.83
C ARG A 79 -18.31 3.85 17.11
N ASP A 80 -18.17 2.86 16.22
CA ASP A 80 -19.31 2.16 15.65
C ASP A 80 -20.23 3.05 14.83
N SER A 81 -19.65 3.98 14.08
CA SER A 81 -20.47 4.97 13.34
C SER A 81 -19.90 5.18 11.94
N ASP A 82 -20.21 6.29 11.32
CA ASP A 82 -19.68 6.50 9.97
C ASP A 82 -19.44 7.92 9.74
N TYR A 83 -18.58 8.26 8.76
CA TYR A 83 -18.23 9.62 8.44
C TYR A 83 -17.80 10.39 9.70
N ASN A 84 -16.90 9.79 10.47
CA ASN A 84 -16.31 10.41 11.67
C ASN A 84 -14.81 10.29 11.48
N SER A 85 -14.05 11.02 12.26
CA SER A 85 -12.59 11.00 12.25
C SER A 85 -12.01 9.99 13.25
N ALA A 86 -10.76 9.59 13.03
CA ALA A 86 -10.07 8.76 13.98
C ALA A 86 -8.87 9.56 14.47
N PHE A 87 -8.88 9.99 15.73
CA PHE A 87 -7.86 10.89 16.26
C PHE A 87 -6.64 10.10 16.82
N PRO A 88 -5.48 10.76 17.09
CA PRO A 88 -4.44 9.94 17.69
C PRO A 88 -4.87 9.55 19.11
N ALA A 89 -4.25 8.51 19.63
CA ALA A 89 -4.61 7.99 20.90
C ALA A 89 -4.16 8.95 22.04
N GLY A 90 -4.71 8.75 23.23
CA GLY A 90 -4.38 9.65 24.32
C GLY A 90 -2.88 9.68 24.65
N VAL A 91 -2.18 8.56 24.47
CA VAL A 91 -0.72 8.50 24.76
C VAL A 91 -0.01 9.42 23.79
N ASN A 92 -0.47 9.50 22.56
CA ASN A 92 0.03 10.58 21.67
C ASN A 92 -0.13 11.97 22.25
N VAL A 93 -1.33 12.29 22.76
CA VAL A 93 -1.58 13.59 23.43
C VAL A 93 -0.51 13.88 24.51
N ALA A 94 -0.24 12.84 25.34
CA ALA A 94 0.76 12.93 26.38
C ALA A 94 2.13 13.23 25.79
N ALA A 95 2.48 12.55 24.69
CA ALA A 95 3.77 12.79 24.04
C ALA A 95 3.87 14.21 23.48
N THR A 96 2.76 14.89 23.22
CA THR A 96 2.90 16.28 22.73
C THR A 96 3.31 17.25 23.86
N TRP A 97 3.06 16.87 25.11
CA TRP A 97 3.23 17.82 26.24
C TRP A 97 2.64 19.22 25.90
N ASP A 98 1.55 19.25 25.13
CA ASP A 98 0.95 20.48 24.67
C ASP A 98 -0.52 20.52 25.14
N LYS A 99 -0.75 21.35 26.16
CA LYS A 99 -2.08 21.70 26.69
C LYS A 99 -3.05 22.16 25.63
N ASN A 100 -2.59 23.05 24.76
CA ASN A 100 -3.37 23.55 23.66
C ASN A 100 -3.84 22.43 22.68
N LEU A 101 -2.93 21.55 22.23
CA LEU A 101 -3.37 20.42 21.37
C LEU A 101 -4.36 19.49 22.09
N ALA A 102 -4.19 19.29 23.42
CA ALA A 102 -5.10 18.41 24.14
C ALA A 102 -6.49 19.02 24.12
N TYR A 103 -6.54 20.35 24.28
CA TYR A 103 -7.81 21.11 24.25
C TYR A 103 -8.49 21.02 22.88
N LEU A 104 -7.72 21.32 21.83
CA LEU A 104 -8.18 21.28 20.43
C LEU A 104 -8.69 19.91 19.96
N ARG A 105 -7.96 18.87 20.32
CA ARG A 105 -8.48 17.50 20.10
C ARG A 105 -9.79 17.22 20.85
N GLY A 106 -9.88 17.75 22.07
CA GLY A 106 -11.12 17.58 22.83
C GLY A 106 -12.26 18.25 22.14
N GLN A 107 -11.99 19.46 21.62
CA GLN A 107 -13.03 20.24 20.95
C GLN A 107 -13.41 19.62 19.62
N ALA A 108 -12.42 19.19 18.83
CA ALA A 108 -12.75 18.54 17.57
C ALA A 108 -13.60 17.30 17.85
N MET A 109 -13.23 16.43 18.81
CA MET A 109 -14.07 15.24 19.13
C MET A 109 -15.49 15.66 19.57
N GLY A 110 -15.57 16.58 20.54
CA GLY A 110 -16.85 17.05 21.03
C GLY A 110 -17.79 17.48 19.91
N GLN A 111 -17.32 18.31 18.97
CA GLN A 111 -18.13 18.72 17.83
C GLN A 111 -18.61 17.53 17.07
N GLU A 112 -17.74 16.55 16.81
CA GLU A 112 -18.22 15.40 16.03
C GLU A 112 -19.29 14.61 16.82
N PHE A 113 -19.04 14.31 18.13
CA PHE A 113 -19.99 13.54 18.93
C PHE A 113 -21.33 14.26 18.96
N SER A 114 -21.24 15.58 19.23
CA SER A 114 -22.43 16.44 19.24
C SER A 114 -23.31 16.35 17.96
N ASP A 115 -22.64 16.33 16.83
CA ASP A 115 -23.28 16.41 15.53
C ASP A 115 -23.85 15.04 15.16
N LYS A 116 -23.51 13.99 15.94
CA LYS A 116 -24.18 12.68 15.75
C LYS A 116 -25.39 12.48 16.64
N GLY A 117 -25.69 13.45 17.51
CA GLY A 117 -26.83 13.32 18.46
C GLY A 117 -26.35 12.46 19.66
N ILE A 118 -25.04 12.52 19.95
CA ILE A 118 -24.45 11.84 21.16
C ILE A 118 -24.35 12.85 22.29
N ASP A 119 -24.79 12.44 23.49
CA ASP A 119 -24.85 13.41 24.59
C ASP A 119 -23.63 13.30 25.51
N VAL A 120 -23.08 12.08 25.57
CA VAL A 120 -21.99 11.78 26.50
C VAL A 120 -20.89 10.98 25.76
N GLN A 121 -19.65 11.47 25.80
CA GLN A 121 -18.51 10.73 25.25
C GLN A 121 -17.91 9.91 26.38
N LEU A 122 -17.73 8.62 26.12
CA LEU A 122 -17.10 7.70 27.12
C LEU A 122 -15.58 7.85 27.01
N GLY A 123 -15.11 9.02 27.47
CA GLY A 123 -13.70 9.31 27.58
C GLY A 123 -13.61 10.78 27.96
N PRO A 124 -12.38 11.29 28.16
CA PRO A 124 -11.08 10.64 28.05
C PRO A 124 -10.76 9.72 29.23
N ALA A 125 -9.59 9.07 29.19
CA ALA A 125 -9.20 8.06 30.20
C ALA A 125 -7.96 8.53 30.90
N ALA A 126 -7.85 8.17 32.18
CA ALA A 126 -6.67 8.49 32.94
C ALA A 126 -6.50 7.35 33.92
N GLY A 127 -7.28 6.30 33.70
CA GLY A 127 -7.20 5.11 34.50
C GLY A 127 -7.49 4.01 33.52
N PRO A 128 -6.50 3.15 33.22
CA PRO A 128 -5.20 2.99 33.86
C PRO A 128 -4.32 4.21 33.79
N LEU A 129 -3.62 4.49 34.89
CA LEU A 129 -2.61 5.54 34.86
C LEU A 129 -1.42 5.01 34.07
N GLY A 130 -1.04 3.76 34.31
CA GLY A 130 0.15 3.17 33.69
C GLY A 130 1.09 2.43 34.63
N ARG A 131 0.55 1.75 35.66
CA ARG A 131 1.37 1.00 36.64
C ARG A 131 2.48 0.12 35.98
N SER A 132 2.11 -0.66 34.96
CA SER A 132 2.92 -1.71 34.33
C SER A 132 3.03 -1.35 32.81
N PRO A 133 4.26 -1.33 32.24
CA PRO A 133 4.41 -0.95 30.84
C PRO A 133 3.68 -1.93 29.88
N ASP A 134 3.35 -3.12 30.36
CA ASP A 134 2.58 -4.07 29.53
C ASP A 134 1.06 -4.06 29.75
N GLY A 135 0.51 -3.15 30.53
CA GLY A 135 -0.98 -3.11 30.70
C GLY A 135 -1.66 -2.81 29.33
N GLY A 136 -2.76 -3.51 29.04
CA GLY A 136 -3.33 -3.54 27.68
C GLY A 136 -3.93 -2.19 27.28
N ARG A 137 -4.20 -1.32 28.26
CA ARG A 137 -4.97 -0.11 28.00
C ARG A 137 -4.30 1.24 28.31
N ASN A 138 -3.01 1.23 28.70
CA ASN A 138 -2.29 2.45 29.04
C ASN A 138 -2.42 3.43 27.90
N TRP A 139 -2.40 2.93 26.68
CA TRP A 139 -2.41 3.78 25.49
C TRP A 139 -3.66 4.67 25.41
N GLU A 140 -4.76 4.21 26.00
CA GLU A 140 -6.02 4.97 25.97
C GLU A 140 -5.92 6.22 26.82
N GLY A 141 -5.01 6.18 27.81
CA GLY A 141 -4.85 7.28 28.75
C GLY A 141 -3.77 8.21 28.27
N PHE A 142 -2.94 8.65 29.21
CA PHE A 142 -1.91 9.60 28.90
C PHE A 142 -0.53 9.08 29.28
N SER A 143 -0.19 9.17 30.56
CA SER A 143 1.19 8.99 31.02
C SER A 143 1.15 8.32 32.36
N PRO A 144 2.18 7.51 32.73
CA PRO A 144 2.27 7.05 34.15
C PRO A 144 2.60 8.20 35.16
N ASP A 145 2.80 9.38 34.65
CA ASP A 145 3.01 10.51 35.50
C ASP A 145 1.70 11.24 35.82
N PRO A 146 1.41 11.44 37.14
CA PRO A 146 0.12 12.09 37.46
C PRO A 146 -0.02 13.56 37.02
N ALA A 147 1.08 14.31 37.04
CA ALA A 147 1.00 15.73 36.79
C ALA A 147 0.74 15.95 35.29
N LEU A 148 1.52 15.26 34.45
CA LEU A 148 1.38 15.33 33.01
C LEU A 148 0.02 14.77 32.65
N THR A 149 -0.34 13.64 33.23
CA THR A 149 -1.65 13.07 32.87
C THR A 149 -2.82 14.00 33.24
N GLY A 150 -2.83 14.48 34.49
CA GLY A 150 -3.91 15.37 34.99
C GLY A 150 -4.16 16.64 34.18
N VAL A 151 -3.13 17.36 33.84
CA VAL A 151 -3.25 18.57 33.02
C VAL A 151 -3.90 18.22 31.63
N LEU A 152 -3.36 17.17 30.98
CA LEU A 152 -3.82 16.88 29.61
C LEU A 152 -5.24 16.25 29.62
N PHE A 153 -5.53 15.41 30.63
CA PHE A 153 -6.87 14.89 30.94
C PHE A 153 -7.85 16.08 31.05
N ALA A 154 -7.49 17.06 31.92
CA ALA A 154 -8.35 18.20 32.20
C ALA A 154 -8.59 19.05 30.97
N GLU A 155 -7.52 19.36 30.22
CA GLU A 155 -7.67 20.08 28.97
C GLU A 155 -8.52 19.33 27.95
N THR A 156 -8.34 17.98 27.87
CA THR A 156 -9.18 17.23 26.93
C THR A 156 -10.70 17.34 27.32
N ILE A 157 -10.99 17.08 28.58
CA ILE A 157 -12.32 17.28 29.15
C ILE A 157 -12.88 18.68 28.81
N LYS A 158 -12.12 19.73 29.03
CA LYS A 158 -12.64 21.07 28.75
C LYS A 158 -12.96 21.29 27.26
N GLY A 159 -12.16 20.72 26.38
CA GLY A 159 -12.39 20.86 24.95
C GLY A 159 -13.71 20.16 24.58
N ILE A 160 -13.90 18.95 25.06
CA ILE A 160 -15.12 18.21 24.77
C ILE A 160 -16.34 18.99 25.30
N GLN A 161 -16.24 19.48 26.53
CA GLN A 161 -17.42 20.03 27.27
C GLN A 161 -17.77 21.39 26.75
N ASP A 162 -16.75 22.19 26.41
CA ASP A 162 -16.98 23.48 25.72
C ASP A 162 -17.64 23.29 24.38
N ALA A 163 -17.48 22.11 23.76
CA ALA A 163 -18.20 21.73 22.50
C ALA A 163 -19.64 21.26 22.74
N GLY A 164 -20.04 21.10 24.00
CA GLY A 164 -21.44 20.82 24.28
C GLY A 164 -21.77 19.34 24.40
N VAL A 165 -20.79 18.53 24.81
CA VAL A 165 -21.04 17.09 25.06
C VAL A 165 -20.54 16.76 26.46
N VAL A 166 -21.27 16.00 27.24
CA VAL A 166 -20.70 15.52 28.54
C VAL A 166 -19.49 14.60 28.33
N ALA A 167 -18.36 14.94 28.96
CA ALA A 167 -17.21 14.03 29.03
C ALA A 167 -17.29 13.08 30.21
N THR A 168 -16.71 11.90 30.05
CA THR A 168 -16.70 10.87 31.09
C THR A 168 -15.26 10.46 31.46
N ALA A 169 -14.81 10.89 32.63
CA ALA A 169 -13.48 10.54 33.15
C ALA A 169 -13.57 9.09 33.53
N LYS A 170 -12.78 8.25 32.89
CA LYS A 170 -12.79 6.81 33.19
C LYS A 170 -11.32 6.28 33.33
N HIS A 171 -11.07 5.09 33.82
CA HIS A 171 -11.99 4.23 34.56
C HIS A 171 -11.62 4.42 36.02
N TYR A 172 -12.61 4.75 36.81
CA TYR A 172 -12.35 5.12 38.18
C TYR A 172 -12.63 3.88 39.11
N ILE A 173 -11.60 3.19 39.63
CA ILE A 173 -10.17 3.62 39.66
C ILE A 173 -9.32 2.35 39.83
N LEU A 174 -8.01 2.39 39.54
CA LEU A 174 -7.08 1.25 39.72
C LEU A 174 -7.31 0.04 38.76
N ASN A 175 -8.00 0.26 37.64
CA ASN A 175 -8.07 -0.72 36.54
C ASN A 175 -6.69 -0.76 35.77
N GLU A 176 -5.65 -1.18 36.46
CA GLU A 176 -4.32 -1.07 35.94
C GLU A 176 -3.90 -2.27 35.07
N GLN A 177 -4.77 -3.29 34.92
CA GLN A 177 -4.43 -4.39 33.93
C GLN A 177 -5.67 -5.05 33.39
N GLU A 178 -5.54 -5.78 32.27
CA GLU A 178 -6.68 -6.44 31.68
C GLU A 178 -6.97 -7.82 32.22
N HIS A 179 -5.91 -8.55 32.61
CA HIS A 179 -6.12 -9.91 33.07
C HIS A 179 -7.05 -9.85 34.28
N PHE A 180 -8.07 -10.69 34.21
CA PHE A 180 -8.99 -11.02 35.31
C PHE A 180 -9.87 -9.87 35.68
N ARG A 181 -9.95 -8.87 34.82
CA ARG A 181 -10.81 -7.74 35.10
C ARG A 181 -12.30 -8.06 35.07
N GLN A 182 -12.70 -9.18 34.43
CA GLN A 182 -14.11 -9.59 34.40
C GLN A 182 -14.17 -11.10 34.49
N VAL A 183 -15.09 -11.63 35.30
CA VAL A 183 -15.27 -13.08 35.49
C VAL A 183 -15.52 -13.84 34.16
N ALA A 184 -16.47 -13.38 33.33
CA ALA A 184 -16.82 -14.17 32.08
C ALA A 184 -15.68 -14.03 31.08
N GLU A 185 -14.99 -12.92 31.16
CA GLU A 185 -13.89 -12.72 30.32
C GLU A 185 -12.77 -13.68 30.73
N ALA A 186 -12.45 -13.71 32.02
CA ALA A 186 -11.44 -14.73 32.47
C ALA A 186 -11.86 -16.20 32.14
N ALA A 187 -13.14 -16.55 32.28
CA ALA A 187 -13.62 -17.90 32.00
C ALA A 187 -13.33 -18.25 30.55
N GLY A 188 -13.69 -17.35 29.62
CA GLY A 188 -13.38 -17.55 28.19
C GLY A 188 -11.91 -17.79 27.91
N TYR A 189 -11.04 -17.28 28.78
CA TYR A 189 -9.63 -17.58 28.65
C TYR A 189 -9.19 -18.80 29.47
N GLY A 190 -10.14 -19.54 30.04
CA GLY A 190 -9.82 -20.77 30.85
C GLY A 190 -9.47 -20.56 32.32
N PHE A 191 -9.78 -19.38 32.87
CA PHE A 191 -9.49 -19.10 34.25
C PHE A 191 -10.83 -19.05 34.96
N ASN A 192 -10.90 -19.75 36.09
CA ASN A 192 -12.14 -19.79 36.91
C ASN A 192 -12.02 -18.90 38.18
N ILE A 193 -12.72 -17.77 38.21
CA ILE A 193 -12.61 -16.83 39.37
C ILE A 193 -14.00 -16.47 39.77
N SER A 194 -14.24 -16.34 41.08
CA SER A 194 -15.61 -16.06 41.52
C SER A 194 -15.87 -14.54 41.49
N ASP A 195 -14.82 -13.75 41.50
CA ASP A 195 -14.90 -12.29 41.43
C ASP A 195 -13.66 -11.65 40.70
N THR A 196 -13.73 -10.35 40.42
CA THR A 196 -12.71 -9.73 39.58
C THR A 196 -11.52 -9.27 40.39
N ILE A 197 -10.39 -9.12 39.67
CA ILE A 197 -9.13 -8.89 40.28
C ILE A 197 -9.30 -7.71 41.24
N SER A 198 -8.55 -7.72 42.33
CA SER A 198 -8.65 -6.69 43.36
C SER A 198 -7.36 -5.87 43.44
N SER A 199 -7.45 -4.58 43.16
CA SER A 199 -6.29 -3.72 43.32
C SER A 199 -6.20 -3.30 44.78
N ASN A 200 -5.07 -3.58 45.40
CA ASN A 200 -4.96 -3.29 46.79
C ASN A 200 -3.92 -2.24 46.92
N VAL A 201 -4.34 -1.06 47.39
CA VAL A 201 -3.46 0.07 47.38
C VAL A 201 -3.55 0.84 48.69
N ASP A 202 -2.41 1.30 49.20
CA ASP A 202 -2.43 2.24 50.33
C ASP A 202 -2.99 3.64 50.01
N ASP A 203 -3.50 4.26 51.07
CA ASP A 203 -4.08 5.57 51.01
C ASP A 203 -3.14 6.70 50.50
N LYS A 204 -1.87 6.70 50.91
CA LYS A 204 -0.92 7.67 50.42
C LYS A 204 -0.72 7.52 48.89
N THR A 205 -0.40 6.30 48.46
CA THR A 205 -0.19 6.00 47.03
C THR A 205 -1.41 6.48 46.23
N ILE A 206 -2.61 6.09 46.64
CA ILE A 206 -3.77 6.40 45.84
C ILE A 206 -3.91 7.92 45.66
N HIS A 207 -3.61 8.74 46.68
CA HIS A 207 -3.80 10.17 46.63
C HIS A 207 -2.78 10.85 45.77
N GLU A 208 -1.53 10.37 45.88
CA GLU A 208 -0.42 11.05 45.19
C GLU A 208 -0.27 10.55 43.74
N MET A 209 -0.84 9.39 43.42
CA MET A 209 -0.80 8.91 42.02
C MET A 209 -2.15 8.78 41.29
N TYR A 210 -2.84 7.67 41.52
CA TYR A 210 -4.00 7.32 40.72
C TYR A 210 -5.18 8.31 40.83
N LEU A 211 -5.34 8.93 42.00
CA LEU A 211 -6.45 9.82 42.23
C LEU A 211 -6.16 11.23 41.69
N TRP A 212 -4.89 11.64 41.65
CA TRP A 212 -4.50 12.99 41.28
C TRP A 212 -5.12 13.50 39.91
N PRO A 213 -4.97 12.72 38.81
CA PRO A 213 -5.63 13.21 37.58
C PRO A 213 -7.15 13.27 37.74
N PHE A 214 -7.73 12.43 38.59
CA PHE A 214 -9.20 12.51 38.78
C PHE A 214 -9.61 13.82 39.51
N ALA A 215 -8.76 14.25 40.43
CA ALA A 215 -8.95 15.55 41.05
C ALA A 215 -8.82 16.70 39.99
N ASP A 216 -7.76 16.67 39.14
CA ASP A 216 -7.75 17.60 38.00
C ASP A 216 -9.09 17.49 37.19
N ALA A 217 -9.61 16.29 36.95
CA ALA A 217 -10.77 16.19 36.03
C ALA A 217 -11.95 16.86 36.72
N VAL A 218 -12.08 16.59 38.00
CA VAL A 218 -13.22 17.11 38.74
C VAL A 218 -13.18 18.64 38.75
N ARG A 219 -12.02 19.19 39.09
CA ARG A 219 -11.79 20.64 39.09
C ARG A 219 -12.00 21.37 37.71
N ALA A 220 -11.63 20.70 36.63
CA ALA A 220 -11.87 21.24 35.31
C ALA A 220 -13.38 21.18 34.97
N GLY A 221 -14.22 20.64 35.84
CA GLY A 221 -15.65 20.58 35.53
C GLY A 221 -16.20 19.34 34.83
N VAL A 222 -15.48 18.21 34.84
CA VAL A 222 -15.95 16.96 34.18
C VAL A 222 -17.40 16.60 34.64
N GLY A 223 -18.22 16.09 33.72
CA GLY A 223 -19.66 15.93 33.97
C GLY A 223 -19.93 14.56 34.57
N ALA A 224 -19.20 13.58 34.04
CA ALA A 224 -19.42 12.18 34.37
C ALA A 224 -18.12 11.46 34.80
N ILE A 225 -18.26 10.41 35.62
CA ILE A 225 -17.12 9.51 35.93
C ILE A 225 -17.62 8.10 35.65
N MET A 226 -16.76 7.23 35.11
CA MET A 226 -17.14 5.83 34.95
C MET A 226 -16.31 5.01 35.92
N CYS A 227 -16.97 4.28 36.81
CA CYS A 227 -16.28 3.42 37.79
C CYS A 227 -15.94 2.11 37.08
N SER A 228 -14.96 1.41 37.63
CA SER A 228 -14.27 0.35 36.94
C SER A 228 -14.73 -1.12 37.24
N TYR A 229 -14.33 -2.05 36.34
CA TYR A 229 -14.55 -3.48 36.49
C TYR A 229 -13.86 -4.12 37.69
N ASN A 230 -12.66 -3.65 37.98
CA ASN A 230 -11.90 -4.27 39.05
C ASN A 230 -12.49 -4.02 40.44
N GLN A 231 -11.95 -4.72 41.45
CA GLN A 231 -12.25 -4.37 42.84
C GLN A 231 -11.14 -3.51 43.38
N ILE A 232 -11.43 -2.73 44.41
CA ILE A 232 -10.40 -2.05 45.19
C ILE A 232 -10.54 -2.52 46.67
N ASN A 233 -9.44 -3.03 47.22
CA ASN A 233 -9.48 -3.83 48.48
C ASN A 233 -10.73 -4.73 48.56
N ASN A 234 -10.98 -5.50 47.49
CA ASN A 234 -12.07 -6.50 47.47
C ASN A 234 -13.45 -5.94 47.65
N SER A 235 -13.66 -4.71 47.18
CA SER A 235 -14.97 -4.11 47.04
C SER A 235 -15.09 -3.55 45.60
N TYR A 236 -16.06 -4.01 44.81
CA TYR A 236 -16.17 -3.59 43.40
C TYR A 236 -16.20 -2.10 43.21
N GLY A 237 -15.49 -1.68 42.15
CA GLY A 237 -15.37 -0.31 41.78
C GLY A 237 -16.71 0.41 41.70
N CYS A 238 -17.75 -0.27 41.25
CA CYS A 238 -19.03 0.43 41.02
C CYS A 238 -19.98 0.32 42.23
N GLN A 239 -19.40 -0.04 43.39
CA GLN A 239 -20.11 -0.01 44.66
C GLN A 239 -19.14 0.13 45.85
N ASN A 240 -18.03 0.84 45.61
CA ASN A 240 -17.01 1.05 46.61
C ASN A 240 -17.23 2.41 47.24
N SER A 241 -17.76 2.39 48.44
CA SER A 241 -18.21 3.64 49.09
C SER A 241 -16.95 4.43 49.50
N TYR A 242 -15.87 3.76 49.84
CA TYR A 242 -14.65 4.50 50.07
C TYR A 242 -14.17 5.27 48.81
N THR A 243 -13.98 4.62 47.65
CA THR A 243 -13.53 5.42 46.46
C THR A 243 -14.63 6.37 46.01
N LEU A 244 -15.91 5.96 46.11
CA LEU A 244 -16.99 6.75 45.47
C LEU A 244 -17.52 7.75 46.45
N ASN A 245 -17.91 7.31 47.67
CA ASN A 245 -18.48 8.31 48.60
C ASN A 245 -17.40 9.21 49.21
N LYS A 246 -16.42 8.56 49.83
CA LYS A 246 -15.33 9.29 50.43
C LYS A 246 -14.38 10.01 49.43
N LEU A 247 -13.67 9.28 48.53
CA LEU A 247 -12.57 9.98 47.82
C LEU A 247 -13.11 10.98 46.77
N LEU A 248 -14.01 10.48 45.93
CA LEU A 248 -14.54 11.20 44.79
C LEU A 248 -15.58 12.23 45.21
N LYS A 249 -16.58 11.84 46.00
CA LYS A 249 -17.67 12.77 46.27
C LYS A 249 -17.46 13.71 47.51
N ALA A 250 -16.96 13.19 48.62
CA ALA A 250 -16.70 14.05 49.81
C ALA A 250 -15.40 14.82 49.67
N GLU A 251 -14.27 14.11 49.48
CA GLU A 251 -13.00 14.81 49.37
C GLU A 251 -12.89 15.69 48.09
N LEU A 252 -13.02 15.09 46.91
CA LEU A 252 -12.89 15.82 45.65
C LEU A 252 -14.12 16.72 45.36
N GLY A 253 -15.24 16.50 46.04
CA GLY A 253 -16.41 17.42 45.90
C GLY A 253 -17.08 17.34 44.55
N PHE A 254 -17.10 16.11 44.00
CA PHE A 254 -17.60 15.84 42.65
C PHE A 254 -19.09 16.05 42.58
N GLN A 255 -19.52 16.89 41.63
CA GLN A 255 -20.93 17.30 41.52
C GLN A 255 -21.73 16.57 40.41
N GLY A 256 -21.03 15.87 39.50
CA GLY A 256 -21.70 15.11 38.40
C GLY A 256 -22.06 13.70 38.74
N PHE A 257 -22.23 12.87 37.73
CA PHE A 257 -22.73 11.51 38.02
C PHE A 257 -21.73 10.43 37.72
N VAL A 258 -21.85 9.35 38.49
CA VAL A 258 -21.03 8.17 38.37
C VAL A 258 -21.82 7.09 37.62
N MET A 259 -21.36 6.73 36.42
CA MET A 259 -21.96 5.61 35.65
C MET A 259 -21.14 4.37 35.82
N SER A 260 -21.78 3.23 35.65
CA SER A 260 -21.00 1.99 35.77
C SER A 260 -20.33 1.70 34.44
N ASP A 261 -19.20 1.00 34.47
CA ASP A 261 -18.71 0.37 33.27
C ASP A 261 -19.75 -0.71 32.85
N TRP A 262 -19.68 -1.16 31.60
CA TRP A 262 -20.67 -2.10 31.06
C TRP A 262 -20.54 -3.50 31.61
N GLY A 263 -21.37 -3.84 32.60
CA GLY A 263 -21.32 -5.13 33.21
C GLY A 263 -20.64 -4.94 34.57
N ALA A 264 -20.27 -3.71 34.94
CA ALA A 264 -19.58 -3.49 36.23
C ALA A 264 -20.57 -3.25 37.40
N HIS A 265 -21.87 -3.27 37.12
CA HIS A 265 -22.89 -3.03 38.12
C HIS A 265 -23.16 -4.39 38.77
N HIS A 266 -23.02 -4.48 40.10
CA HIS A 266 -23.11 -5.79 40.77
C HIS A 266 -24.17 -5.88 41.89
N SER A 267 -24.94 -4.80 42.10
CA SER A 267 -26.04 -4.80 43.09
C SER A 267 -26.93 -3.56 42.89
N GLY A 268 -28.20 -3.66 43.26
CA GLY A 268 -29.15 -2.54 43.22
C GLY A 268 -28.95 -1.63 44.44
N VAL A 269 -29.27 -2.15 45.62
CA VAL A 269 -29.22 -1.38 46.87
C VAL A 269 -27.77 -0.99 47.26
N GLY A 270 -26.88 -1.97 47.32
CA GLY A 270 -25.52 -1.65 47.70
C GLY A 270 -24.89 -0.56 46.85
N SER A 271 -24.99 -0.72 45.52
CA SER A 271 -24.41 0.30 44.59
C SER A 271 -25.00 1.70 44.78
N ALA A 272 -26.31 1.78 44.86
CA ALA A 272 -26.98 3.06 45.01
C ALA A 272 -26.53 3.79 46.29
N LEU A 273 -26.48 3.05 47.42
CA LEU A 273 -26.02 3.59 48.73
C LEU A 273 -24.49 3.83 48.76
N ALA A 274 -23.74 3.05 47.98
CA ALA A 274 -22.29 3.29 47.89
C ALA A 274 -21.86 4.38 46.88
N GLY A 275 -22.84 5.03 46.22
CA GLY A 275 -22.59 6.24 45.41
C GLY A 275 -22.62 6.18 43.89
N LEU A 276 -23.18 5.13 43.31
CA LEU A 276 -23.39 5.05 41.87
C LEU A 276 -24.63 5.89 41.54
N ASP A 277 -24.61 6.53 40.35
CA ASP A 277 -25.69 7.33 39.87
C ASP A 277 -26.36 6.80 38.59
N MET A 278 -25.71 5.86 37.89
CA MET A 278 -26.27 5.41 36.57
C MET A 278 -25.74 4.05 36.18
N SER A 279 -26.63 3.21 35.67
CA SER A 279 -26.31 1.80 35.45
C SER A 279 -26.25 1.58 33.93
N MET A 280 -25.07 1.18 33.42
CA MET A 280 -24.89 0.89 31.98
C MET A 280 -24.42 -0.55 31.70
N PRO A 281 -24.97 -1.22 30.65
CA PRO A 281 -25.95 -0.76 29.67
C PRO A 281 -27.38 -0.81 30.21
N GLY A 282 -27.54 -1.23 31.47
CA GLY A 282 -28.84 -1.19 32.08
C GLY A 282 -29.25 -2.54 32.64
N ASP A 283 -28.83 -3.61 31.98
CA ASP A 283 -29.25 -4.91 32.39
C ASP A 283 -28.20 -5.59 33.31
N ILE A 284 -28.50 -6.78 33.80
CA ILE A 284 -27.60 -7.41 34.75
C ILE A 284 -26.46 -8.02 33.96
N THR A 285 -26.78 -8.84 32.96
CA THR A 285 -25.87 -9.23 31.88
C THR A 285 -26.58 -8.83 30.57
N PHE A 286 -25.83 -8.77 29.46
CA PHE A 286 -26.38 -8.25 28.18
C PHE A 286 -27.71 -8.90 27.75
N ASP A 287 -28.79 -8.14 27.73
CA ASP A 287 -30.04 -8.70 27.27
C ASP A 287 -30.61 -9.79 28.18
N SER A 288 -30.37 -9.63 29.47
CA SER A 288 -30.88 -10.56 30.44
C SER A 288 -32.34 -10.19 30.72
N ALA A 289 -32.81 -9.07 30.17
CA ALA A 289 -34.15 -8.52 30.51
C ALA A 289 -34.33 -8.38 32.04
N THR A 290 -33.25 -8.37 32.78
CA THR A 290 -33.31 -8.00 34.19
C THR A 290 -32.31 -6.85 34.47
N SER A 291 -32.56 -6.10 35.55
CA SER A 291 -31.78 -4.94 35.95
C SER A 291 -31.61 -4.86 37.48
N PHE A 292 -30.42 -4.48 37.95
CA PHE A 292 -30.25 -4.17 39.37
C PHE A 292 -31.04 -2.89 39.65
N TRP A 293 -31.28 -2.04 38.65
CA TRP A 293 -32.06 -0.80 38.84
C TRP A 293 -33.32 -0.90 38.01
N GLY A 294 -33.68 0.11 37.24
CA GLY A 294 -35.02 0.09 36.64
C GLY A 294 -36.10 -0.22 37.70
N THR A 295 -36.97 -1.15 37.36
CA THR A 295 -37.94 -1.72 38.27
C THR A 295 -37.39 -1.90 39.68
N ASN A 296 -36.20 -2.48 39.84
CA ASN A 296 -35.70 -2.82 41.19
C ASN A 296 -35.41 -1.62 42.05
N LEU A 297 -35.00 -0.55 41.42
CA LEU A 297 -34.72 0.70 42.12
C LEU A 297 -36.03 1.45 42.47
N THR A 298 -37.01 1.49 41.55
CA THR A 298 -38.33 2.00 41.91
C THR A 298 -38.80 1.31 43.18
N ILE A 299 -38.63 0.00 43.24
CA ILE A 299 -39.16 -0.78 44.35
C ILE A 299 -38.39 -0.47 45.61
N ALA A 300 -37.07 -0.48 45.52
CA ALA A 300 -36.20 -0.11 46.62
C ALA A 300 -36.54 1.28 47.19
N VAL A 301 -37.06 2.19 46.39
CA VAL A 301 -37.50 3.42 47.04
C VAL A 301 -38.84 3.21 47.79
N LEU A 302 -39.72 2.41 47.20
CA LEU A 302 -41.09 2.20 47.69
C LEU A 302 -41.13 1.42 48.98
N ASN A 303 -40.15 0.54 49.20
CA ASN A 303 -40.14 -0.28 50.35
C ASN A 303 -39.24 0.29 51.45
N GLY A 304 -38.83 1.54 51.31
CA GLY A 304 -38.06 2.16 52.36
C GLY A 304 -36.59 1.87 52.39
N THR A 305 -36.09 1.01 51.49
CA THR A 305 -34.66 0.59 51.61
C THR A 305 -33.66 1.63 51.10
N VAL A 306 -33.92 2.22 49.94
CA VAL A 306 -33.09 3.33 49.46
C VAL A 306 -33.91 4.59 49.69
N PRO A 307 -33.34 5.59 50.35
CA PRO A 307 -34.05 6.82 50.68
C PRO A 307 -34.31 7.67 49.43
N GLN A 308 -35.50 8.25 49.32
CA GLN A 308 -35.76 9.15 48.23
C GLN A 308 -34.64 10.18 47.95
N TRP A 309 -33.99 10.72 48.97
CA TRP A 309 -32.99 11.73 48.73
C TRP A 309 -31.82 11.21 47.87
N ARG A 310 -31.57 9.91 47.88
CA ARG A 310 -30.41 9.31 47.21
C ARG A 310 -30.74 9.20 45.75
N VAL A 311 -31.90 8.61 45.42
CA VAL A 311 -32.44 8.61 44.01
C VAL A 311 -32.60 10.00 43.44
N ASP A 312 -33.18 10.91 44.21
CA ASP A 312 -33.28 12.33 43.79
C ASP A 312 -31.88 12.92 43.51
N ASP A 313 -30.91 12.63 44.37
CA ASP A 313 -29.54 13.08 44.09
C ASP A 313 -28.92 12.50 42.76
N MET A 314 -29.15 11.20 42.50
CA MET A 314 -28.81 10.60 41.20
C MET A 314 -29.37 11.46 40.06
N ALA A 315 -30.66 11.72 40.13
CA ALA A 315 -31.35 12.49 39.09
C ALA A 315 -30.74 13.88 38.97
N VAL A 316 -30.47 14.53 40.10
CA VAL A 316 -29.95 15.88 40.07
C VAL A 316 -28.55 15.92 39.53
N ARG A 317 -27.74 14.92 39.90
CA ARG A 317 -26.39 14.91 39.36
C ARG A 317 -26.38 14.66 37.82
N ILE A 318 -27.32 13.85 37.30
CA ILE A 318 -27.36 13.49 35.89
C ILE A 318 -27.83 14.71 35.10
N MET A 319 -28.93 15.31 35.51
CA MET A 319 -29.45 16.51 34.88
C MET A 319 -28.48 17.67 35.00
N ALA A 320 -27.76 17.75 36.12
CA ALA A 320 -26.81 18.89 36.28
C ALA A 320 -25.63 18.80 35.26
N ALA A 321 -25.09 17.58 35.07
CA ALA A 321 -24.05 17.34 34.03
C ALA A 321 -24.56 17.74 32.63
N TYR A 322 -25.81 17.43 32.36
CA TYR A 322 -26.47 17.71 31.07
C TYR A 322 -26.66 19.19 30.81
N TYR A 323 -27.19 19.93 31.82
CA TYR A 323 -27.32 21.39 31.65
C TYR A 323 -26.00 22.10 31.61
N LYS A 324 -25.07 21.61 32.44
CA LYS A 324 -23.76 22.24 32.59
C LYS A 324 -22.99 22.36 31.27
N VAL A 325 -23.11 21.39 30.38
CA VAL A 325 -22.43 21.51 29.11
C VAL A 325 -23.34 22.13 28.01
N GLY A 326 -24.58 22.48 28.41
CA GLY A 326 -25.59 23.01 27.51
C GLY A 326 -26.15 21.98 26.57
N ARG A 327 -26.14 20.70 26.95
CA ARG A 327 -26.69 19.66 26.06
C ARG A 327 -28.15 19.89 25.65
N ASP A 328 -28.94 20.57 26.47
CA ASP A 328 -30.36 20.73 26.16
C ASP A 328 -30.47 21.60 24.89
N ARG A 329 -29.58 22.59 24.76
CA ARG A 329 -29.55 23.45 23.60
C ARG A 329 -29.12 22.79 22.30
N LEU A 330 -28.52 21.60 22.37
CA LEU A 330 -28.03 20.99 21.13
C LEU A 330 -28.76 19.70 20.82
N TYR A 331 -29.70 19.31 21.71
CA TYR A 331 -30.29 17.98 21.66
C TYR A 331 -30.81 17.60 20.28
N GLN A 332 -30.56 16.35 19.88
CA GLN A 332 -31.25 15.69 18.78
C GLN A 332 -31.03 14.18 19.00
N PRO A 333 -32.04 13.34 18.68
CA PRO A 333 -31.84 11.88 18.83
C PRO A 333 -30.59 11.39 18.04
N PRO A 334 -30.00 10.25 18.47
CA PRO A 334 -28.80 9.84 17.75
C PRO A 334 -29.17 9.54 16.29
N ASN A 335 -28.42 10.13 15.37
CA ASN A 335 -28.77 10.01 13.97
C ASN A 335 -27.99 8.89 13.24
N PHE A 336 -27.51 7.92 14.01
CA PHE A 336 -26.80 6.77 13.48
C PHE A 336 -27.10 5.60 14.42
N SER A 337 -26.86 4.36 13.96
CA SER A 337 -26.92 3.24 14.79
C SER A 337 -25.53 2.61 14.95
N SER A 338 -25.24 2.21 16.20
CA SER A 338 -24.03 1.50 16.50
C SER A 338 -24.05 0.07 16.01
N TRP A 339 -25.22 -0.46 15.66
CA TRP A 339 -25.41 -1.94 15.49
C TRP A 339 -25.46 -2.37 14.03
N THR A 340 -25.72 -1.41 13.17
CA THR A 340 -25.82 -1.67 11.78
C THR A 340 -25.46 -0.38 11.04
N ARG A 341 -25.04 -0.58 9.80
CA ARG A 341 -24.72 0.53 8.92
C ARG A 341 -25.88 0.76 7.91
N ASP A 342 -26.91 -0.07 7.99
CA ASP A 342 -28.07 -0.02 7.10
C ASP A 342 -28.80 1.31 7.26
N GLU A 343 -29.35 1.79 6.17
CA GLU A 343 -30.14 3.01 6.23
C GLU A 343 -31.43 2.77 7.08
N TYR A 344 -32.13 1.68 6.76
CA TYR A 344 -33.38 1.34 7.42
C TYR A 344 -33.23 0.12 8.30
N GLY A 345 -33.99 0.06 9.41
CA GLY A 345 -34.00 -1.11 10.26
C GLY A 345 -35.04 -1.06 11.38
N PHE A 346 -35.19 -2.15 12.11
CA PHE A 346 -36.07 -2.07 13.28
C PHE A 346 -35.43 -1.11 14.30
N LYS A 347 -36.30 -0.31 14.92
CA LYS A 347 -35.95 0.70 15.91
C LYS A 347 -35.18 0.14 17.08
N TYR A 348 -35.52 -1.10 17.50
CA TYR A 348 -34.91 -1.72 18.67
C TYR A 348 -34.08 -2.89 18.22
N PHE A 349 -32.76 -2.62 18.09
CA PHE A 349 -31.90 -3.49 17.29
C PHE A 349 -31.89 -4.92 17.75
N TYR A 350 -31.57 -5.15 19.02
CA TYR A 350 -31.31 -6.51 19.46
C TYR A 350 -32.53 -7.44 19.15
N PRO A 351 -33.75 -7.18 19.71
CA PRO A 351 -34.93 -8.03 19.42
C PRO A 351 -35.57 -7.77 18.04
N GLN A 352 -35.10 -6.77 17.28
CA GLN A 352 -35.62 -6.52 15.94
C GLN A 352 -37.15 -6.15 16.02
N GLU A 353 -37.45 -5.19 16.88
CA GLU A 353 -38.81 -4.81 17.18
C GLU A 353 -38.95 -3.30 17.06
N GLY A 354 -40.22 -2.87 17.13
CA GLY A 354 -40.57 -1.48 17.01
C GLY A 354 -40.77 -1.12 15.54
N PRO A 355 -41.09 0.12 15.26
CA PRO A 355 -41.34 0.50 13.87
C PRO A 355 -40.09 0.23 13.00
N TYR A 356 -40.31 -0.16 11.74
CA TYR A 356 -39.24 -0.28 10.77
C TYR A 356 -39.07 1.09 10.16
N GLU A 357 -37.89 1.66 10.35
CA GLU A 357 -37.70 3.11 10.02
C GLU A 357 -36.22 3.44 9.75
N LYS A 358 -35.96 4.68 9.34
CA LYS A 358 -34.58 5.20 9.18
C LYS A 358 -33.76 5.08 10.50
N VAL A 359 -32.70 4.29 10.51
CA VAL A 359 -31.83 4.18 11.70
C VAL A 359 -30.45 4.86 11.48
N ASN A 360 -30.06 5.08 10.21
CA ASN A 360 -28.81 5.83 9.85
C ASN A 360 -29.09 6.96 8.92
N HIS A 361 -28.59 8.16 9.26
CA HIS A 361 -28.60 9.35 8.37
C HIS A 361 -27.27 9.67 7.69
N PHE A 362 -26.19 8.95 8.03
CA PHE A 362 -24.91 9.10 7.32
C PHE A 362 -24.44 10.52 7.41
N VAL A 363 -24.56 11.14 8.59
CA VAL A 363 -24.17 12.56 8.69
C VAL A 363 -22.65 12.71 8.63
N ASN A 364 -22.13 13.52 7.68
CA ASN A 364 -20.68 13.79 7.65
C ASN A 364 -20.29 14.79 8.74
N VAL A 365 -19.65 14.30 9.81
CA VAL A 365 -19.30 15.19 10.95
C VAL A 365 -17.86 15.60 10.99
N GLN A 366 -17.06 15.15 9.99
CA GLN A 366 -15.58 15.31 10.08
C GLN A 366 -15.06 16.72 9.96
N ARG A 367 -15.82 17.59 9.29
CA ARG A 367 -15.37 18.92 8.97
C ARG A 367 -13.95 18.88 8.36
N ASN A 368 -13.09 19.79 8.77
CA ASN A 368 -11.71 19.78 8.39
C ASN A 368 -10.84 19.24 9.54
N HIS A 369 -11.40 18.38 10.39
CA HIS A 369 -10.59 17.82 11.54
C HIS A 369 -9.36 17.01 11.22
N SER A 370 -9.21 16.52 9.99
CA SER A 370 -7.95 15.89 9.58
C SER A 370 -6.73 16.81 9.82
N GLU A 371 -6.95 18.13 9.92
CA GLU A 371 -5.85 19.10 10.16
C GLU A 371 -5.33 18.96 11.58
N VAL A 372 -6.21 19.00 12.56
CA VAL A 372 -5.71 18.82 13.94
C VAL A 372 -5.09 17.42 14.14
N ILE A 373 -5.67 16.41 13.53
CA ILE A 373 -5.13 15.03 13.62
C ILE A 373 -3.69 14.90 13.03
N ARG A 374 -3.53 15.48 11.85
CA ARG A 374 -2.25 15.53 11.17
C ARG A 374 -1.17 16.31 11.99
N LYS A 375 -1.52 17.56 12.37
CA LYS A 375 -0.70 18.35 13.27
C LYS A 375 -0.37 17.60 14.58
N LEU A 376 -1.39 17.10 15.27
CA LEU A 376 -1.17 16.39 16.52
C LEU A 376 -0.25 15.16 16.33
N GLY A 377 -0.51 14.36 15.26
CA GLY A 377 0.35 13.21 14.99
C GLY A 377 1.77 13.69 14.78
N ALA A 378 1.95 14.79 14.08
CA ALA A 378 3.33 15.24 13.87
C ALA A 378 4.00 15.70 15.23
N ASP A 379 3.21 16.36 16.09
CA ASP A 379 3.71 17.02 17.28
C ASP A 379 3.84 15.97 18.43
N SER A 380 3.56 14.72 18.09
CA SER A 380 3.61 13.69 19.11
C SER A 380 4.64 12.69 18.60
N THR A 381 5.34 13.05 17.52
CA THR A 381 6.38 12.16 17.03
C THR A 381 7.63 12.46 17.82
N VAL A 382 8.00 11.57 18.76
CA VAL A 382 9.24 11.66 19.57
C VAL A 382 10.50 11.23 18.80
N LEU A 383 11.45 12.17 18.72
CA LEU A 383 12.70 11.90 18.05
C LEU A 383 13.63 11.41 19.17
N LEU A 384 13.91 10.11 19.21
CA LEU A 384 14.60 9.56 20.36
C LEU A 384 16.10 9.62 20.15
N LYS A 385 16.49 9.46 18.88
CA LYS A 385 17.87 9.39 18.45
C LYS A 385 17.97 10.09 17.10
N ASN A 386 19.02 10.88 16.92
CA ASN A 386 19.28 11.48 15.64
C ASN A 386 20.77 11.83 15.46
N ASN A 387 21.53 10.99 14.76
CA ASN A 387 22.89 11.37 14.45
C ASN A 387 23.04 12.20 13.20
N ASN A 388 22.47 13.40 13.19
CA ASN A 388 22.55 14.24 11.96
C ASN A 388 22.00 13.51 10.66
N ALA A 389 20.99 12.66 10.87
CA ALA A 389 20.32 11.84 9.87
C ALA A 389 19.11 12.56 9.35
N LEU A 390 18.48 13.33 10.23
CA LEU A 390 17.14 13.93 9.97
C LEU A 390 17.24 15.43 10.25
N PRO A 391 16.52 16.29 9.49
CA PRO A 391 15.51 15.92 8.49
C PRO A 391 16.10 15.42 7.19
N LEU A 392 15.32 14.60 6.48
CA LEU A 392 15.64 14.24 5.11
C LEU A 392 15.48 15.51 4.21
N THR A 393 16.16 15.56 3.06
CA THR A 393 16.13 16.81 2.25
C THR A 393 15.19 16.70 1.06
N GLY A 394 14.85 15.49 0.68
CA GLY A 394 14.23 15.15 -0.59
C GLY A 394 15.24 14.78 -1.67
N LYS A 395 16.52 15.03 -1.40
CA LYS A 395 17.53 14.72 -2.41
C LYS A 395 18.11 13.31 -2.31
N GLU A 396 17.63 12.50 -1.37
CA GLU A 396 17.99 11.11 -1.30
C GLU A 396 17.62 10.36 -2.59
N ARG A 397 18.60 9.67 -3.16
CA ARG A 397 18.49 9.09 -4.50
C ARG A 397 17.59 7.88 -4.56
N LYS A 398 17.67 7.03 -3.52
CA LYS A 398 16.86 5.83 -3.47
C LYS A 398 16.51 5.51 -1.99
N VAL A 399 15.22 5.42 -1.73
CA VAL A 399 14.67 5.40 -0.40
C VAL A 399 14.05 4.02 -0.16
N ALA A 400 14.52 3.31 0.86
CA ALA A 400 13.89 2.01 1.17
C ALA A 400 12.99 2.11 2.38
N ILE A 401 11.72 1.87 2.16
CA ILE A 401 10.67 1.84 3.18
C ILE A 401 10.49 0.36 3.58
N LEU A 402 10.89 0.00 4.80
CA LEU A 402 10.99 -1.36 5.19
C LEU A 402 10.07 -1.68 6.41
N GLY A 403 9.20 -2.67 6.25
CA GLY A 403 8.40 -3.15 7.36
C GLY A 403 6.90 -3.13 7.09
N GLU A 404 6.27 -4.17 7.53
CA GLU A 404 4.81 -4.23 7.48
C GLU A 404 4.14 -2.98 8.08
N ASP A 405 4.68 -2.47 9.20
CA ASP A 405 4.10 -1.29 9.81
C ASP A 405 4.14 -0.05 8.91
N ALA A 406 4.75 -0.12 7.73
CA ALA A 406 4.64 1.06 6.79
C ALA A 406 3.45 0.97 5.83
N GLY A 407 2.91 -0.24 5.66
CA GLY A 407 2.01 -0.53 4.55
C GLY A 407 0.54 -0.68 4.91
N SER A 408 -0.25 -1.29 4.04
CA SER A 408 -1.65 -1.25 4.27
C SER A 408 -2.08 -2.50 5.06
N ASN A 409 -3.14 -2.34 5.86
CA ASN A 409 -3.89 -3.49 6.30
C ASN A 409 -4.62 -4.12 5.11
N SER A 410 -4.23 -5.31 4.71
CA SER A 410 -4.79 -5.94 3.49
C SER A 410 -6.30 -6.26 3.61
N TYR A 411 -6.89 -6.12 4.81
CA TYR A 411 -8.34 -6.38 5.01
C TYR A 411 -9.06 -5.03 4.96
N GLY A 412 -8.29 -3.95 4.73
CA GLY A 412 -8.85 -2.61 4.71
C GLY A 412 -8.53 -1.97 6.06
N ALA A 413 -8.46 -0.65 6.15
CA ALA A 413 -8.06 0.00 7.41
C ALA A 413 -8.95 -0.38 8.59
N ASN A 414 -10.24 -0.67 8.35
CA ASN A 414 -11.22 -1.08 9.38
C ASN A 414 -11.54 -2.58 9.31
N GLY A 415 -10.70 -3.37 8.63
CA GLY A 415 -11.03 -4.76 8.32
C GLY A 415 -10.91 -5.75 9.49
N CYS A 416 -10.35 -5.29 10.62
CA CYS A 416 -10.37 -6.09 11.82
C CYS A 416 -11.33 -5.38 12.79
N SER A 417 -12.36 -6.13 13.22
CA SER A 417 -13.37 -5.68 14.13
C SER A 417 -12.75 -5.04 15.43
N ASP A 418 -13.21 -3.87 15.84
CA ASP A 418 -12.58 -3.17 16.95
C ASP A 418 -11.01 -3.11 16.86
N ARG A 419 -10.48 -3.05 15.63
CA ARG A 419 -9.04 -2.97 15.37
C ARG A 419 -8.30 -4.18 15.92
N GLY A 420 -9.03 -5.30 16.07
CA GLY A 420 -8.46 -6.50 16.75
C GLY A 420 -7.43 -7.31 15.94
N CYS A 421 -6.40 -6.67 15.35
CA CYS A 421 -5.29 -7.37 14.71
C CYS A 421 -4.12 -6.38 14.69
N ASP A 422 -2.93 -6.80 14.27
CA ASP A 422 -1.82 -5.89 14.09
C ASP A 422 -1.26 -6.03 12.68
N ASN A 423 -2.07 -5.62 11.68
CA ASN A 423 -1.75 -5.85 10.27
C ASN A 423 -1.57 -4.55 9.56
N GLY A 424 -0.52 -4.44 8.74
CA GLY A 424 -0.26 -3.12 8.20
C GLY A 424 0.06 -2.08 9.30
N THR A 425 0.01 -0.79 8.93
CA THR A 425 0.58 0.23 9.84
C THR A 425 -0.31 0.32 11.09
N LEU A 426 0.31 0.50 12.25
CA LEU A 426 -0.42 0.56 13.49
C LEU A 426 -0.78 2.03 13.81
N ALA A 427 -2.05 2.37 13.65
CA ALA A 427 -2.46 3.75 13.87
C ALA A 427 -3.50 3.82 15.01
N MET A 428 -3.94 2.65 15.46
CA MET A 428 -5.00 2.54 16.45
C MET A 428 -4.99 1.16 17.06
N ALA A 429 -4.95 1.11 18.37
CA ALA A 429 -4.87 -0.18 19.10
C ALA A 429 -6.26 -0.74 19.27
N TRP A 430 -6.45 -1.78 20.11
CA TRP A 430 -7.74 -2.47 19.97
C TRP A 430 -8.69 -2.39 21.15
N GLY A 431 -9.97 -2.68 20.87
CA GLY A 431 -10.98 -2.80 21.91
C GLY A 431 -12.08 -1.76 21.73
N SER A 432 -12.59 -1.28 22.86
CA SER A 432 -13.65 -0.31 22.84
C SER A 432 -13.12 1.13 22.60
N GLY A 433 -11.80 1.37 22.78
CA GLY A 433 -11.22 2.70 22.63
C GLY A 433 -10.92 3.04 21.18
N THR A 434 -11.82 2.67 20.26
CA THR A 434 -11.55 2.75 18.86
C THR A 434 -12.68 3.50 18.11
N ALA A 435 -12.40 3.85 16.85
CA ALA A 435 -13.33 4.59 15.98
C ALA A 435 -13.11 4.01 14.58
N GLU A 436 -14.13 4.05 13.72
CA GLU A 436 -13.91 3.63 12.33
C GLU A 436 -13.13 4.73 11.63
N PHE A 437 -12.01 4.39 10.99
CA PHE A 437 -11.22 5.30 10.16
C PHE A 437 -12.06 5.82 8.98
N PRO A 438 -12.05 7.12 8.74
CA PRO A 438 -12.66 7.47 7.43
C PRO A 438 -11.76 7.01 6.22
N TYR A 439 -10.48 6.83 6.50
CA TYR A 439 -9.44 6.43 5.53
C TYR A 439 -8.21 6.26 6.42
N LEU A 440 -7.09 5.72 5.89
CA LEU A 440 -5.87 5.83 6.68
C LEU A 440 -4.71 6.04 5.79
N VAL A 441 -3.99 7.11 6.01
CA VAL A 441 -2.84 7.37 5.15
C VAL A 441 -1.66 6.62 5.77
N THR A 442 -1.14 5.61 5.08
CA THR A 442 0.04 4.86 5.51
C THR A 442 1.37 5.59 5.32
N PRO A 443 2.39 5.26 6.13
CA PRO A 443 3.72 5.82 5.89
C PRO A 443 4.19 5.52 4.48
N GLU A 444 3.92 4.29 3.99
CA GLU A 444 4.23 3.92 2.63
C GLU A 444 3.71 4.96 1.58
N GLN A 445 2.41 5.26 1.60
CA GLN A 445 1.83 6.24 0.73
C GLN A 445 2.46 7.63 0.88
N ALA A 446 2.63 8.09 2.13
CA ALA A 446 3.09 9.47 2.31
C ALA A 446 4.54 9.67 1.90
N ILE A 447 5.40 8.74 2.31
CA ILE A 447 6.84 8.84 2.06
C ILE A 447 7.05 8.56 0.58
N GLN A 448 6.33 7.60 -0.04
CA GLN A 448 6.51 7.38 -1.49
C GLN A 448 6.14 8.63 -2.32
N ALA A 449 5.02 9.29 -1.99
CA ALA A 449 4.57 10.53 -2.64
C ALA A 449 5.61 11.66 -2.49
N GLU A 450 6.20 11.79 -1.30
CA GLU A 450 7.26 12.79 -1.07
C GLU A 450 8.49 12.53 -1.94
N VAL A 451 8.97 11.29 -1.98
CA VAL A 451 10.11 10.95 -2.88
C VAL A 451 9.79 11.29 -4.34
N LEU A 452 8.61 10.92 -4.82
CA LEU A 452 8.26 11.05 -6.23
C LEU A 452 8.10 12.51 -6.58
N LYS A 453 7.65 13.31 -5.61
CA LYS A 453 7.66 14.75 -5.83
C LYS A 453 9.07 15.35 -6.15
N HIS A 454 10.13 14.70 -5.67
CA HIS A 454 11.47 15.12 -5.96
C HIS A 454 12.13 14.23 -7.00
N LYS A 455 11.36 13.39 -7.68
CA LYS A 455 11.88 12.49 -8.72
C LYS A 455 12.91 11.48 -8.19
N GLY A 456 12.80 11.06 -6.93
CA GLY A 456 13.71 10.04 -6.50
C GLY A 456 13.16 8.64 -6.73
N SER A 457 13.93 7.68 -6.28
CA SER A 457 13.56 6.30 -6.45
C SER A 457 13.14 5.74 -5.09
N VAL A 458 12.12 4.86 -5.06
CA VAL A 458 11.53 4.45 -3.78
C VAL A 458 10.74 3.17 -3.92
N TYR A 459 10.81 2.33 -2.89
CA TYR A 459 10.08 1.08 -2.82
C TYR A 459 9.67 0.82 -1.35
N ALA A 460 8.61 0.03 -1.16
CA ALA A 460 8.23 -0.42 0.16
C ALA A 460 8.24 -1.93 0.21
N ILE A 461 8.96 -2.47 1.18
CA ILE A 461 8.91 -3.90 1.37
C ILE A 461 8.15 -4.11 2.64
N THR A 462 7.05 -4.87 2.60
CA THR A 462 6.18 -4.92 3.78
C THR A 462 5.89 -6.30 4.36
N ASP A 463 6.72 -7.30 4.08
CA ASP A 463 6.60 -8.62 4.65
C ASP A 463 7.88 -8.80 5.52
N ASN A 464 7.72 -8.91 6.83
CA ASN A 464 8.90 -8.81 7.71
C ASN A 464 9.74 -10.07 7.72
N TRP A 465 9.35 -11.06 6.92
CA TRP A 465 10.22 -12.20 6.82
C TRP A 465 10.83 -12.29 5.43
N ALA A 466 10.59 -11.28 4.60
CA ALA A 466 11.23 -11.20 3.27
C ALA A 466 12.62 -10.61 3.48
N LEU A 467 13.45 -11.24 4.30
CA LEU A 467 14.70 -10.62 4.66
C LEU A 467 15.71 -10.54 3.51
N SER A 468 15.67 -11.56 2.65
CA SER A 468 16.48 -11.53 1.46
C SER A 468 16.17 -10.27 0.62
N GLN A 469 14.89 -9.96 0.38
CA GLN A 469 14.64 -8.76 -0.44
C GLN A 469 15.01 -7.56 0.40
N VAL A 470 14.84 -7.65 1.72
CA VAL A 470 15.20 -6.47 2.57
C VAL A 470 16.72 -6.14 2.49
N GLU A 471 17.55 -7.17 2.62
CA GLU A 471 19.01 -6.97 2.58
C GLU A 471 19.45 -6.44 1.24
N THR A 472 18.87 -6.97 0.18
CA THR A 472 19.27 -6.57 -1.17
C THR A 472 18.94 -5.13 -1.42
N LEU A 473 17.78 -4.68 -0.96
CA LEU A 473 17.38 -3.30 -1.16
C LEU A 473 18.18 -2.34 -0.26
N ALA A 474 18.37 -2.76 0.97
CA ALA A 474 19.07 -1.93 1.93
C ALA A 474 20.43 -1.51 1.35
N LYS A 475 21.15 -2.44 0.74
CA LYS A 475 22.43 -2.20 0.09
C LYS A 475 22.49 -1.14 -0.98
N GLN A 476 21.34 -0.79 -1.54
CA GLN A 476 21.29 0.03 -2.71
C GLN A 476 20.74 1.38 -2.33
N ALA A 477 20.29 1.46 -1.08
CA ALA A 477 19.48 2.60 -0.67
C ALA A 477 20.37 3.68 -0.12
N SER A 478 19.90 4.92 -0.16
CA SER A 478 20.63 6.06 0.49
C SER A 478 20.14 6.25 1.92
N VAL A 479 18.89 5.83 2.14
CA VAL A 479 18.31 5.76 3.49
C VAL A 479 17.38 4.56 3.64
N SER A 480 17.49 3.81 4.75
CA SER A 480 16.48 2.82 5.06
C SER A 480 15.53 3.24 6.19
N LEU A 481 14.22 3.38 5.89
CA LEU A 481 13.24 3.80 6.90
C LEU A 481 12.53 2.52 7.34
N VAL A 482 12.85 2.05 8.54
CA VAL A 482 12.34 0.74 9.02
C VAL A 482 11.22 0.97 10.01
N PHE A 483 10.07 0.40 9.70
CA PHE A 483 8.89 0.50 10.52
C PHE A 483 8.56 -0.76 11.35
N VAL A 484 8.34 -0.55 12.64
CA VAL A 484 8.09 -1.66 13.56
C VAL A 484 7.01 -1.31 14.60
N ASN A 485 6.32 -2.29 15.18
CA ASN A 485 5.28 -1.90 16.07
C ASN A 485 5.10 -2.86 17.22
N SER A 486 4.35 -2.43 18.23
CA SER A 486 3.92 -3.33 19.29
C SER A 486 2.50 -2.92 19.69
N ASP A 487 1.55 -3.86 19.63
CA ASP A 487 0.12 -3.58 19.81
C ASP A 487 -0.37 -4.05 21.16
N ALA A 488 -1.60 -3.67 21.54
CA ALA A 488 -2.25 -4.15 22.78
C ALA A 488 -3.65 -3.57 22.75
N GLY A 489 -4.44 -3.98 23.74
CA GLY A 489 -5.78 -3.43 23.77
C GLY A 489 -6.61 -3.95 24.90
N GLU A 490 -7.93 -3.76 24.80
CA GLU A 490 -8.83 -4.22 25.86
C GLU A 490 -8.85 -5.74 26.03
N GLY A 491 -9.05 -6.21 27.24
CA GLY A 491 -8.97 -7.65 27.48
C GLY A 491 -9.94 -8.59 26.77
N TYR A 492 -11.06 -8.10 26.25
CA TYR A 492 -12.00 -9.01 25.58
C TYR A 492 -11.53 -9.55 24.20
N ILE A 493 -10.42 -9.03 23.69
CA ILE A 493 -9.89 -9.42 22.38
C ILE A 493 -8.44 -9.87 22.64
N SER A 494 -8.11 -11.03 22.08
CA SER A 494 -6.77 -11.59 22.10
C SER A 494 -6.19 -11.66 20.67
N VAL A 495 -5.03 -11.08 20.52
CA VAL A 495 -4.29 -11.14 19.27
C VAL A 495 -2.97 -11.81 19.57
N ASP A 496 -2.78 -12.96 18.94
CA ASP A 496 -1.60 -13.78 18.99
C ASP A 496 -1.36 -14.24 20.45
N GLY A 497 -2.43 -14.53 21.14
CA GLY A 497 -2.26 -14.96 22.52
C GLY A 497 -2.04 -13.85 23.51
N ASN A 498 -2.04 -12.57 23.06
CA ASN A 498 -1.96 -11.39 23.96
C ASN A 498 -3.36 -10.97 24.41
N GLU A 499 -3.73 -11.25 25.65
CA GLU A 499 -5.13 -11.07 26.05
C GLU A 499 -5.27 -9.69 26.65
N GLY A 500 -5.33 -8.70 25.74
CA GLY A 500 -5.39 -7.30 26.08
C GLY A 500 -3.98 -6.83 26.45
N ASP A 501 -3.54 -7.17 27.67
CA ASP A 501 -2.15 -6.92 28.12
C ASP A 501 -1.20 -7.59 27.11
N ARG A 502 -0.09 -6.94 26.84
CA ARG A 502 1.00 -7.45 26.02
C ARG A 502 1.76 -8.52 26.81
N ASN A 503 2.12 -9.62 26.15
CA ASN A 503 2.90 -10.69 26.84
C ASN A 503 4.37 -10.30 27.01
N ASN A 504 4.83 -9.33 26.24
CA ASN A 504 6.21 -8.87 26.35
C ASN A 504 6.31 -7.49 25.72
N LEU A 505 7.50 -6.90 25.76
CA LEU A 505 7.69 -5.52 25.34
C LEU A 505 8.57 -5.51 24.08
N THR A 506 8.72 -6.68 23.48
CA THR A 506 9.49 -6.92 22.24
C THR A 506 8.70 -6.51 20.96
N LEU A 507 9.39 -6.03 19.94
CA LEU A 507 8.75 -5.65 18.65
C LEU A 507 8.12 -6.86 18.09
N TRP A 508 6.91 -6.62 17.54
CA TRP A 508 6.06 -7.63 16.93
C TRP A 508 6.53 -7.88 15.50
N LYS A 509 6.07 -9.00 14.94
CA LYS A 509 6.27 -9.31 13.53
C LYS A 509 7.76 -9.16 13.17
N ASN A 510 8.63 -9.81 13.95
CA ASN A 510 10.02 -9.95 13.59
C ASN A 510 10.76 -8.62 13.58
N GLY A 511 10.26 -7.63 14.32
CA GLY A 511 10.78 -6.27 14.18
C GLY A 511 12.26 -6.15 14.43
N ASP A 512 12.79 -6.83 15.45
CA ASP A 512 14.25 -6.73 15.78
C ASP A 512 15.10 -7.31 14.65
N ASN A 513 14.64 -8.44 14.09
CA ASN A 513 15.38 -9.08 12.98
C ASN A 513 15.37 -8.18 11.74
N LEU A 514 14.27 -7.48 11.51
CA LEU A 514 14.12 -6.55 10.38
C LEU A 514 15.09 -5.36 10.42
N ILE A 515 15.11 -4.65 11.55
CA ILE A 515 16.10 -3.60 11.82
C ILE A 515 17.54 -4.16 11.65
N LYS A 516 17.87 -5.28 12.26
CA LYS A 516 19.23 -5.87 12.05
C LYS A 516 19.55 -6.18 10.57
N ALA A 517 18.53 -6.56 9.78
CA ALA A 517 18.75 -7.06 8.46
C ALA A 517 19.10 -5.82 7.66
N ALA A 518 18.38 -4.72 7.96
CA ALA A 518 18.62 -3.40 7.36
C ALA A 518 19.95 -2.79 7.85
N ALA A 519 20.14 -2.68 9.16
CA ALA A 519 21.37 -2.01 9.72
C ALA A 519 22.66 -2.69 9.29
N ASN A 520 22.60 -4.01 9.16
CA ASN A 520 23.77 -4.71 8.66
C ASN A 520 24.12 -4.34 7.17
N ASN A 521 23.21 -3.63 6.45
CA ASN A 521 23.43 -3.31 5.03
C ASN A 521 23.35 -1.84 4.52
N CYS A 522 22.64 -0.89 5.22
CA CYS A 522 22.53 0.60 4.93
C CYS A 522 23.25 1.16 6.15
N ASN A 523 24.17 2.09 5.90
CA ASN A 523 24.82 2.87 6.93
C ASN A 523 23.86 4.01 7.39
N ASN A 524 22.64 4.05 6.86
CA ASN A 524 21.72 5.14 7.17
C ASN A 524 20.31 4.59 7.51
N THR A 525 20.25 3.77 8.58
CA THR A 525 19.05 3.04 8.91
C THR A 525 18.33 3.84 9.98
N ILE A 526 17.07 4.16 9.71
CA ILE A 526 16.25 5.10 10.52
C ILE A 526 15.06 4.33 11.02
N VAL A 527 14.91 4.18 12.33
CA VAL A 527 13.81 3.33 12.84
C VAL A 527 12.61 4.19 13.26
N VAL A 528 11.40 3.84 12.75
CA VAL A 528 10.13 4.38 13.22
C VAL A 528 9.29 3.34 14.01
N ILE A 529 8.92 3.66 15.26
CA ILE A 529 8.10 2.76 16.04
C ILE A 529 6.68 3.29 16.18
N HIS A 530 5.71 2.45 15.84
CA HIS A 530 4.32 2.70 16.25
C HIS A 530 4.00 1.70 17.34
N SER A 531 3.54 2.17 18.51
CA SER A 531 3.22 1.26 19.56
C SER A 531 2.41 1.93 20.63
N VAL A 532 1.88 1.08 21.54
CA VAL A 532 0.97 1.49 22.62
C VAL A 532 1.68 2.02 23.87
N GLY A 533 3.00 1.83 23.88
CA GLY A 533 3.89 2.19 24.95
C GLY A 533 5.33 1.79 24.67
N PRO A 534 6.18 1.74 25.72
CA PRO A 534 7.60 1.47 25.44
C PRO A 534 7.85 0.09 24.89
N VAL A 535 8.89 -0.03 24.06
CA VAL A 535 9.40 -1.29 23.59
C VAL A 535 10.87 -1.43 23.88
N LEU A 536 11.30 -2.68 23.91
CA LEU A 536 12.73 -2.98 24.20
C LEU A 536 13.57 -2.61 22.96
N VAL A 537 14.43 -1.60 23.09
CA VAL A 537 15.28 -1.24 21.97
C VAL A 537 16.74 -1.71 22.13
N ASP A 538 17.01 -2.45 23.21
CA ASP A 538 18.39 -2.77 23.59
C ASP A 538 19.20 -3.50 22.51
N GLU A 539 18.62 -4.38 21.72
CA GLU A 539 19.53 -4.99 20.79
C GLU A 539 19.89 -4.24 19.52
N TRP A 540 19.42 -3.02 19.30
CA TRP A 540 19.79 -2.37 18.01
C TRP A 540 19.95 -0.87 18.06
N TYR A 541 19.54 -0.22 19.16
CA TYR A 541 19.51 1.22 19.25
C TYR A 541 20.87 1.92 19.10
N ASP A 542 21.91 1.19 19.53
CA ASP A 542 23.30 1.65 19.52
C ASP A 542 24.09 1.04 18.36
N HIS A 543 23.39 0.36 17.46
CA HIS A 543 23.99 -0.11 16.20
C HIS A 543 24.61 1.10 15.46
N PRO A 544 25.87 0.99 14.96
CA PRO A 544 26.47 2.19 14.34
C PRO A 544 25.71 2.64 13.07
N ASN A 545 24.88 1.78 12.51
CA ASN A 545 24.20 2.10 11.27
C ASN A 545 22.76 2.58 11.49
N VAL A 546 22.32 2.52 12.75
CA VAL A 546 21.00 3.08 13.09
C VAL A 546 21.28 4.49 13.45
N THR A 547 21.04 5.37 12.48
CA THR A 547 21.33 6.76 12.65
C THR A 547 20.17 7.60 13.23
N ALA A 548 18.94 7.08 13.29
CA ALA A 548 17.90 7.87 13.98
C ALA A 548 16.75 6.96 14.44
N ILE A 549 16.00 7.39 15.46
CA ILE A 549 14.92 6.53 15.98
C ILE A 549 13.80 7.45 16.44
N LEU A 550 12.59 7.09 16.02
CA LEU A 550 11.39 7.88 16.33
C LEU A 550 10.34 6.97 16.90
N TRP A 551 9.63 7.46 17.91
CA TRP A 551 8.45 6.78 18.35
C TRP A 551 7.24 7.68 18.07
N ALA A 552 6.30 7.16 17.29
CA ALA A 552 5.18 7.97 16.81
C ALA A 552 3.81 7.52 17.40
N GLY A 553 3.82 6.54 18.31
CA GLY A 553 2.61 6.17 19.05
C GLY A 553 1.54 5.53 18.15
N LEU A 554 0.32 6.06 18.26
CA LEU A 554 -0.84 5.62 17.51
C LEU A 554 -1.49 6.84 16.82
N PRO A 555 -1.02 7.25 15.64
CA PRO A 555 -1.40 8.59 15.17
C PRO A 555 -2.81 8.82 14.62
N GLY A 556 -3.67 7.78 14.53
CA GLY A 556 -4.95 7.93 13.84
C GLY A 556 -4.82 8.13 12.33
N GLN A 557 -5.82 8.75 11.71
CA GLN A 557 -6.07 8.62 10.25
C GLN A 557 -5.01 9.19 9.31
N GLU A 558 -4.21 10.17 9.79
CA GLU A 558 -3.29 10.97 8.91
C GLU A 558 -1.81 10.49 9.17
N SER A 559 -1.71 9.29 9.70
CA SER A 559 -0.47 8.77 10.23
C SER A 559 0.68 9.03 9.31
N GLY A 560 0.55 8.65 8.04
CA GLY A 560 1.68 8.79 7.12
C GLY A 560 2.00 10.27 6.85
N ASN A 561 1.02 11.14 6.85
CA ASN A 561 1.33 12.55 6.55
C ASN A 561 1.98 13.25 7.78
N SER A 562 1.53 12.91 8.99
CA SER A 562 2.13 13.36 10.24
C SER A 562 3.64 13.01 10.25
N LEU A 563 3.96 11.77 9.92
CA LEU A 563 5.34 11.32 9.89
C LEU A 563 6.13 12.06 8.82
N ALA A 564 5.63 12.10 7.60
CA ALA A 564 6.37 12.80 6.49
C ALA A 564 6.68 14.22 6.92
N ASP A 565 5.73 14.88 7.56
CA ASP A 565 5.92 16.26 8.02
C ASP A 565 7.15 16.36 8.92
N VAL A 566 7.30 15.39 9.83
CA VAL A 566 8.47 15.27 10.68
C VAL A 566 9.73 14.82 9.92
N LEU A 567 9.67 13.70 9.17
CA LEU A 567 10.88 13.27 8.45
C LEU A 567 11.50 14.35 7.55
N TYR A 568 10.66 15.14 6.85
CA TYR A 568 11.16 16.10 5.84
C TYR A 568 11.26 17.56 6.34
N GLY A 569 11.11 17.73 7.64
CA GLY A 569 11.38 19.01 8.24
C GLY A 569 10.29 20.03 8.16
N ARG A 570 9.10 19.69 7.61
CA ARG A 570 8.01 20.70 7.68
C ARG A 570 7.63 20.99 9.17
N VAL A 571 7.72 19.96 10.03
CA VAL A 571 7.50 20.10 11.44
C VAL A 571 8.81 19.74 12.11
N ASN A 572 9.34 20.64 12.96
CA ASN A 572 10.51 20.31 13.78
C ASN A 572 9.96 19.46 14.96
N PRO A 573 10.43 18.21 15.13
CA PRO A 573 9.78 17.47 16.25
C PRO A 573 10.02 18.11 17.59
N GLY A 574 8.97 18.21 18.42
CA GLY A 574 9.10 18.79 19.77
C GLY A 574 8.50 17.85 20.83
N ALA A 575 8.02 16.69 20.44
CA ALA A 575 7.43 15.74 21.39
C ALA A 575 8.47 15.19 22.36
N LYS A 576 8.00 14.77 23.54
CA LYS A 576 8.89 14.24 24.60
C LYS A 576 8.35 12.91 25.10
N SER A 577 9.23 11.93 25.33
CA SER A 577 8.71 10.68 25.85
C SER A 577 7.83 10.86 27.11
N PRO A 578 6.57 10.34 27.10
CA PRO A 578 5.77 10.51 28.33
C PRO A 578 5.84 9.24 29.24
N PHE A 579 6.82 8.38 28.99
CA PHE A 579 7.13 7.17 29.82
C PHE A 579 8.60 6.74 29.58
N THR A 580 9.06 5.73 30.31
CA THR A 580 10.47 5.42 30.34
C THR A 580 10.77 4.27 29.34
N TRP A 581 11.89 4.37 28.61
CA TRP A 581 12.38 3.26 27.74
C TRP A 581 13.47 2.56 28.51
N GLY A 582 13.17 1.43 29.16
CA GLY A 582 14.22 0.73 29.95
C GLY A 582 14.98 -0.35 29.12
N LYS A 583 16.06 -0.91 29.68
CA LYS A 583 16.81 -1.99 29.05
C LYS A 583 16.11 -3.32 29.08
N THR A 584 15.32 -3.57 30.10
CA THR A 584 14.72 -4.90 30.21
C THR A 584 13.30 -4.67 30.71
N ARG A 585 12.48 -5.69 30.59
CA ARG A 585 11.20 -5.73 31.25
C ARG A 585 11.37 -5.55 32.74
N GLU A 586 12.36 -6.24 33.31
CA GLU A 586 12.60 -6.32 34.75
C GLU A 586 12.83 -4.92 35.32
N ALA A 587 13.45 -4.06 34.53
CA ALA A 587 13.82 -2.72 35.03
C ALA A 587 12.60 -1.88 35.42
N TYR A 588 11.40 -2.20 34.87
CA TYR A 588 10.17 -1.47 35.23
C TYR A 588 9.48 -2.02 36.49
N GLY A 589 9.85 -3.26 36.91
CA GLY A 589 9.14 -3.95 38.00
C GLY A 589 7.64 -3.95 37.71
N ASP A 590 6.82 -3.75 38.74
CA ASP A 590 5.35 -3.67 38.54
C ASP A 590 4.83 -4.79 37.60
N TYR A 591 5.01 -6.03 38.02
CA TYR A 591 4.55 -7.10 37.20
C TYR A 591 3.03 -7.23 37.24
N LEU A 592 2.49 -7.75 36.14
CA LEU A 592 1.07 -7.98 35.96
C LEU A 592 0.76 -9.26 36.70
N VAL A 593 -0.47 -9.35 37.19
CA VAL A 593 -0.91 -10.54 37.81
C VAL A 593 -1.45 -11.37 36.65
N ARG A 594 -0.81 -12.51 36.38
CA ARG A 594 -1.18 -13.31 35.22
C ARG A 594 -1.56 -14.71 35.62
N GLU A 595 -1.46 -15.04 36.90
CA GLU A 595 -1.84 -16.38 37.36
C GLU A 595 -2.84 -16.22 38.49
N LEU A 596 -3.69 -17.21 38.74
CA LEU A 596 -4.53 -17.19 39.96
C LEU A 596 -3.72 -17.27 41.30
N ASN A 597 -3.82 -16.27 42.17
CA ASN A 597 -3.06 -16.33 43.42
C ASN A 597 -3.94 -16.29 44.67
N ASN A 598 -5.25 -16.53 44.51
CA ASN A 598 -6.22 -16.61 45.59
C ASN A 598 -7.20 -17.75 45.28
N GLY A 599 -6.63 -18.91 44.95
CA GLY A 599 -7.47 -20.05 44.59
C GLY A 599 -8.39 -19.69 43.45
N ASN A 600 -9.67 -20.05 43.58
CA ASN A 600 -10.66 -19.55 42.64
C ASN A 600 -11.40 -18.31 43.11
N GLY A 601 -10.82 -17.60 44.09
CA GLY A 601 -11.31 -16.30 44.45
C GLY A 601 -10.76 -15.24 43.48
N ALA A 602 -11.10 -13.98 43.77
CA ALA A 602 -10.57 -12.82 43.10
C ALA A 602 -9.04 -12.84 43.22
N PRO A 603 -8.33 -12.75 42.06
CA PRO A 603 -6.88 -12.54 42.15
C PRO A 603 -6.57 -11.22 42.87
N GLN A 604 -5.45 -11.18 43.56
CA GLN A 604 -5.15 -9.99 44.38
C GLN A 604 -3.98 -9.33 43.70
N ASP A 605 -4.14 -8.05 43.40
CA ASP A 605 -3.10 -7.25 42.79
C ASP A 605 -2.66 -6.21 43.85
N ASP A 606 -1.64 -6.57 44.64
CA ASP A 606 -1.04 -5.64 45.60
C ASP A 606 -0.13 -4.61 44.91
N PHE A 607 -0.41 -3.32 45.06
CA PHE A 607 0.50 -2.32 44.51
C PHE A 607 1.65 -2.05 45.50
N SER A 608 2.53 -3.05 45.67
CA SER A 608 3.53 -2.99 46.76
C SER A 608 4.70 -2.06 46.44
N GLU A 609 4.82 -1.65 45.19
CA GLU A 609 5.78 -0.59 44.84
C GLU A 609 5.35 0.79 45.38
N GLY A 610 4.10 0.95 45.88
CA GLY A 610 3.62 2.31 46.22
C GLY A 610 3.67 3.29 45.03
N VAL A 611 4.20 4.51 45.22
CA VAL A 611 4.28 5.50 44.13
C VAL A 611 5.35 5.19 43.07
N PHE A 612 6.14 4.13 43.25
CA PHE A 612 7.36 3.92 42.42
C PHE A 612 7.08 3.21 41.12
N ILE A 613 6.39 3.91 40.23
CA ILE A 613 6.05 3.38 38.92
C ILE A 613 6.84 4.19 37.90
N ASP A 614 7.15 3.55 36.77
CA ASP A 614 7.82 4.21 35.61
C ASP A 614 9.05 4.94 36.11
N TYR A 615 9.21 6.24 35.83
CA TYR A 615 10.51 6.85 36.09
C TYR A 615 10.80 6.97 37.60
N ARG A 616 9.76 7.20 38.40
CA ARG A 616 9.99 7.10 39.87
C ARG A 616 10.66 5.77 40.29
N GLY A 617 10.23 4.63 39.72
CA GLY A 617 10.95 3.37 40.03
C GLY A 617 12.38 3.31 39.50
N PHE A 618 12.59 3.67 38.23
CA PHE A 618 13.97 3.65 37.69
C PHE A 618 14.86 4.49 38.61
N ASP A 619 14.37 5.67 38.97
CA ASP A 619 15.16 6.57 39.83
C ASP A 619 15.45 5.96 41.20
N LYS A 620 14.46 5.33 41.83
CA LYS A 620 14.68 4.77 43.15
C LYS A 620 15.78 3.70 43.09
N ARG A 621 15.75 2.89 42.03
CA ARG A 621 16.64 1.77 41.93
C ARG A 621 17.96 2.14 41.32
N ASN A 622 18.17 3.42 41.03
CA ASN A 622 19.39 3.84 40.34
C ASN A 622 19.56 3.12 38.97
N GLU A 623 18.45 2.79 38.28
CA GLU A 623 18.50 2.10 36.95
C GLU A 623 18.67 3.21 35.87
N THR A 624 19.54 3.01 34.89
CA THR A 624 19.66 4.03 33.79
C THR A 624 18.82 3.61 32.58
N PRO A 625 17.77 4.39 32.26
CA PRO A 625 16.95 4.12 31.09
C PRO A 625 17.81 4.37 29.86
N ILE A 626 17.39 3.73 28.78
CA ILE A 626 17.92 4.06 27.49
C ILE A 626 17.44 5.47 27.10
N TYR A 627 16.12 5.70 27.15
CA TYR A 627 15.53 7.01 26.94
C TYR A 627 14.63 7.27 28.14
N GLU A 628 14.84 8.42 28.77
CA GLU A 628 14.17 8.69 30.04
C GLU A 628 12.85 9.41 29.81
N PHE A 629 11.96 9.32 30.80
CA PHE A 629 10.75 10.14 30.83
C PHE A 629 11.11 11.60 30.49
N GLY A 630 10.40 12.22 29.57
CA GLY A 630 10.62 13.63 29.26
C GLY A 630 11.65 13.81 28.15
N HIS A 631 12.35 12.75 27.76
CA HIS A 631 13.33 12.80 26.64
C HIS A 631 12.71 12.95 25.25
N GLY A 632 13.25 13.87 24.48
CA GLY A 632 12.90 14.04 23.05
C GLY A 632 13.89 15.02 22.42
N LEU A 633 14.36 14.71 21.21
CA LEU A 633 15.29 15.63 20.50
C LEU A 633 14.55 16.57 19.58
N SER A 634 15.28 17.56 19.05
CA SER A 634 14.75 18.56 18.13
C SER A 634 15.76 18.79 16.98
N TYR A 635 15.36 19.46 15.91
CA TYR A 635 16.30 19.85 14.86
C TYR A 635 16.99 21.18 15.19
N THR A 636 16.66 21.74 16.34
CA THR A 636 17.44 22.83 16.87
C THR A 636 17.87 22.47 18.28
N THR A 637 18.57 23.41 18.92
CA THR A 637 19.04 23.26 20.30
C THR A 637 18.44 24.35 21.18
N PHE A 638 18.28 24.02 22.46
CA PHE A 638 17.73 24.97 23.42
C PHE A 638 18.66 25.07 24.62
N ASN A 639 18.65 26.24 25.26
CA ASN A 639 19.45 26.49 26.45
C ASN A 639 18.53 27.07 27.53
N TYR A 640 18.68 26.52 28.74
CA TYR A 640 18.01 26.97 29.94
C TYR A 640 19.04 27.67 30.82
N SER A 641 18.71 28.88 31.29
CA SER A 641 19.59 29.66 32.21
C SER A 641 18.68 30.56 33.11
N GLY A 642 19.29 31.21 34.11
CA GLY A 642 18.57 32.18 34.94
C GLY A 642 17.38 31.63 35.70
N LEU A 643 17.56 30.53 36.45
CA LEU A 643 16.48 30.07 37.32
C LEU A 643 16.25 31.05 38.52
N HIS A 644 15.02 31.51 38.72
CA HIS A 644 14.69 32.30 39.91
C HIS A 644 13.42 31.79 40.56
N ILE A 645 13.31 32.04 41.86
CA ILE A 645 12.25 31.53 42.70
C ILE A 645 11.74 32.72 43.48
N GLN A 646 10.40 32.89 43.49
CA GLN A 646 9.83 33.98 44.24
C GLN A 646 8.69 33.47 45.13
N VAL A 647 8.77 33.73 46.42
CA VAL A 647 7.74 33.30 47.39
C VAL A 647 6.56 34.24 47.19
N LEU A 648 5.33 33.71 47.16
CA LEU A 648 4.14 34.54 46.90
C LEU A 648 3.22 34.66 48.14
N ASN A 649 2.43 35.75 48.19
CA ASN A 649 1.40 35.99 49.24
C ASN A 649 0.13 35.21 48.90
N ALA A 650 -0.28 34.33 49.82
CA ALA A 650 -1.50 33.52 49.66
C ALA A 650 -2.39 33.48 50.91
N VAL A 656 -14.98 28.40 53.15
CA VAL A 656 -14.92 26.92 53.19
C VAL A 656 -15.75 26.37 54.37
N ALA A 657 -16.83 25.65 54.07
CA ALA A 657 -17.77 25.22 55.09
C ALA A 657 -17.21 24.03 55.91
N THR A 658 -17.69 23.85 57.13
CA THR A 658 -17.25 22.72 57.95
C THR A 658 -18.33 21.64 58.03
N GLU A 659 -19.52 21.94 57.46
CA GLU A 659 -20.65 20.97 57.42
C GLU A 659 -21.42 21.14 56.13
N THR A 660 -22.01 20.06 55.64
CA THR A 660 -22.90 20.14 54.50
C THR A 660 -24.29 20.53 55.00
N GLY A 661 -25.24 20.80 54.12
CA GLY A 661 -26.68 20.87 54.48
C GLY A 661 -27.28 19.47 54.69
N ALA A 662 -28.53 19.39 55.14
CA ALA A 662 -29.27 18.13 55.17
C ALA A 662 -29.58 17.71 53.74
N ALA A 663 -29.86 16.44 53.52
CA ALA A 663 -30.12 15.95 52.15
C ALA A 663 -31.53 16.34 51.73
N PRO A 664 -31.68 16.99 50.57
CA PRO A 664 -33.02 17.39 50.13
C PRO A 664 -33.72 16.33 49.28
N THR A 665 -35.03 16.40 49.21
CA THR A 665 -35.81 15.53 48.35
C THR A 665 -36.51 16.52 47.46
N PHE A 666 -36.78 16.13 46.22
CA PHE A 666 -37.50 17.00 45.30
C PHE A 666 -38.61 16.20 44.68
N GLY A 667 -39.83 16.74 44.74
CA GLY A 667 -41.03 16.04 44.24
C GLY A 667 -41.47 15.02 45.27
N GLN A 668 -42.50 14.24 44.95
CA GLN A 668 -43.13 13.32 45.94
C GLN A 668 -43.12 11.88 45.42
N VAL A 669 -43.14 10.93 46.33
CA VAL A 669 -43.39 9.54 46.00
C VAL A 669 -44.81 9.16 46.41
N GLY A 670 -45.49 8.44 45.53
CA GLY A 670 -46.87 8.04 45.76
C GLY A 670 -46.94 6.56 46.02
N ASN A 671 -48.07 5.95 45.65
CA ASN A 671 -48.30 4.52 45.98
C ASN A 671 -47.65 3.72 44.90
N ALA A 672 -47.38 2.48 45.22
CA ALA A 672 -46.93 1.48 44.25
C ALA A 672 -47.82 1.41 42.98
N SER A 673 -49.14 1.59 43.15
CA SER A 673 -50.06 1.52 41.99
C SER A 673 -49.74 2.64 41.00
N ASP A 674 -49.11 3.71 41.43
CA ASP A 674 -48.71 4.77 40.45
C ASP A 674 -47.62 4.33 39.47
N TYR A 675 -46.86 3.31 39.82
CA TYR A 675 -45.66 2.98 39.07
C TYR A 675 -45.76 1.61 38.42
N VAL A 676 -46.99 1.15 38.22
CA VAL A 676 -47.28 -0.11 37.53
C VAL A 676 -47.20 0.19 36.04
N TYR A 677 -46.75 -0.79 35.25
CA TYR A 677 -46.79 -0.65 33.77
C TYR A 677 -48.05 -0.01 33.23
N PRO A 678 -47.92 1.12 32.49
CA PRO A 678 -49.05 1.85 31.87
C PRO A 678 -49.76 0.96 30.87
N GLU A 679 -51.08 1.06 30.84
CA GLU A 679 -51.88 0.08 30.12
C GLU A 679 -51.76 0.20 28.61
N GLY A 680 -51.60 1.42 28.10
CA GLY A 680 -51.42 1.58 26.63
C GLY A 680 -50.01 1.37 26.01
N LEU A 681 -49.12 0.60 26.66
CA LEU A 681 -47.70 0.55 26.25
C LEU A 681 -47.26 -0.85 25.82
N THR A 682 -46.70 -0.98 24.63
CA THR A 682 -46.17 -2.28 24.20
C THR A 682 -44.77 -2.37 24.78
N ARG A 683 -44.54 -3.40 25.60
CA ARG A 683 -43.28 -3.58 26.26
C ARG A 683 -42.36 -4.26 25.26
N ILE A 684 -41.21 -3.64 24.98
CA ILE A 684 -40.35 -4.15 23.93
C ILE A 684 -39.51 -5.20 24.61
N SER A 685 -39.39 -6.31 23.94
CA SER A 685 -38.61 -7.41 24.46
C SER A 685 -37.10 -7.03 24.79
N LYS A 686 -36.61 -7.47 25.97
CA LYS A 686 -35.29 -7.15 26.57
C LYS A 686 -35.14 -5.69 27.03
N PHE A 687 -36.11 -4.85 26.71
CA PHE A 687 -36.07 -3.44 27.09
C PHE A 687 -36.23 -3.32 28.61
N ILE A 688 -35.39 -2.49 29.23
CA ILE A 688 -35.45 -2.28 30.68
C ILE A 688 -36.28 -1.03 30.96
N TYR A 689 -37.34 -1.23 31.73
CA TYR A 689 -38.19 -0.14 32.21
C TYR A 689 -38.18 0.17 33.71
N PRO A 690 -38.76 1.30 34.10
CA PRO A 690 -38.72 1.57 35.56
C PRO A 690 -39.95 1.00 36.29
N TRP A 691 -40.77 0.19 35.60
CA TRP A 691 -42.15 -0.13 36.06
C TRP A 691 -42.29 -1.49 36.79
N LEU A 692 -43.38 -1.61 37.56
CA LEU A 692 -43.60 -2.80 38.39
C LEU A 692 -44.70 -3.60 37.72
N ASN A 693 -44.61 -4.92 37.75
CA ASN A 693 -45.69 -5.74 37.20
C ASN A 693 -47.05 -5.52 37.93
N SER A 694 -47.00 -5.48 39.27
CA SER A 694 -48.18 -5.25 40.11
C SER A 694 -47.73 -4.47 41.34
N THR A 695 -48.68 -4.15 42.23
CA THR A 695 -48.43 -3.56 43.52
C THR A 695 -47.77 -4.55 44.47
N ASP A 696 -47.70 -5.84 44.13
CA ASP A 696 -46.94 -6.74 44.97
C ASP A 696 -45.42 -6.44 44.67
N LEU A 697 -44.80 -5.67 45.56
CA LEU A 697 -43.40 -5.28 45.46
C LEU A 697 -42.47 -6.49 45.34
N LYS A 698 -42.58 -7.45 46.27
CA LYS A 698 -41.68 -8.62 46.29
C LYS A 698 -41.72 -9.42 44.99
N ALA A 699 -42.92 -9.72 44.51
CA ALA A 699 -43.11 -10.60 43.35
C ALA A 699 -42.69 -9.82 42.10
N SER A 700 -42.91 -8.52 42.09
CA SER A 700 -42.59 -7.77 40.90
C SER A 700 -41.06 -7.35 40.85
N SER A 701 -40.37 -7.50 41.99
CA SER A 701 -38.92 -7.43 42.03
C SER A 701 -38.30 -8.66 41.37
N GLY A 702 -38.94 -9.81 41.54
CA GLY A 702 -38.36 -11.10 41.16
C GLY A 702 -36.96 -11.39 41.72
N ASP A 703 -36.67 -10.87 42.91
CA ASP A 703 -35.33 -10.94 43.48
C ASP A 703 -35.32 -12.04 44.53
N PRO A 704 -34.49 -13.09 44.33
CA PRO A 704 -34.46 -14.21 45.26
C PRO A 704 -34.18 -13.71 46.68
N TYR A 705 -33.42 -12.62 46.83
CA TYR A 705 -33.02 -12.13 48.14
C TYR A 705 -33.92 -10.99 48.66
N TYR A 706 -35.07 -10.73 48.00
CA TYR A 706 -35.95 -9.62 48.44
C TYR A 706 -36.33 -9.72 49.91
N GLY A 707 -36.18 -8.62 50.64
CA GLY A 707 -36.51 -8.57 52.07
C GLY A 707 -35.74 -9.51 52.98
N VAL A 708 -34.79 -10.25 52.43
CA VAL A 708 -33.89 -11.10 53.24
C VAL A 708 -32.84 -10.32 54.03
N ASP A 709 -32.94 -10.40 55.37
CA ASP A 709 -31.99 -9.80 56.35
C ASP A 709 -31.66 -8.37 55.99
N THR A 710 -32.69 -7.59 55.58
CA THR A 710 -32.39 -6.39 54.84
C THR A 710 -31.49 -5.38 55.57
N ALA A 711 -31.92 -5.02 56.77
CA ALA A 711 -31.18 -4.13 57.63
C ALA A 711 -29.67 -4.54 57.91
N GLU A 712 -29.33 -5.85 57.93
CA GLU A 712 -27.92 -6.28 58.08
C GLU A 712 -27.12 -5.95 56.80
N HIS A 713 -27.81 -5.78 55.67
CA HIS A 713 -27.14 -5.59 54.40
C HIS A 713 -27.10 -4.11 53.99
N VAL A 714 -27.69 -3.27 54.85
CA VAL A 714 -27.62 -1.84 54.70
C VAL A 714 -26.62 -1.35 55.76
N PRO A 715 -25.48 -0.79 55.30
CA PRO A 715 -24.39 -0.37 56.18
C PRO A 715 -24.78 0.79 57.07
N GLU A 716 -24.13 0.88 58.22
CA GLU A 716 -24.30 2.00 59.13
C GLU A 716 -24.09 3.33 58.42
N GLY A 717 -25.06 4.23 58.57
CA GLY A 717 -24.89 5.57 58.03
C GLY A 717 -25.40 5.70 56.62
N ALA A 718 -25.57 4.55 55.94
CA ALA A 718 -26.01 4.48 54.52
C ALA A 718 -27.31 5.19 54.23
N THR A 719 -28.21 5.30 55.23
CA THR A 719 -29.49 6.03 55.01
C THR A 719 -29.55 7.34 55.77
N ASP A 720 -28.41 7.82 56.22
CA ASP A 720 -28.37 9.02 57.08
C ASP A 720 -28.38 10.33 56.25
N GLY A 721 -29.54 10.99 56.16
CA GLY A 721 -29.68 12.24 55.42
C GLY A 721 -29.41 13.55 56.16
N SER A 722 -28.74 13.50 57.30
CA SER A 722 -28.52 14.72 58.06
C SER A 722 -27.19 15.40 57.66
N PRO A 723 -26.98 16.69 58.07
CA PRO A 723 -25.73 17.39 57.76
C PRO A 723 -24.54 16.52 58.11
N GLN A 724 -23.52 16.58 57.25
CA GLN A 724 -22.28 15.80 57.48
C GLN A 724 -21.10 16.74 57.64
N PRO A 725 -20.03 16.26 58.34
CA PRO A 725 -18.82 17.07 58.45
C PRO A 725 -18.17 17.19 57.06
N VAL A 726 -17.52 18.31 56.80
CA VAL A 726 -16.72 18.45 55.61
C VAL A 726 -15.31 17.91 55.97
N LEU A 727 -14.87 16.92 55.20
CA LEU A 727 -13.52 16.40 55.28
C LEU A 727 -12.46 17.52 55.25
N PRO A 728 -11.39 17.38 56.05
CA PRO A 728 -10.29 18.39 56.02
C PRO A 728 -9.77 18.69 54.57
N ALA A 729 -9.67 17.63 53.74
CA ALA A 729 -9.07 17.77 52.41
C ALA A 729 -10.13 18.13 51.36
N GLY A 730 -11.38 18.15 51.80
CA GLY A 730 -12.48 18.43 50.89
C GLY A 730 -12.92 19.87 50.94
N GLY A 731 -14.12 20.10 50.45
CA GLY A 731 -14.80 21.38 50.58
C GLY A 731 -14.66 22.31 49.39
N GLY A 732 -14.11 21.79 48.30
CA GLY A 732 -13.95 22.58 47.10
C GLY A 732 -14.06 21.61 45.94
N SER A 733 -13.62 22.06 44.77
CA SER A 733 -13.59 21.26 43.56
C SER A 733 -12.19 20.68 43.30
N GLY A 734 -12.07 19.35 43.35
CA GLY A 734 -10.78 18.67 43.27
C GLY A 734 -9.96 18.85 44.53
N GLY A 735 -10.70 19.14 45.57
CA GLY A 735 -10.17 19.28 46.94
C GLY A 735 -10.38 20.68 47.52
N ASN A 736 -10.10 20.78 48.81
CA ASN A 736 -10.05 22.04 49.55
C ASN A 736 -9.41 23.13 48.72
N PRO A 737 -10.04 24.31 48.63
CA PRO A 737 -9.47 25.31 47.71
C PRO A 737 -8.08 25.91 48.07
N ARG A 738 -7.70 25.79 49.35
CA ARG A 738 -6.38 26.17 49.79
C ARG A 738 -5.30 25.39 49.01
N LEU A 739 -5.61 24.17 48.57
CA LEU A 739 -4.60 23.31 47.92
C LEU A 739 -4.16 23.98 46.68
N TYR A 740 -4.99 24.88 46.19
CA TYR A 740 -4.77 25.59 44.93
C TYR A 740 -4.17 26.97 45.08
N ASP A 741 -3.99 27.44 46.30
CA ASP A 741 -3.12 28.62 46.54
C ASP A 741 -1.74 28.46 45.85
N GLU A 742 -1.35 29.53 45.17
CA GLU A 742 -0.07 29.59 44.50
C GLU A 742 0.97 30.08 45.52
N LEU A 743 1.97 29.27 45.83
CA LEU A 743 2.90 29.63 46.93
C LEU A 743 4.24 30.16 46.45
N ILE A 744 4.67 29.67 45.29
CA ILE A 744 5.97 30.04 44.72
C ILE A 744 5.87 30.32 43.23
N ARG A 745 6.48 31.40 42.76
CA ARG A 745 6.66 31.62 41.34
C ARG A 745 8.08 31.24 40.92
N VAL A 746 8.13 30.48 39.83
CA VAL A 746 9.41 30.04 39.23
C VAL A 746 9.57 30.66 37.81
N SER A 747 10.77 31.09 37.47
CA SER A 747 11.01 31.60 36.14
C SER A 747 12.39 31.17 35.62
N VAL A 748 12.47 30.95 34.32
CA VAL A 748 13.71 30.53 33.74
C VAL A 748 13.73 31.10 32.32
N THR A 749 14.93 31.41 31.82
CA THR A 749 15.01 31.84 30.45
C THR A 749 15.33 30.63 29.58
N VAL A 750 14.57 30.51 28.50
CA VAL A 750 14.77 29.45 27.49
C VAL A 750 15.14 30.14 26.15
N LYS A 751 16.22 29.69 25.55
CA LYS A 751 16.72 30.28 24.32
C LYS A 751 16.88 29.21 23.20
N ASN A 752 16.44 29.51 21.97
CA ASN A 752 16.74 28.62 20.85
C ASN A 752 18.18 28.95 20.39
N THR A 753 19.13 28.07 20.68
CA THR A 753 20.52 28.36 20.32
C THR A 753 20.90 27.75 18.97
N GLY A 754 19.92 27.27 18.18
CA GLY A 754 20.25 26.62 16.90
C GLY A 754 19.86 27.40 15.65
N ARG A 755 19.67 26.69 14.53
CA ARG A 755 19.55 27.37 13.25
C ARG A 755 18.16 27.34 12.66
N VAL A 756 17.26 26.64 13.32
CA VAL A 756 15.83 26.59 12.84
C VAL A 756 14.86 26.73 13.99
N ALA A 757 13.72 27.33 13.70
CA ALA A 757 12.60 27.36 14.63
C ALA A 757 12.24 25.98 15.17
N GLY A 758 11.74 25.98 16.39
CA GLY A 758 11.32 24.74 17.05
C GLY A 758 10.59 25.01 18.35
N ASP A 759 10.02 23.97 18.93
CA ASP A 759 9.35 24.10 20.18
C ASP A 759 10.28 23.50 21.21
N ALA A 760 10.48 24.25 22.28
CA ALA A 760 11.06 23.67 23.52
C ALA A 760 9.95 23.15 24.41
N VAL A 761 10.27 22.16 25.25
CA VAL A 761 9.39 21.76 26.35
C VAL A 761 10.12 21.88 27.69
N PRO A 762 10.12 23.09 28.30
CA PRO A 762 10.75 23.14 29.62
C PRO A 762 10.03 22.22 30.59
N GLN A 763 10.76 21.53 31.46
CA GLN A 763 10.09 20.68 32.46
C GLN A 763 10.53 21.05 33.84
N LEU A 764 9.58 21.14 34.80
CA LEU A 764 9.89 21.49 36.22
C LEU A 764 9.60 20.34 37.16
N TYR A 765 10.65 19.81 37.78
CA TYR A 765 10.55 18.75 38.81
C TYR A 765 10.76 19.34 40.21
N VAL A 766 10.12 18.75 41.20
CA VAL A 766 10.50 19.09 42.56
C VAL A 766 11.06 17.85 43.29
N SER A 767 11.79 18.09 44.36
CA SER A 767 12.20 17.02 45.24
C SER A 767 11.47 17.43 46.50
N LEU A 768 10.59 16.56 46.99
CA LEU A 768 9.80 16.92 48.14
C LEU A 768 10.53 16.58 49.46
N GLY A 769 11.57 15.75 49.37
CA GLY A 769 12.42 15.42 50.50
C GLY A 769 11.81 14.29 51.30
N GLY A 770 12.63 13.57 52.05
CA GLY A 770 12.09 12.55 52.93
C GLY A 770 12.62 11.21 52.53
N PRO A 771 12.72 10.26 53.50
CA PRO A 771 13.30 8.93 53.26
C PRO A 771 12.54 8.12 52.23
N ASN A 772 11.22 8.30 52.12
CA ASN A 772 10.53 7.47 51.11
C ASN A 772 9.89 8.17 49.88
N GLU A 773 10.39 9.35 49.51
CA GLU A 773 9.85 10.12 48.38
C GLU A 773 10.69 9.91 47.14
N PRO A 774 10.05 9.96 45.96
CA PRO A 774 10.93 9.97 44.75
C PRO A 774 11.92 11.15 44.74
N LYS A 775 13.07 10.92 44.15
CA LYS A 775 14.06 11.99 44.02
C LYS A 775 13.56 13.23 43.22
N VAL A 776 12.84 13.00 42.13
CA VAL A 776 12.16 14.13 41.45
C VAL A 776 10.76 13.68 41.01
N VAL A 777 9.83 14.61 41.00
CA VAL A 777 8.53 14.34 40.44
C VAL A 777 8.21 15.59 39.60
N LEU A 778 7.63 15.36 38.43
CA LEU A 778 7.21 16.46 37.54
C LEU A 778 6.09 17.24 38.20
N ARG A 779 6.14 18.56 38.10
CA ARG A 779 5.03 19.43 38.50
C ARG A 779 4.56 20.36 37.42
N LYS A 780 5.48 20.95 36.65
CA LYS A 780 5.02 21.96 35.63
C LYS A 780 5.74 21.74 34.29
N PHE A 781 5.16 22.25 33.20
CA PHE A 781 5.72 22.14 31.88
C PHE A 781 4.97 23.07 30.96
N ASP A 782 5.52 23.35 29.79
CA ASP A 782 4.79 24.09 28.76
C ASP A 782 5.56 23.78 27.50
N ARG A 783 5.02 24.21 26.35
CA ARG A 783 5.64 23.97 25.09
C ARG A 783 5.71 25.30 24.39
N LEU A 784 6.92 25.75 24.10
CA LEU A 784 7.22 27.10 23.70
C LEU A 784 7.86 27.11 22.31
N THR A 785 7.24 27.84 21.39
CA THR A 785 7.74 27.97 20.06
C THR A 785 8.78 29.13 20.01
N LEU A 786 9.97 28.87 19.47
CA LEU A 786 11.06 29.83 19.49
C LEU A 786 11.78 29.87 18.16
N LYS A 787 11.94 31.07 17.62
CA LYS A 787 12.77 31.28 16.43
C LYS A 787 14.25 31.13 16.72
N PRO A 788 15.08 30.88 15.70
CA PRO A 788 16.53 30.77 15.98
C PRO A 788 16.99 32.02 16.77
N SER A 789 17.78 31.82 17.85
CA SER A 789 18.22 32.93 18.74
C SER A 789 17.18 33.57 19.66
N GLU A 790 15.93 33.18 19.53
CA GLU A 790 14.94 33.76 20.36
C GLU A 790 15.02 33.22 21.78
N GLU A 791 14.70 34.12 22.72
CA GLU A 791 14.66 33.92 24.16
C GLU A 791 13.28 34.31 24.68
N THR A 792 12.87 33.64 25.73
CA THR A 792 11.63 33.94 26.39
C THR A 792 11.83 33.52 27.83
N VAL A 793 11.19 34.23 28.73
CA VAL A 793 11.16 33.91 30.12
C VAL A 793 9.90 33.03 30.37
N TRP A 794 10.15 31.77 30.69
CA TRP A 794 9.08 30.85 31.10
C TRP A 794 8.77 30.98 32.58
N THR A 795 7.52 31.26 32.94
CA THR A 795 7.10 31.47 34.35
C THR A 795 5.97 30.56 34.69
N THR A 796 6.08 29.83 35.80
CA THR A 796 5.00 29.01 36.32
C THR A 796 4.86 29.26 37.79
N THR A 797 3.83 28.67 38.40
CA THR A 797 3.69 28.69 39.82
C THR A 797 3.54 27.31 40.40
N LEU A 798 4.01 27.14 41.63
CA LEU A 798 3.76 25.93 42.43
C LEU A 798 2.67 26.22 43.45
N THR A 799 1.69 25.32 43.56
CA THR A 799 0.59 25.41 44.47
C THR A 799 0.91 24.66 45.79
N ARG A 800 0.10 24.88 46.80
CA ARG A 800 0.24 24.13 48.03
C ARG A 800 0.18 22.62 47.77
N ARG A 801 -0.76 22.18 46.94
CA ARG A 801 -0.82 20.75 46.57
C ARG A 801 0.49 20.26 46.00
N ASP A 802 1.07 21.09 45.12
CA ASP A 802 2.30 20.70 44.39
C ASP A 802 3.44 20.39 45.35
N LEU A 803 3.41 21.00 46.53
CA LEU A 803 4.52 20.88 47.49
C LEU A 803 4.18 19.93 48.65
N SER A 804 3.00 19.32 48.62
CA SER A 804 2.50 18.51 49.73
C SER A 804 2.64 17.00 49.56
N ASN A 805 2.52 16.26 50.66
CA ASN A 805 2.38 14.85 50.62
C ASN A 805 1.08 14.43 51.35
N TRP A 806 0.55 13.26 51.00
CA TRP A 806 -0.64 12.81 51.67
C TRP A 806 -0.27 12.24 53.05
N ASP A 807 -0.83 12.86 54.10
CA ASP A 807 -0.59 12.40 55.44
C ASP A 807 -1.80 11.55 55.86
N VAL A 808 -1.57 10.26 56.01
CA VAL A 808 -2.68 9.36 56.30
C VAL A 808 -3.33 9.62 57.68
N ALA A 809 -2.53 9.99 58.67
CA ALA A 809 -3.04 10.31 60.04
C ALA A 809 -3.91 11.54 60.05
N ALA A 810 -3.48 12.61 59.36
CA ALA A 810 -4.26 13.86 59.31
C ALA A 810 -5.42 13.76 58.33
N GLN A 811 -5.39 12.75 57.43
CA GLN A 811 -6.24 12.69 56.25
C GLN A 811 -6.21 13.97 55.48
N ASP A 812 -5.00 14.46 55.21
CA ASP A 812 -4.92 15.71 54.50
C ASP A 812 -3.58 15.84 53.80
N TRP A 813 -3.52 16.79 52.86
CA TRP A 813 -2.25 17.15 52.20
C TRP A 813 -1.52 18.09 53.14
N VAL A 814 -0.25 17.75 53.40
CA VAL A 814 0.63 18.43 54.33
C VAL A 814 2.00 18.79 53.66
N ILE A 815 2.55 19.97 53.90
CA ILE A 815 3.85 20.28 53.32
C ILE A 815 4.80 19.82 54.40
N THR A 816 5.58 18.75 54.16
CA THR A 816 6.41 18.19 55.25
C THR A 816 7.61 19.13 55.55
N SER A 817 8.31 18.85 56.66
CA SER A 817 9.39 19.74 57.11
C SER A 817 10.74 19.47 56.41
N TYR A 818 10.81 18.40 55.59
CA TYR A 818 12.01 18.11 54.80
C TYR A 818 12.26 19.23 53.80
N PRO A 819 13.51 19.60 53.59
CA PRO A 819 13.77 20.73 52.66
C PRO A 819 13.45 20.25 51.25
N LYS A 820 12.85 21.15 50.45
CA LYS A 820 12.37 20.87 49.09
C LYS A 820 13.29 21.59 48.07
N LYS A 821 13.46 21.05 46.87
CA LYS A 821 14.24 21.73 45.79
C LYS A 821 13.44 21.74 44.52
N VAL A 822 13.67 22.75 43.69
CA VAL A 822 13.11 22.78 42.33
C VAL A 822 14.25 22.46 41.34
N HIS A 823 13.94 21.72 40.27
CA HIS A 823 14.90 21.43 39.17
C HIS A 823 14.25 21.79 37.79
N VAL A 824 14.97 22.44 36.89
CA VAL A 824 14.41 22.81 35.59
C VAL A 824 15.34 22.35 34.48
N GLY A 825 14.79 21.75 33.44
CA GLY A 825 15.61 21.31 32.31
C GLY A 825 14.82 20.65 31.21
N SER A 826 15.46 19.75 30.50
CA SER A 826 14.86 19.25 29.28
C SER A 826 14.31 17.84 29.37
N SER A 827 14.67 17.09 30.43
CA SER A 827 14.06 15.79 30.71
C SER A 827 14.20 15.48 32.21
N SER A 828 13.70 14.34 32.69
CA SER A 828 13.85 13.96 34.11
C SER A 828 15.28 13.63 34.52
N ARG A 829 16.18 13.47 33.54
CA ARG A 829 17.59 13.21 33.81
C ARG A 829 18.52 14.36 33.35
N GLN A 830 17.98 15.38 32.65
CA GLN A 830 18.74 16.48 32.09
C GLN A 830 18.19 17.73 32.74
N LEU A 831 18.68 17.97 33.99
CA LEU A 831 18.25 19.07 34.80
C LEU A 831 19.45 19.89 35.22
N PRO A 832 19.83 20.91 34.40
CA PRO A 832 21.07 21.64 34.72
C PRO A 832 20.82 22.73 35.75
N LEU A 833 19.55 23.09 35.98
CA LEU A 833 19.24 24.17 36.94
C LEU A 833 18.60 23.62 38.22
N HIS A 834 19.08 24.08 39.38
CA HIS A 834 18.56 23.61 40.66
C HIS A 834 18.36 24.82 41.58
N ALA A 835 17.38 24.78 42.47
CA ALA A 835 17.26 25.79 43.54
C ALA A 835 16.56 25.23 44.78
N ALA A 836 17.13 25.52 45.95
CA ALA A 836 16.49 25.18 47.25
C ALA A 836 15.22 26.01 47.39
N LEU A 837 14.16 25.43 47.95
CA LEU A 837 12.93 26.19 48.26
C LEU A 837 12.91 26.62 49.71
N PRO A 838 12.49 27.86 49.96
CA PRO A 838 12.33 28.32 51.35
C PRO A 838 11.08 27.72 51.96
N LYS A 839 11.05 27.67 53.30
CA LYS A 839 9.86 27.19 54.02
C LYS A 839 8.64 28.01 53.60
N VAL A 840 7.60 27.28 53.17
CA VAL A 840 6.26 27.83 52.88
C VAL A 840 5.30 26.81 53.49
N GLN A 841 4.05 27.19 53.81
CA GLN A 841 3.14 26.22 54.48
C GLN A 841 1.72 26.11 53.91
N LEU B 3 8.13 -35.98 -41.69
CA LEU B 3 8.31 -34.67 -40.93
C LEU B 3 8.50 -33.46 -41.85
N ALA B 4 7.99 -32.28 -41.44
CA ALA B 4 8.21 -31.07 -42.25
C ALA B 4 9.70 -30.81 -42.51
N PHE B 5 9.99 -30.15 -43.63
CA PHE B 5 11.33 -30.04 -44.16
C PHE B 5 11.55 -28.61 -44.61
N SER B 6 12.76 -28.10 -44.39
CA SER B 6 13.06 -26.72 -44.72
C SER B 6 14.03 -26.69 -45.89
N PRO B 7 13.54 -26.26 -47.08
CA PRO B 7 14.37 -26.32 -48.32
C PRO B 7 15.58 -25.37 -48.18
N PRO B 8 16.72 -25.68 -48.84
CA PRO B 8 17.91 -24.83 -48.76
C PRO B 8 17.73 -23.56 -49.59
N PHE B 9 18.32 -22.46 -49.18
CA PHE B 9 18.45 -21.30 -50.07
C PHE B 9 19.79 -20.65 -49.88
N TYR B 10 20.60 -20.74 -50.93
CA TYR B 10 21.97 -20.27 -50.91
C TYR B 10 22.40 -19.60 -52.21
N PRO B 11 23.43 -18.74 -52.16
CA PRO B 11 24.26 -18.33 -51.04
C PRO B 11 23.52 -17.28 -50.18
N SER B 12 24.14 -16.89 -49.09
CA SER B 12 23.60 -15.90 -48.14
C SER B 12 23.84 -14.53 -48.68
N PRO B 13 22.76 -13.80 -49.06
CA PRO B 13 22.95 -12.54 -49.83
C PRO B 13 23.87 -11.52 -49.14
N TRP B 14 24.76 -10.84 -49.88
CA TRP B 14 25.60 -9.83 -49.22
C TRP B 14 24.89 -8.44 -49.29
N ALA B 15 25.22 -7.56 -48.33
CA ALA B 15 24.74 -6.19 -48.33
C ALA B 15 25.13 -5.47 -49.60
N ASN B 16 24.33 -4.48 -49.98
CA ASN B 16 24.60 -3.73 -51.19
C ASN B 16 24.37 -2.23 -51.08
N GLY B 17 24.33 -1.72 -49.84
CA GLY B 17 24.04 -0.32 -49.58
C GLY B 17 22.72 0.20 -50.13
N GLN B 18 21.64 -0.58 -50.02
CA GLN B 18 20.36 -0.18 -50.62
C GLN B 18 19.66 0.91 -49.89
N GLY B 19 18.97 1.77 -50.68
CA GLY B 19 17.99 2.73 -50.16
C GLY B 19 18.64 3.68 -49.15
N GLU B 20 18.10 3.68 -47.96
CA GLU B 20 18.55 4.57 -46.90
C GLU B 20 19.85 4.08 -46.25
N TRP B 21 20.41 2.97 -46.72
CA TRP B 21 21.60 2.37 -46.14
C TRP B 21 22.88 2.75 -46.85
N ALA B 22 22.77 3.55 -47.90
CA ALA B 22 23.97 3.83 -48.82
C ALA B 22 25.14 4.40 -48.10
N GLU B 23 24.91 5.41 -47.28
CA GLU B 23 25.98 6.02 -46.51
C GLU B 23 26.60 5.09 -45.45
N ALA B 24 25.74 4.49 -44.65
CA ALA B 24 26.17 3.64 -43.56
C ALA B 24 26.99 2.48 -44.17
N TYR B 25 26.49 1.92 -45.25
CA TYR B 25 27.22 0.83 -45.93
C TYR B 25 28.59 1.31 -46.45
N GLN B 26 28.64 2.48 -47.12
CA GLN B 26 29.97 2.98 -47.54
C GLN B 26 31.01 3.19 -46.41
N ARG B 27 30.58 3.73 -45.27
CA ARG B 27 31.47 3.88 -44.13
C ARG B 27 31.79 2.52 -43.50
N ALA B 28 30.83 1.61 -43.52
CA ALA B 28 31.09 0.25 -43.05
C ALA B 28 32.15 -0.49 -43.93
N VAL B 29 32.02 -0.36 -45.25
CA VAL B 29 33.00 -0.99 -46.15
C VAL B 29 34.39 -0.35 -45.90
N ALA B 30 34.43 0.95 -45.60
CA ALA B 30 35.75 1.65 -45.48
C ALA B 30 36.49 1.18 -44.26
N ILE B 31 35.77 0.88 -43.18
CA ILE B 31 36.45 0.52 -41.94
C ILE B 31 36.76 -1.01 -41.92
N VAL B 32 35.84 -1.78 -42.45
CA VAL B 32 36.07 -3.25 -42.49
C VAL B 32 37.27 -3.51 -43.43
N SER B 33 37.39 -2.76 -44.51
CA SER B 33 38.60 -2.86 -45.38
C SER B 33 39.96 -2.81 -44.65
N GLN B 34 39.96 -2.19 -43.48
CA GLN B 34 41.17 -2.00 -42.75
C GLN B 34 41.34 -3.09 -41.67
N MET B 35 40.40 -4.02 -41.56
CA MET B 35 40.44 -4.98 -40.46
C MET B 35 41.17 -6.31 -40.80
N THR B 36 41.84 -6.87 -39.83
CA THR B 36 42.39 -8.21 -39.96
C THR B 36 41.26 -9.22 -39.70
N LEU B 37 41.46 -10.49 -40.08
CA LEU B 37 40.43 -11.51 -39.85
C LEU B 37 39.94 -11.61 -38.41
N ASP B 38 40.85 -11.76 -37.47
CA ASP B 38 40.48 -11.81 -36.01
C ASP B 38 39.72 -10.57 -35.52
N GLU B 39 39.91 -9.42 -36.17
CA GLU B 39 39.17 -8.24 -35.76
C GLU B 39 37.72 -8.38 -36.23
N LYS B 40 37.53 -8.87 -37.45
CA LYS B 40 36.19 -9.04 -37.99
C LYS B 40 35.42 -10.09 -37.16
N VAL B 41 36.10 -11.17 -36.88
CA VAL B 41 35.54 -12.20 -36.04
C VAL B 41 35.11 -11.65 -34.68
N ASN B 42 35.92 -10.75 -34.08
CA ASN B 42 35.57 -10.09 -32.80
C ASN B 42 34.20 -9.39 -32.92
N LEU B 43 33.92 -8.77 -34.06
CA LEU B 43 32.60 -8.12 -34.28
C LEU B 43 31.42 -9.10 -34.19
N THR B 44 31.62 -10.36 -34.59
CA THR B 44 30.53 -11.29 -34.80
C THR B 44 30.26 -12.18 -33.56
N THR B 45 31.14 -12.18 -32.55
CA THR B 45 31.03 -13.14 -31.48
C THR B 45 31.02 -12.48 -30.10
N GLY B 46 30.00 -12.78 -29.27
CA GLY B 46 29.94 -12.34 -27.85
C GLY B 46 31.18 -12.85 -27.12
N THR B 47 31.52 -12.20 -26.01
CA THR B 47 32.73 -12.59 -25.26
C THR B 47 32.38 -13.59 -24.15
N GLY B 48 31.15 -14.07 -24.10
CA GLY B 48 30.81 -15.19 -23.16
C GLY B 48 29.85 -14.75 -22.05
N TRP B 49 29.09 -15.67 -21.47
CA TRP B 49 27.99 -15.28 -20.60
C TRP B 49 28.49 -14.61 -19.33
N GLU B 50 28.12 -13.34 -19.11
CA GLU B 50 28.41 -12.58 -17.87
C GLU B 50 29.90 -12.31 -17.75
N LEU B 51 30.58 -12.19 -18.89
CA LEU B 51 32.02 -11.86 -18.85
C LEU B 51 32.27 -10.36 -18.78
N GLU B 52 31.37 -9.54 -19.38
CA GLU B 52 31.56 -8.10 -19.44
C GLU B 52 30.37 -7.38 -18.78
N LYS B 53 29.84 -6.29 -19.33
CA LYS B 53 28.72 -5.59 -18.60
C LYS B 53 27.32 -6.00 -19.04
N CYS B 54 27.12 -6.18 -20.33
CA CYS B 54 25.77 -6.24 -20.81
C CYS B 54 25.34 -7.65 -21.04
N VAL B 55 24.04 -7.79 -21.12
CA VAL B 55 23.43 -9.06 -21.46
C VAL B 55 24.16 -9.76 -22.63
N GLY B 56 24.51 -9.03 -23.68
CA GLY B 56 25.37 -9.55 -24.76
C GLY B 56 26.44 -8.49 -24.95
N GLN B 57 27.66 -8.90 -25.28
CA GLN B 57 28.71 -7.89 -25.51
C GLN B 57 29.78 -8.54 -26.38
N THR B 58 30.22 -7.85 -27.43
CA THR B 58 31.34 -8.27 -28.27
C THR B 58 32.58 -7.51 -27.79
N GLY B 59 33.77 -7.99 -28.17
CA GLY B 59 34.99 -7.35 -27.69
C GLY B 59 35.42 -6.15 -28.53
N GLY B 60 34.66 -5.83 -29.56
CA GLY B 60 35.00 -4.74 -30.43
C GLY B 60 36.33 -4.86 -31.15
N VAL B 61 36.86 -3.73 -31.61
CA VAL B 61 38.10 -3.70 -32.45
C VAL B 61 38.97 -2.57 -31.90
N PRO B 62 39.69 -2.86 -30.81
CA PRO B 62 40.39 -1.70 -30.13
C PRO B 62 41.35 -0.95 -31.07
N ARG B 63 42.06 -1.69 -31.91
CA ARG B 63 43.08 -1.04 -32.73
C ARG B 63 42.43 0.04 -33.60
N LEU B 64 41.15 -0.14 -33.94
CA LEU B 64 40.46 0.88 -34.74
C LEU B 64 39.50 1.78 -33.95
N ASN B 65 39.67 1.86 -32.61
CA ASN B 65 38.78 2.68 -31.74
C ASN B 65 37.27 2.32 -31.86
N ILE B 66 36.97 1.05 -32.08
CA ILE B 66 35.57 0.60 -32.08
C ILE B 66 35.37 -0.18 -30.79
N GLY B 67 34.63 0.39 -29.87
CA GLY B 67 34.39 -0.23 -28.58
C GLY B 67 33.55 -1.46 -28.79
N GLY B 68 33.67 -2.40 -27.85
CA GLY B 68 32.80 -3.59 -27.83
C GLY B 68 31.30 -3.20 -27.80
N MET B 69 30.49 -3.99 -28.52
CA MET B 69 29.10 -3.63 -28.65
C MET B 69 28.31 -4.18 -27.49
N CYS B 70 27.59 -3.28 -26.82
CA CYS B 70 26.80 -3.65 -25.61
C CYS B 70 25.34 -3.88 -26.02
N LEU B 71 24.82 -5.05 -25.76
CA LEU B 71 23.47 -5.45 -26.18
C LEU B 71 22.70 -5.72 -24.89
N GLN B 72 21.55 -5.10 -24.73
CA GLN B 72 20.82 -5.15 -23.49
C GLN B 72 19.32 -5.27 -23.71
N ASP B 73 18.69 -6.17 -22.97
CA ASP B 73 17.23 -6.26 -22.81
C ASP B 73 16.74 -4.89 -22.21
N SER B 74 15.44 -4.54 -22.22
CA SER B 74 14.34 -5.31 -22.76
C SER B 74 13.55 -4.43 -23.75
N PRO B 75 12.52 -5.00 -24.40
CA PRO B 75 11.66 -4.22 -25.24
C PRO B 75 10.84 -3.12 -24.55
N LEU B 76 10.86 -3.05 -23.22
CA LEU B 76 10.09 -2.01 -22.49
C LEU B 76 10.87 -1.21 -21.47
N GLY B 77 12.20 -1.31 -21.53
CA GLY B 77 13.12 -0.51 -20.70
C GLY B 77 14.40 -1.28 -20.36
N ILE B 78 15.37 -0.61 -19.73
CA ILE B 78 16.66 -1.20 -19.55
C ILE B 78 16.53 -2.23 -18.47
N ARG B 79 16.83 -3.47 -18.85
CA ARG B 79 16.93 -4.58 -17.93
C ARG B 79 18.21 -4.55 -17.07
N ASP B 80 18.09 -5.04 -15.85
CA ASP B 80 19.26 -5.40 -15.04
C ASP B 80 20.14 -4.18 -14.69
N SER B 81 19.54 -2.99 -14.56
CA SER B 81 20.35 -1.78 -14.41
C SER B 81 19.82 -0.96 -13.27
N ASP B 82 20.10 0.35 -13.24
CA ASP B 82 19.54 1.15 -12.13
C ASP B 82 19.21 2.53 -12.65
N TYR B 83 18.28 3.19 -11.95
CA TYR B 83 17.90 4.54 -12.24
C TYR B 83 17.41 4.66 -13.67
N ASN B 84 16.63 3.66 -14.08
CA ASN B 84 16.06 3.64 -15.43
C ASN B 84 14.53 3.68 -15.25
N SER B 85 13.81 3.90 -16.36
CA SER B 85 12.36 3.88 -16.35
C SER B 85 11.78 2.52 -16.67
N ALA B 86 10.49 2.30 -16.38
CA ALA B 86 9.86 1.03 -16.71
C ALA B 86 8.61 1.36 -17.48
N PHE B 87 8.63 1.12 -18.78
CA PHE B 87 7.62 1.59 -19.70
C PHE B 87 6.50 0.55 -19.75
N PRO B 88 5.31 0.92 -20.28
CA PRO B 88 4.29 -0.08 -20.48
C PRO B 88 4.74 -1.11 -21.54
N ALA B 89 4.20 -2.30 -21.45
CA ALA B 89 4.46 -3.34 -22.43
C ALA B 89 4.04 -2.99 -23.89
N GLY B 90 4.62 -3.77 -24.81
CA GLY B 90 4.20 -3.76 -26.20
C GLY B 90 2.72 -3.82 -26.37
N VAL B 91 2.06 -4.67 -25.61
CA VAL B 91 0.64 -4.91 -25.85
C VAL B 91 -0.15 -3.63 -25.53
N ASN B 92 0.35 -2.82 -24.59
CA ASN B 92 -0.25 -1.55 -24.31
C ASN B 92 -0.10 -0.60 -25.49
N VAL B 93 1.10 -0.57 -26.10
CA VAL B 93 1.31 0.26 -27.24
C VAL B 93 0.27 -0.19 -28.27
N ALA B 94 0.03 -1.51 -28.40
CA ALA B 94 -0.96 -1.94 -29.42
C ALA B 94 -2.37 -1.39 -29.06
N ALA B 95 -2.73 -1.41 -27.77
CA ALA B 95 -4.05 -0.90 -27.28
C ALA B 95 -4.27 0.57 -27.62
N THR B 96 -3.19 1.35 -27.75
CA THR B 96 -3.33 2.79 -28.00
C THR B 96 -3.71 3.00 -29.47
N TRP B 97 -3.41 2.06 -30.36
CA TRP B 97 -3.61 2.33 -31.82
C TRP B 97 -3.03 3.69 -32.27
N ASP B 98 -1.90 4.08 -31.66
CA ASP B 98 -1.33 5.40 -31.78
C ASP B 98 0.13 5.33 -32.26
N LYS B 99 0.28 5.59 -33.54
CA LYS B 99 1.59 5.56 -34.17
C LYS B 99 2.56 6.50 -33.41
N ASN B 100 2.05 7.66 -33.00
CA ASN B 100 2.94 8.73 -32.54
C ASN B 100 3.40 8.39 -31.13
N LEU B 101 2.52 7.78 -30.36
CA LEU B 101 2.88 7.26 -29.04
C LEU B 101 3.89 6.15 -29.10
N ALA B 102 3.78 5.28 -30.10
CA ALA B 102 4.72 4.19 -30.27
C ALA B 102 6.11 4.77 -30.52
N TYR B 103 6.17 5.81 -31.35
CA TYR B 103 7.40 6.46 -31.69
C TYR B 103 8.03 7.16 -30.45
N LEU B 104 7.21 7.87 -29.65
CA LEU B 104 7.72 8.62 -28.49
C LEU B 104 8.22 7.67 -27.41
N ARG B 105 7.60 6.51 -27.32
CA ARG B 105 8.03 5.52 -26.34
C ARG B 105 9.38 4.90 -26.79
N GLY B 106 9.54 4.68 -28.12
CA GLY B 106 10.86 4.24 -28.70
C GLY B 106 12.00 5.24 -28.41
N GLN B 107 11.68 6.50 -28.61
CA GLN B 107 12.62 7.63 -28.43
C GLN B 107 13.03 7.73 -26.95
N ALA B 108 12.04 7.77 -26.07
CA ALA B 108 12.31 7.78 -24.62
C ALA B 108 13.22 6.60 -24.16
N MET B 109 12.89 5.36 -24.60
CA MET B 109 13.75 4.22 -24.36
C MET B 109 15.17 4.40 -24.99
N GLY B 110 15.22 4.80 -26.24
CA GLY B 110 16.50 4.98 -26.92
C GLY B 110 17.41 5.88 -26.12
N GLN B 111 16.90 7.05 -25.70
CA GLN B 111 17.63 7.98 -24.84
C GLN B 111 18.12 7.27 -23.59
N GLU B 112 17.27 6.51 -22.92
CA GLU B 112 17.76 5.86 -21.66
C GLU B 112 18.90 4.85 -21.95
N PHE B 113 18.69 3.93 -22.90
CA PHE B 113 19.69 2.96 -23.30
C PHE B 113 20.99 3.72 -23.69
N SER B 114 20.86 4.76 -24.56
CA SER B 114 22.00 5.42 -25.03
C SER B 114 22.84 5.93 -23.85
N ASP B 115 22.19 6.56 -22.86
CA ASP B 115 22.93 7.18 -21.73
C ASP B 115 23.58 6.17 -20.73
N LYS B 116 23.18 4.88 -20.85
CA LYS B 116 23.82 3.83 -20.05
C LYS B 116 25.06 3.30 -20.78
N GLY B 117 25.27 3.76 -22.01
CA GLY B 117 26.36 3.21 -22.81
C GLY B 117 25.97 1.91 -23.49
N ILE B 118 24.67 1.76 -23.78
CA ILE B 118 24.19 0.56 -24.48
C ILE B 118 24.05 0.86 -25.96
N ASP B 119 24.54 -0.04 -26.83
CA ASP B 119 24.64 0.28 -28.25
C ASP B 119 23.45 -0.30 -29.00
N VAL B 120 22.88 -1.38 -28.45
CA VAL B 120 21.82 -2.19 -29.07
C VAL B 120 20.78 -2.63 -28.02
N GLN B 121 19.54 -2.23 -28.28
CA GLN B 121 18.39 -2.61 -27.49
C GLN B 121 17.82 -3.87 -28.07
N LEU B 122 17.60 -4.84 -27.20
CA LEU B 122 17.09 -6.15 -27.67
C LEU B 122 15.57 -6.02 -27.69
N GLY B 123 15.06 -5.17 -28.60
CA GLY B 123 13.66 -5.12 -28.87
C GLY B 123 13.53 -4.06 -29.93
N PRO B 124 12.28 -3.78 -30.40
CA PRO B 124 10.99 -4.34 -29.89
C PRO B 124 10.70 -5.80 -30.42
N ALA B 125 9.53 -6.37 -30.06
CA ALA B 125 9.12 -7.72 -30.41
C ALA B 125 7.87 -7.71 -31.28
N ALA B 126 7.85 -8.57 -32.30
CA ALA B 126 6.62 -8.78 -33.06
C ALA B 126 6.53 -10.25 -33.34
N GLY B 127 7.41 -11.00 -32.69
CA GLY B 127 7.25 -12.43 -32.72
C GLY B 127 7.63 -12.92 -31.35
N PRO B 128 6.71 -13.61 -30.69
CA PRO B 128 5.36 -14.02 -31.13
C PRO B 128 4.49 -12.88 -31.71
N LEU B 129 3.84 -13.14 -32.85
CA LEU B 129 2.70 -12.36 -33.27
C LEU B 129 1.58 -12.57 -32.25
N GLY B 130 1.31 -13.82 -31.87
CA GLY B 130 0.26 -14.11 -30.91
C GLY B 130 -0.72 -15.12 -31.52
N ARG B 131 -0.21 -16.19 -32.14
CA ARG B 131 -1.06 -17.34 -32.59
C ARG B 131 -2.02 -17.84 -31.50
N SER B 132 -1.54 -17.88 -30.26
CA SER B 132 -2.37 -18.47 -29.19
C SER B 132 -2.60 -17.46 -28.02
N PRO B 133 -3.87 -17.24 -27.59
CA PRO B 133 -4.14 -16.28 -26.51
C PRO B 133 -3.39 -16.60 -25.18
N ASP B 134 -3.03 -17.85 -24.98
CA ASP B 134 -2.31 -18.22 -23.77
C ASP B 134 -0.78 -18.30 -24.01
N GLY B 135 -0.32 -17.84 -25.18
CA GLY B 135 1.14 -17.73 -25.49
C GLY B 135 1.83 -16.87 -24.45
N GLY B 136 2.96 -17.35 -23.91
CA GLY B 136 3.57 -16.67 -22.75
C GLY B 136 4.23 -15.32 -22.96
N ARG B 137 4.55 -14.96 -24.20
CA ARG B 137 5.27 -13.68 -24.48
C ARG B 137 4.52 -12.79 -25.40
N ASN B 138 3.24 -13.09 -25.62
CA ASN B 138 2.55 -12.27 -26.61
C ASN B 138 2.59 -10.81 -26.19
N TRP B 139 2.45 -10.56 -24.88
CA TRP B 139 2.46 -9.22 -24.26
C TRP B 139 3.68 -8.36 -24.56
N GLU B 140 4.82 -9.01 -24.83
CA GLU B 140 6.06 -8.32 -25.20
C GLU B 140 5.92 -7.63 -26.57
N GLY B 141 5.07 -8.20 -27.42
CA GLY B 141 4.90 -7.73 -28.81
C GLY B 141 3.76 -6.74 -28.86
N PHE B 142 2.90 -6.93 -29.84
CA PHE B 142 1.84 -5.97 -30.09
C PHE B 142 0.50 -6.66 -30.15
N SER B 143 0.21 -7.25 -31.32
CA SER B 143 -1.17 -7.65 -31.64
C SER B 143 -1.11 -8.91 -32.52
N PRO B 144 -2.12 -9.80 -32.43
CA PRO B 144 -2.16 -10.91 -33.43
C PRO B 144 -2.56 -10.39 -34.82
N ASP B 145 -2.92 -9.14 -34.92
CA ASP B 145 -3.10 -8.58 -36.26
C ASP B 145 -1.79 -8.14 -36.93
N PRO B 146 -1.46 -8.66 -38.11
CA PRO B 146 -0.17 -8.20 -38.65
C PRO B 146 -0.09 -6.68 -39.14
N ALA B 147 -1.19 -6.08 -39.62
CA ALA B 147 -1.11 -4.68 -40.03
C ALA B 147 -0.91 -3.75 -38.80
N LEU B 148 -1.70 -3.93 -37.73
CA LEU B 148 -1.57 -3.12 -36.52
C LEU B 148 -0.13 -3.30 -35.91
N THR B 149 0.29 -4.55 -35.75
CA THR B 149 1.63 -4.83 -35.22
C THR B 149 2.73 -4.21 -36.08
N GLY B 150 2.68 -4.44 -37.38
CA GLY B 150 3.76 -3.96 -38.26
C GLY B 150 3.99 -2.48 -38.16
N VAL B 151 2.89 -1.70 -38.23
CA VAL B 151 2.98 -0.23 -38.11
C VAL B 151 3.58 0.27 -36.76
N LEU B 152 3.11 -0.28 -35.64
CA LEU B 152 3.52 0.15 -34.30
C LEU B 152 4.97 -0.35 -33.96
N PHE B 153 5.33 -1.54 -34.48
CA PHE B 153 6.69 -2.16 -34.45
C PHE B 153 7.65 -1.25 -35.23
N ALA B 154 7.27 -0.80 -36.43
CA ALA B 154 8.10 0.09 -37.24
C ALA B 154 8.25 1.44 -36.50
N GLU B 155 7.14 1.97 -35.98
CA GLU B 155 7.20 3.23 -35.21
C GLU B 155 8.14 3.16 -34.03
N THR B 156 8.07 2.09 -33.24
CA THR B 156 8.95 1.91 -32.05
C THR B 156 10.44 1.90 -32.46
N ILE B 157 10.76 1.09 -33.48
CA ILE B 157 12.09 0.97 -34.03
C ILE B 157 12.63 2.36 -34.48
N LYS B 158 11.82 3.13 -35.25
CA LYS B 158 12.25 4.50 -35.62
C LYS B 158 12.54 5.42 -34.39
N GLY B 159 11.70 5.37 -33.36
CA GLY B 159 11.94 6.13 -32.14
C GLY B 159 13.25 5.72 -31.48
N ILE B 160 13.49 4.43 -31.35
CA ILE B 160 14.70 3.98 -30.70
C ILE B 160 15.89 4.43 -31.53
N GLN B 161 15.83 4.16 -32.83
CA GLN B 161 16.99 4.41 -33.70
C GLN B 161 17.23 5.89 -33.96
N ASP B 162 16.19 6.72 -34.00
CA ASP B 162 16.46 8.16 -34.10
C ASP B 162 17.15 8.70 -32.82
N ALA B 163 16.97 8.01 -31.68
CA ALA B 163 17.69 8.34 -30.43
C ALA B 163 19.09 7.72 -30.34
N GLY B 164 19.55 7.00 -31.39
CA GLY B 164 20.99 6.64 -31.51
C GLY B 164 21.37 5.31 -30.94
N VAL B 165 20.38 4.43 -30.85
CA VAL B 165 20.57 3.04 -30.40
C VAL B 165 20.04 2.07 -31.47
N VAL B 166 20.80 1.00 -31.75
CA VAL B 166 20.36 -0.01 -32.70
C VAL B 166 19.14 -0.78 -32.15
N ALA B 167 18.05 -0.82 -32.87
CA ALA B 167 16.94 -1.68 -32.36
C ALA B 167 17.07 -3.08 -32.98
N THR B 168 16.51 -4.07 -32.27
CA THR B 168 16.65 -5.47 -32.64
C THR B 168 15.25 -6.05 -32.73
N ALA B 169 14.78 -6.24 -33.97
CA ALA B 169 13.45 -6.79 -34.21
C ALA B 169 13.52 -8.27 -33.88
N LYS B 170 12.69 -8.70 -32.95
CA LYS B 170 12.78 -10.10 -32.49
C LYS B 170 11.39 -10.66 -32.23
N HIS B 171 11.22 -12.00 -32.17
CA HIS B 171 12.17 -13.07 -32.46
C HIS B 171 11.80 -13.60 -33.82
N TYR B 172 12.79 -13.73 -34.69
CA TYR B 172 12.55 -14.11 -36.08
C TYR B 172 12.86 -15.66 -36.22
N ILE B 173 11.85 -16.51 -36.34
CA ILE B 173 10.42 -16.16 -36.54
C ILE B 173 9.65 -17.41 -36.06
N LEU B 174 8.36 -17.25 -35.82
CA LEU B 174 7.49 -18.37 -35.33
C LEU B 174 7.71 -18.90 -33.90
N ASN B 175 8.28 -18.07 -33.03
CA ASN B 175 8.43 -18.54 -31.63
C ASN B 175 7.12 -18.22 -30.87
N GLU B 176 6.05 -18.90 -31.30
CA GLU B 176 4.72 -18.59 -30.88
C GLU B 176 4.31 -19.25 -29.52
N GLN B 177 5.17 -20.07 -28.93
CA GLN B 177 4.91 -20.59 -27.55
C GLN B 177 6.21 -20.82 -26.80
N GLU B 178 6.10 -20.87 -25.48
CA GLU B 178 7.23 -21.06 -24.61
C GLU B 178 7.51 -22.53 -24.43
N HIS B 179 6.47 -23.35 -24.26
CA HIS B 179 6.67 -24.83 -24.12
C HIS B 179 7.63 -25.41 -25.20
N PHE B 180 8.67 -26.15 -24.73
CA PHE B 180 9.64 -26.84 -25.63
C PHE B 180 10.49 -25.88 -26.52
N ARG B 181 10.51 -24.58 -26.20
CA ARG B 181 11.32 -23.65 -26.97
C ARG B 181 12.82 -23.92 -26.80
N GLN B 182 13.23 -24.61 -25.70
CA GLN B 182 14.64 -24.91 -25.44
C GLN B 182 14.77 -26.28 -24.75
N VAL B 183 15.78 -27.04 -25.18
CA VAL B 183 15.98 -28.41 -24.72
C VAL B 183 16.23 -28.50 -23.22
N ALA B 184 17.19 -27.70 -22.73
CA ALA B 184 17.52 -27.65 -21.29
C ALA B 184 16.35 -27.15 -20.43
N GLU B 185 15.56 -26.24 -20.94
CA GLU B 185 14.37 -25.73 -20.25
C GLU B 185 13.26 -26.81 -20.13
N ALA B 186 12.99 -27.45 -21.25
CA ALA B 186 12.07 -28.59 -21.31
C ALA B 186 12.52 -29.66 -20.31
N ALA B 187 13.83 -29.98 -20.26
CA ALA B 187 14.30 -30.99 -19.31
C ALA B 187 13.95 -30.60 -17.89
N GLY B 188 14.18 -29.33 -17.50
CA GLY B 188 13.93 -28.89 -16.13
C GLY B 188 12.45 -28.98 -15.80
N TYR B 189 11.59 -29.02 -16.83
CA TYR B 189 10.16 -29.23 -16.58
C TYR B 189 9.74 -30.70 -16.76
N GLY B 190 10.72 -31.61 -16.94
CA GLY B 190 10.41 -33.03 -17.02
C GLY B 190 10.10 -33.60 -18.42
N PHE B 191 10.57 -32.94 -19.47
CA PHE B 191 10.35 -33.48 -20.78
C PHE B 191 11.71 -33.68 -21.43
N ASN B 192 11.83 -34.84 -22.07
CA ASN B 192 13.02 -35.27 -22.76
C ASN B 192 12.84 -35.08 -24.25
N ILE B 193 13.48 -34.07 -24.83
CA ILE B 193 13.37 -33.83 -26.28
C ILE B 193 14.78 -33.59 -26.78
N SER B 194 15.05 -33.98 -28.03
CA SER B 194 16.43 -33.92 -28.57
C SER B 194 16.71 -32.62 -29.25
N ASP B 195 15.65 -31.92 -29.69
CA ASP B 195 15.75 -30.61 -30.35
C ASP B 195 14.49 -29.78 -30.05
N THR B 196 14.54 -28.48 -30.31
CA THR B 196 13.45 -27.61 -29.84
C THR B 196 12.21 -27.76 -30.71
N ILE B 197 11.11 -27.25 -30.20
CA ILE B 197 9.81 -27.29 -30.91
C ILE B 197 9.95 -26.77 -32.31
N SER B 198 9.33 -27.45 -33.29
CA SER B 198 9.46 -27.02 -34.68
C SER B 198 8.15 -26.38 -35.10
N SER B 199 8.19 -25.11 -35.52
CA SER B 199 6.97 -24.50 -36.01
C SER B 199 6.86 -24.89 -37.48
N ASN B 200 5.74 -25.53 -37.83
CA ASN B 200 5.62 -25.92 -39.24
C ASN B 200 4.47 -25.13 -39.89
N VAL B 201 4.82 -24.32 -40.90
CA VAL B 201 3.96 -23.29 -41.42
C VAL B 201 4.06 -23.26 -42.96
N ASP B 202 2.91 -23.18 -43.60
CA ASP B 202 2.85 -23.08 -45.06
C ASP B 202 3.38 -21.70 -45.53
N ASP B 203 3.75 -21.59 -46.79
CA ASP B 203 4.43 -20.37 -47.31
C ASP B 203 3.55 -19.13 -47.39
N LYS B 204 2.29 -19.32 -47.74
CA LYS B 204 1.31 -18.22 -47.83
C LYS B 204 1.07 -17.58 -46.42
N THR B 205 0.87 -18.43 -45.42
CA THR B 205 0.52 -17.96 -44.09
C THR B 205 1.72 -17.15 -43.60
N ILE B 206 2.93 -17.70 -43.74
CA ILE B 206 4.14 -16.98 -43.22
C ILE B 206 4.23 -15.58 -43.83
N HIS B 207 4.01 -15.46 -45.13
CA HIS B 207 3.99 -14.15 -45.81
C HIS B 207 2.89 -13.20 -45.34
N GLU B 208 1.67 -13.73 -45.19
CA GLU B 208 0.51 -12.89 -44.92
C GLU B 208 0.39 -12.54 -43.42
N MET B 209 0.98 -13.36 -42.54
CA MET B 209 0.87 -13.09 -41.10
C MET B 209 2.24 -12.85 -40.48
N TYR B 210 3.00 -13.91 -40.16
CA TYR B 210 4.20 -13.76 -39.29
C TYR B 210 5.32 -12.88 -39.89
N LEU B 211 5.52 -13.03 -41.19
CA LEU B 211 6.60 -12.26 -41.85
C LEU B 211 6.24 -10.77 -41.96
N TRP B 212 4.94 -10.47 -42.07
CA TRP B 212 4.54 -9.12 -42.53
C TRP B 212 5.09 -8.00 -41.59
N PRO B 213 4.97 -8.18 -40.27
CA PRO B 213 5.59 -7.09 -39.50
C PRO B 213 7.13 -7.04 -39.59
N PHE B 214 7.82 -8.15 -39.86
CA PHE B 214 9.27 -8.03 -40.14
C PHE B 214 9.58 -7.28 -41.43
N ALA B 215 8.71 -7.36 -42.42
CA ALA B 215 8.89 -6.58 -43.61
C ALA B 215 8.79 -5.07 -43.25
N ASP B 216 7.78 -4.69 -42.47
CA ASP B 216 7.67 -3.29 -42.03
C ASP B 216 8.91 -2.86 -41.24
N ALA B 217 9.35 -3.68 -40.27
CA ALA B 217 10.58 -3.43 -39.51
C ALA B 217 11.81 -3.17 -40.43
N VAL B 218 12.01 -4.09 -41.39
CA VAL B 218 13.11 -3.95 -42.34
C VAL B 218 12.99 -2.58 -43.12
N ARG B 219 11.79 -2.28 -43.63
CA ARG B 219 11.53 -1.12 -44.44
C ARG B 219 11.70 0.21 -43.63
N ALA B 220 11.37 0.12 -42.34
CA ALA B 220 11.56 1.27 -41.44
C ALA B 220 13.01 1.41 -41.04
N GLY B 221 13.91 0.50 -41.48
CA GLY B 221 15.36 0.67 -41.18
C GLY B 221 15.97 -0.06 -40.00
N VAL B 222 15.27 -1.04 -39.42
CA VAL B 222 15.76 -1.70 -38.20
C VAL B 222 17.16 -2.18 -38.52
N GLY B 223 18.10 -2.01 -37.59
CA GLY B 223 19.48 -2.42 -37.87
C GLY B 223 19.82 -3.85 -37.47
N ALA B 224 19.07 -4.49 -36.57
CA ALA B 224 19.36 -5.87 -36.22
C ALA B 224 18.09 -6.70 -36.20
N ILE B 225 18.24 -8.01 -36.35
CA ILE B 225 17.16 -8.97 -36.19
C ILE B 225 17.72 -10.00 -35.24
N MET B 226 16.88 -10.55 -34.38
CA MET B 226 17.28 -11.69 -33.50
C MET B 226 16.51 -12.94 -33.88
N CYS B 227 17.25 -13.97 -34.33
CA CYS B 227 16.60 -15.24 -34.76
C CYS B 227 16.29 -16.09 -33.51
N SER B 228 15.33 -17.01 -33.65
CA SER B 228 14.60 -17.55 -32.57
C SER B 228 15.11 -18.92 -32.13
N TYR B 229 14.65 -19.36 -30.96
CA TYR B 229 15.09 -20.60 -30.33
C TYR B 229 14.48 -21.81 -31.01
N ASN B 230 13.29 -21.63 -31.61
CA ASN B 230 12.55 -22.75 -32.19
C ASN B 230 13.06 -23.10 -33.61
N GLN B 231 12.65 -24.27 -34.12
CA GLN B 231 12.91 -24.65 -35.50
C GLN B 231 11.72 -24.17 -36.29
N ILE B 232 11.93 -24.00 -37.61
CA ILE B 232 10.86 -23.86 -38.56
C ILE B 232 11.07 -25.05 -39.49
N ASN B 233 10.03 -25.86 -39.66
CA ASN B 233 10.10 -27.08 -40.46
C ASN B 233 11.40 -27.81 -40.13
N ASN B 234 11.74 -27.87 -38.84
CA ASN B 234 12.86 -28.72 -38.41
C ASN B 234 14.24 -28.27 -38.86
N SER B 235 14.37 -26.98 -39.10
CA SER B 235 15.67 -26.35 -39.17
C SER B 235 15.71 -25.15 -38.16
N TYR B 236 16.66 -25.17 -37.23
CA TYR B 236 16.82 -24.17 -36.18
C TYR B 236 16.68 -22.75 -36.71
N GLY B 237 15.95 -21.90 -35.96
CA GLY B 237 15.79 -20.49 -36.36
C GLY B 237 17.13 -19.81 -36.67
N CYS B 238 18.21 -20.14 -35.97
CA CYS B 238 19.48 -19.40 -36.16
C CYS B 238 20.45 -20.03 -37.16
N GLN B 239 19.93 -20.95 -37.96
CA GLN B 239 20.68 -21.49 -39.09
C GLN B 239 19.66 -21.92 -40.10
N ASN B 240 18.53 -21.21 -40.16
CA ASN B 240 17.50 -21.56 -41.18
C ASN B 240 17.76 -20.79 -42.47
N SER B 241 18.28 -21.43 -43.54
CA SER B 241 18.64 -20.63 -44.75
C SER B 241 17.42 -20.05 -45.46
N TYR B 242 16.30 -20.78 -45.38
CA TYR B 242 15.06 -20.31 -45.97
C TYR B 242 14.54 -19.00 -45.29
N THR B 243 14.42 -18.98 -43.99
CA THR B 243 13.90 -17.74 -43.29
C THR B 243 14.93 -16.63 -43.35
N LEU B 244 16.20 -16.97 -43.09
CA LEU B 244 17.29 -15.94 -43.03
C LEU B 244 17.80 -15.49 -44.38
N ASN B 245 18.19 -16.43 -45.22
CA ASN B 245 18.77 -16.11 -46.50
C ASN B 245 17.70 -15.71 -47.54
N LYS B 246 16.66 -16.52 -47.66
CA LYS B 246 15.65 -16.23 -48.67
C LYS B 246 14.67 -15.14 -48.26
N LEU B 247 13.93 -15.46 -47.21
CA LEU B 247 12.86 -14.56 -46.73
C LEU B 247 13.46 -13.17 -46.25
N LEU B 248 14.29 -13.19 -45.19
CA LEU B 248 14.80 -11.92 -44.63
C LEU B 248 15.75 -11.16 -45.56
N LYS B 249 16.78 -11.83 -46.07
CA LYS B 249 17.82 -11.10 -46.78
C LYS B 249 17.54 -10.97 -48.29
N ALA B 250 17.12 -12.04 -48.99
CA ALA B 250 16.93 -11.91 -50.43
C ALA B 250 15.56 -11.24 -50.70
N GLU B 251 14.44 -11.77 -50.17
CA GLU B 251 13.11 -11.16 -50.38
C GLU B 251 12.87 -9.78 -49.70
N LEU B 252 13.01 -9.67 -48.38
CA LEU B 252 12.84 -8.38 -47.66
C LEU B 252 14.02 -7.38 -47.84
N GLY B 253 15.18 -7.87 -48.32
CA GLY B 253 16.33 -6.97 -48.64
C GLY B 253 16.96 -6.39 -47.36
N PHE B 254 16.92 -7.17 -46.28
CA PHE B 254 17.45 -6.70 -44.99
C PHE B 254 18.90 -6.41 -45.15
N GLN B 255 19.33 -5.21 -44.74
CA GLN B 255 20.74 -4.77 -44.93
C GLN B 255 21.53 -4.87 -43.64
N GLY B 256 20.84 -5.10 -42.53
CA GLY B 256 21.49 -5.14 -41.20
C GLY B 256 21.96 -6.51 -40.79
N PHE B 257 22.12 -6.69 -39.49
CA PHE B 257 22.68 -7.93 -38.96
C PHE B 257 21.71 -8.77 -38.15
N VAL B 258 21.89 -10.09 -38.26
CA VAL B 258 21.09 -11.06 -37.54
C VAL B 258 21.92 -11.64 -36.44
N MET B 259 21.41 -11.56 -35.22
CA MET B 259 22.10 -12.14 -34.02
C MET B 259 21.32 -13.30 -33.59
N SER B 260 22.00 -14.23 -32.92
CA SER B 260 21.31 -15.42 -32.36
C SER B 260 20.58 -15.01 -31.07
N ASP B 261 19.51 -15.72 -30.79
CA ASP B 261 19.02 -15.72 -29.41
C ASP B 261 20.06 -16.45 -28.50
N TRP B 262 19.86 -16.41 -27.18
CA TRP B 262 20.93 -16.72 -26.23
C TRP B 262 20.91 -18.23 -25.92
N GLY B 263 21.80 -18.97 -26.60
CA GLY B 263 21.67 -20.42 -26.68
C GLY B 263 20.98 -20.85 -27.96
N ALA B 264 20.72 -19.93 -28.90
CA ALA B 264 20.02 -20.32 -30.15
C ALA B 264 21.04 -20.63 -31.26
N HIS B 265 22.32 -20.42 -30.95
CA HIS B 265 23.42 -20.76 -31.88
C HIS B 265 23.70 -22.21 -31.80
N HIS B 266 23.56 -22.92 -32.92
CA HIS B 266 23.76 -24.40 -32.84
C HIS B 266 24.81 -25.01 -33.80
N SER B 267 25.61 -24.19 -34.49
CA SER B 267 26.68 -24.67 -35.38
C SER B 267 27.54 -23.50 -35.82
N GLY B 268 28.78 -23.79 -36.23
CA GLY B 268 29.68 -22.72 -36.63
C GLY B 268 29.48 -22.45 -38.10
N VAL B 269 29.92 -23.42 -38.91
CA VAL B 269 29.87 -23.33 -40.36
C VAL B 269 28.40 -23.27 -40.84
N GLY B 270 27.54 -24.13 -40.34
CA GLY B 270 26.18 -24.16 -40.83
C GLY B 270 25.48 -22.81 -40.68
N SER B 271 25.51 -22.24 -39.45
CA SER B 271 24.82 -20.97 -39.22
C SER B 271 25.40 -19.86 -40.08
N ALA B 272 26.74 -19.79 -40.16
CA ALA B 272 27.37 -18.69 -40.91
C ALA B 272 26.88 -18.68 -42.34
N LEU B 273 26.86 -19.86 -42.93
CA LEU B 273 26.51 -19.99 -44.33
C LEU B 273 25.02 -19.79 -44.55
N ALA B 274 24.22 -20.10 -43.54
CA ALA B 274 22.74 -19.99 -43.61
C ALA B 274 22.25 -18.57 -43.23
N GLY B 275 23.16 -17.62 -42.97
CA GLY B 275 22.75 -16.21 -42.90
C GLY B 275 22.89 -15.49 -41.57
N LEU B 276 23.37 -16.17 -40.53
CA LEU B 276 23.62 -15.60 -39.20
C LEU B 276 24.80 -14.67 -39.26
N ASP B 277 24.73 -13.52 -38.54
CA ASP B 277 25.85 -12.58 -38.50
C ASP B 277 26.54 -12.41 -37.11
N MET B 278 25.81 -12.77 -36.04
CA MET B 278 26.32 -12.51 -34.72
C MET B 278 25.90 -13.59 -33.71
N SER B 279 26.86 -14.08 -32.97
CA SER B 279 26.63 -15.13 -31.94
C SER B 279 26.50 -14.54 -30.54
N MET B 280 25.31 -14.69 -29.95
CA MET B 280 25.13 -14.25 -28.57
C MET B 280 24.71 -15.36 -27.62
N PRO B 281 25.27 -15.37 -26.37
CA PRO B 281 26.24 -14.42 -25.77
C PRO B 281 27.70 -14.74 -26.15
N GLY B 282 27.92 -15.69 -27.09
CA GLY B 282 29.26 -15.95 -27.63
C GLY B 282 29.74 -17.38 -27.42
N ASP B 283 29.34 -17.98 -26.29
CA ASP B 283 29.69 -19.34 -25.98
C ASP B 283 28.66 -20.36 -26.47
N ILE B 284 29.02 -21.64 -26.40
CA ILE B 284 28.17 -22.68 -26.92
C ILE B 284 27.05 -22.90 -25.91
N THR B 285 27.46 -23.15 -24.65
CA THR B 285 26.56 -23.01 -23.49
C THR B 285 27.19 -21.99 -22.54
N PHE B 286 26.35 -21.41 -21.68
CA PHE B 286 26.77 -20.31 -20.78
C PHE B 286 28.08 -20.65 -20.07
N ASP B 287 29.12 -19.91 -20.39
CA ASP B 287 30.41 -20.01 -19.76
C ASP B 287 31.10 -21.34 -20.05
N SER B 288 30.84 -21.95 -21.22
CA SER B 288 31.52 -23.22 -21.56
C SER B 288 32.97 -22.98 -21.93
N ALA B 289 33.36 -21.74 -22.04
CA ALA B 289 34.66 -21.39 -22.65
C ALA B 289 34.84 -21.96 -24.04
N THR B 290 33.78 -22.38 -24.69
CA THR B 290 33.89 -22.80 -26.09
C THR B 290 32.87 -22.00 -26.94
N SER B 291 33.17 -21.83 -28.20
CA SER B 291 32.30 -21.06 -29.09
C SER B 291 32.16 -21.76 -30.46
N PHE B 292 30.95 -21.75 -31.03
CA PHE B 292 30.77 -22.15 -32.46
C PHE B 292 31.52 -21.22 -33.44
N TRP B 293 31.80 -19.99 -32.98
CA TRP B 293 32.46 -18.94 -33.74
C TRP B 293 33.72 -18.55 -32.97
N GLY B 294 34.02 -17.24 -32.82
CA GLY B 294 35.28 -16.84 -32.18
C GLY B 294 36.38 -17.61 -32.89
N THR B 295 37.30 -18.22 -32.13
CA THR B 295 38.34 -19.04 -32.71
C THR B 295 37.94 -19.94 -33.86
N ASN B 296 36.87 -20.68 -33.67
CA ASN B 296 36.27 -21.52 -34.69
C ASN B 296 35.92 -20.83 -35.95
N LEU B 297 35.50 -19.56 -35.89
CA LEU B 297 35.16 -18.93 -37.15
C LEU B 297 36.44 -18.43 -37.86
N THR B 298 37.49 -18.11 -37.08
CA THR B 298 38.73 -17.70 -37.70
C THR B 298 39.30 -18.93 -38.46
N ILE B 299 39.23 -20.09 -37.84
CA ILE B 299 39.72 -21.31 -38.43
C ILE B 299 38.88 -21.66 -39.71
N ALA B 300 37.57 -21.48 -39.65
CA ALA B 300 36.71 -21.86 -40.74
C ALA B 300 37.03 -21.01 -41.94
N VAL B 301 37.61 -19.84 -41.72
CA VAL B 301 37.94 -19.00 -42.87
C VAL B 301 39.34 -19.36 -43.39
N LEU B 302 40.29 -19.52 -42.45
CA LEU B 302 41.66 -19.91 -42.77
C LEU B 302 41.68 -21.23 -43.52
N ASN B 303 40.76 -22.11 -43.26
CA ASN B 303 40.84 -23.45 -43.89
C ASN B 303 39.96 -23.57 -45.15
N GLY B 304 39.36 -22.46 -45.57
CA GLY B 304 38.61 -22.41 -46.85
C GLY B 304 37.16 -22.89 -46.78
N THR B 305 36.63 -23.38 -45.63
CA THR B 305 35.19 -23.80 -45.53
C THR B 305 34.17 -22.64 -45.57
N VAL B 306 34.42 -21.58 -44.79
CA VAL B 306 33.62 -20.38 -44.86
C VAL B 306 34.41 -19.37 -45.71
N PRO B 307 33.81 -18.96 -46.85
CA PRO B 307 34.45 -17.97 -47.73
C PRO B 307 34.67 -16.62 -46.96
N GLN B 308 35.84 -16.04 -47.16
CA GLN B 308 36.10 -14.69 -46.65
C GLN B 308 34.91 -13.75 -46.91
N TRP B 309 34.25 -13.85 -48.06
CA TRP B 309 33.19 -12.89 -48.38
C TRP B 309 32.01 -12.94 -47.40
N ARG B 310 31.79 -14.10 -46.77
CA ARG B 310 30.69 -14.27 -45.82
C ARG B 310 31.04 -13.56 -44.51
N VAL B 311 32.27 -13.69 -44.04
CA VAL B 311 32.62 -13.05 -42.78
C VAL B 311 32.77 -11.56 -42.95
N ASP B 312 33.39 -11.13 -44.06
CA ASP B 312 33.37 -9.71 -44.47
C ASP B 312 31.97 -9.13 -44.45
N ASP B 313 31.04 -9.83 -45.06
CA ASP B 313 29.68 -9.35 -45.07
C ASP B 313 29.10 -9.22 -43.66
N MET B 314 29.42 -10.16 -42.75
CA MET B 314 28.89 -10.10 -41.39
C MET B 314 29.39 -8.82 -40.74
N ALA B 315 30.72 -8.63 -40.78
CA ALA B 315 31.35 -7.41 -40.26
C ALA B 315 30.78 -6.09 -40.95
N VAL B 316 30.47 -6.15 -42.24
CA VAL B 316 29.85 -4.97 -42.89
C VAL B 316 28.39 -4.68 -42.40
N ARG B 317 27.58 -5.73 -42.26
CA ARG B 317 26.25 -5.56 -41.74
C ARG B 317 26.29 -5.01 -40.32
N ILE B 318 27.13 -5.59 -39.43
CA ILE B 318 27.19 -5.15 -38.08
C ILE B 318 27.64 -3.65 -38.02
N MET B 319 28.70 -3.24 -38.76
CA MET B 319 29.16 -1.82 -38.73
C MET B 319 28.17 -0.86 -39.39
N ALA B 320 27.52 -1.33 -40.46
CA ALA B 320 26.58 -0.46 -41.17
C ALA B 320 25.45 -0.10 -40.19
N ALA B 321 24.98 -1.05 -39.38
CA ALA B 321 23.91 -0.81 -38.42
C ALA B 321 24.32 0.23 -37.41
N TYR B 322 25.56 0.14 -36.95
CA TYR B 322 26.09 0.93 -35.84
C TYR B 322 26.22 2.36 -36.35
N TYR B 323 26.72 2.49 -37.57
CA TYR B 323 26.86 3.80 -38.20
C TYR B 323 25.52 4.34 -38.63
N LYS B 324 24.59 3.49 -39.03
CA LYS B 324 23.29 3.96 -39.47
C LYS B 324 22.53 4.79 -38.40
N VAL B 325 22.56 4.34 -37.14
CA VAL B 325 21.96 5.08 -36.03
C VAL B 325 22.87 6.18 -35.43
N GLY B 326 24.08 6.33 -35.99
CA GLY B 326 25.10 7.27 -35.46
C GLY B 326 25.71 6.82 -34.13
N ARG B 327 25.74 5.51 -33.79
CA ARG B 327 26.28 5.10 -32.48
C ARG B 327 27.70 5.61 -32.24
N ASP B 328 28.49 5.74 -33.31
CA ASP B 328 29.91 6.12 -33.15
C ASP B 328 30.01 7.51 -32.59
N ARG B 329 29.01 8.34 -32.84
CA ARG B 329 29.10 9.69 -32.27
C ARG B 329 28.70 9.70 -30.79
N LEU B 330 28.07 8.63 -30.31
CA LEU B 330 27.50 8.63 -28.96
C LEU B 330 28.22 7.62 -28.04
N TYR B 331 29.22 6.95 -28.61
CA TYR B 331 29.90 5.83 -27.90
C TYR B 331 30.40 6.18 -26.47
N GLN B 332 30.14 5.29 -25.51
CA GLN B 332 30.85 5.29 -24.25
C GLN B 332 30.76 3.84 -23.73
N PRO B 333 31.79 3.35 -23.04
CA PRO B 333 31.65 1.98 -22.46
C PRO B 333 30.36 1.89 -21.56
N PRO B 334 29.76 0.68 -21.44
CA PRO B 334 28.60 0.57 -20.49
C PRO B 334 29.00 1.02 -19.09
N ASN B 335 28.14 1.80 -18.41
CA ASN B 335 28.52 2.49 -17.15
C ASN B 335 27.72 1.91 -16.00
N PHE B 336 27.26 0.66 -16.20
CA PHE B 336 26.56 -0.13 -15.13
C PHE B 336 26.97 -1.59 -15.38
N SER B 337 26.64 -2.49 -14.44
CA SER B 337 26.81 -3.90 -14.67
C SER B 337 25.43 -4.57 -14.59
N SER B 338 25.13 -5.43 -15.54
CA SER B 338 23.95 -6.25 -15.47
C SER B 338 24.00 -7.19 -14.25
N TRP B 339 25.20 -7.48 -13.68
CA TRP B 339 25.34 -8.65 -12.81
C TRP B 339 25.46 -8.33 -11.30
N THR B 340 25.69 -7.06 -10.99
CA THR B 340 25.83 -6.64 -9.62
C THR B 340 25.43 -5.22 -9.57
N ARG B 341 24.96 -4.79 -8.40
CA ARG B 341 24.61 -3.37 -8.15
C ARG B 341 25.74 -2.63 -7.40
N ASP B 342 26.76 -3.38 -6.99
CA ASP B 342 27.88 -2.79 -6.25
C ASP B 342 28.54 -1.70 -7.11
N GLU B 343 29.03 -0.64 -6.48
CA GLU B 343 29.80 0.34 -7.18
C GLU B 343 31.10 -0.28 -7.75
N TYR B 344 31.84 -1.04 -6.92
CA TYR B 344 33.13 -1.71 -7.31
C TYR B 344 32.96 -3.21 -7.45
N GLY B 345 33.80 -3.80 -8.28
CA GLY B 345 33.83 -5.26 -8.50
C GLY B 345 34.91 -5.65 -9.51
N PHE B 346 35.14 -6.93 -9.67
CA PHE B 346 36.08 -7.36 -10.72
C PHE B 346 35.48 -7.05 -12.08
N LYS B 347 36.33 -6.61 -12.98
CA LYS B 347 35.84 -6.11 -14.27
C LYS B 347 35.18 -7.26 -15.07
N TYR B 348 35.60 -8.51 -14.84
CA TYR B 348 34.99 -9.67 -15.56
C TYR B 348 34.23 -10.49 -14.59
N PHE B 349 32.92 -10.24 -14.57
CA PHE B 349 32.11 -10.68 -13.48
C PHE B 349 32.14 -12.18 -13.26
N TYR B 350 31.87 -12.95 -14.33
CA TYR B 350 31.66 -14.39 -14.11
C TYR B 350 32.86 -15.15 -13.38
N PRO B 351 34.10 -15.02 -13.90
CA PRO B 351 35.29 -15.65 -13.25
C PRO B 351 35.87 -14.75 -12.13
N GLN B 352 35.29 -13.54 -11.96
CA GLN B 352 35.77 -12.57 -10.95
C GLN B 352 37.26 -12.32 -11.13
N GLU B 353 37.65 -11.84 -12.34
CA GLU B 353 39.03 -11.65 -12.73
C GLU B 353 39.21 -10.28 -13.35
N GLY B 354 40.43 -9.90 -13.69
CA GLY B 354 40.70 -8.56 -14.23
C GLY B 354 40.82 -7.50 -13.17
N PRO B 355 41.02 -6.23 -13.58
CA PRO B 355 41.18 -5.18 -12.55
C PRO B 355 39.96 -5.07 -11.61
N TYR B 356 40.19 -4.78 -10.34
CA TYR B 356 39.11 -4.44 -9.43
C TYR B 356 38.88 -2.96 -9.54
N GLU B 357 37.71 -2.57 -10.03
CA GLU B 357 37.52 -1.15 -10.39
C GLU B 357 36.03 -0.79 -10.33
N LYS B 358 35.70 0.44 -10.72
CA LYS B 358 34.27 0.86 -10.83
C LYS B 358 33.51 0.06 -11.87
N VAL B 359 32.41 -0.61 -11.46
CA VAL B 359 31.56 -1.24 -12.47
C VAL B 359 30.16 -0.60 -12.62
N ASN B 360 29.72 0.19 -11.64
CA ASN B 360 28.47 0.98 -11.70
C ASN B 360 28.70 2.44 -11.42
N HIS B 361 28.19 3.30 -12.30
CA HIS B 361 28.26 4.73 -12.06
C HIS B 361 26.93 5.34 -11.65
N PHE B 362 25.85 4.51 -11.58
CA PHE B 362 24.52 4.93 -11.05
C PHE B 362 24.01 6.12 -11.85
N VAL B 363 24.22 6.14 -13.17
CA VAL B 363 23.75 7.32 -13.97
C VAL B 363 22.22 7.33 -14.07
N ASN B 364 21.61 8.43 -13.65
CA ASN B 364 20.15 8.52 -13.65
C ASN B 364 19.69 9.05 -15.00
N VAL B 365 19.18 8.13 -15.83
CA VAL B 365 18.85 8.40 -17.23
C VAL B 365 17.34 8.65 -17.42
N GLN B 366 16.59 8.79 -16.31
CA GLN B 366 15.10 8.78 -16.37
C GLN B 366 14.54 10.05 -16.98
N ARG B 367 15.33 11.14 -16.94
CA ARG B 367 14.86 12.48 -17.36
C ARG B 367 13.42 12.65 -16.83
N ASN B 368 12.53 13.01 -17.73
CA ASN B 368 11.10 13.25 -17.51
C ASN B 368 10.24 12.12 -18.10
N HIS B 369 10.84 10.95 -18.37
CA HIS B 369 10.11 9.85 -19.07
C HIS B 369 8.88 9.32 -18.36
N SER B 370 8.76 9.58 -17.06
CA SER B 370 7.52 9.25 -16.33
C SER B 370 6.26 9.89 -16.97
N GLU B 371 6.42 11.00 -17.70
CA GLU B 371 5.23 11.68 -18.31
C GLU B 371 4.69 10.87 -19.48
N VAL B 372 5.56 10.58 -20.45
CA VAL B 372 5.19 9.65 -21.55
C VAL B 372 4.70 8.31 -21.01
N ILE B 373 5.26 7.83 -19.92
CA ILE B 373 4.77 6.56 -19.34
C ILE B 373 3.33 6.67 -18.80
N ARG B 374 3.10 7.73 -18.00
CA ARG B 374 1.78 7.96 -17.46
C ARG B 374 0.76 8.12 -18.56
N LYS B 375 1.08 8.99 -19.56
CA LYS B 375 0.19 9.25 -20.68
C LYS B 375 -0.07 7.95 -21.47
N LEU B 376 0.98 7.22 -21.82
CA LEU B 376 0.75 6.01 -22.58
C LEU B 376 -0.10 5.00 -21.79
N GLY B 377 0.06 4.99 -20.46
CA GLY B 377 -0.73 4.07 -19.62
C GLY B 377 -2.19 4.49 -19.68
N ALA B 378 -2.44 5.78 -19.57
CA ALA B 378 -3.84 6.27 -19.73
C ALA B 378 -4.43 6.00 -21.14
N ASP B 379 -3.68 6.33 -22.21
CA ASP B 379 -4.15 6.20 -23.58
C ASP B 379 -4.16 4.72 -24.05
N SER B 380 -3.83 3.80 -23.14
CA SER B 380 -3.86 2.41 -23.49
C SER B 380 -4.88 1.61 -22.62
N THR B 381 -5.64 2.31 -21.77
CA THR B 381 -6.65 1.75 -20.93
C THR B 381 -7.96 1.61 -21.70
N VAL B 382 -8.28 0.39 -22.13
CA VAL B 382 -9.47 0.12 -22.93
C VAL B 382 -10.74 0.11 -22.06
N LEU B 383 -11.68 0.97 -22.39
CA LEU B 383 -12.98 0.99 -21.68
C LEU B 383 -13.87 -0.02 -22.44
N LEU B 384 -14.02 -1.20 -21.84
CA LEU B 384 -14.74 -2.30 -22.48
C LEU B 384 -16.27 -2.19 -22.29
N LYS B 385 -16.66 -1.66 -21.13
CA LYS B 385 -18.05 -1.50 -20.77
C LYS B 385 -18.18 -0.28 -19.88
N ASN B 386 -19.19 0.56 -20.18
CA ASN B 386 -19.49 1.71 -19.33
C ASN B 386 -21.01 1.94 -19.36
N ASN B 387 -21.71 1.51 -18.31
CA ASN B 387 -23.14 1.66 -18.25
C ASN B 387 -23.35 2.98 -17.50
N ASN B 388 -22.80 4.03 -18.08
CA ASN B 388 -22.95 5.35 -17.50
C ASN B 388 -22.32 5.64 -16.10
N ALA B 389 -21.28 4.88 -15.75
CA ALA B 389 -20.66 4.88 -14.46
C ALA B 389 -19.42 5.78 -14.44
N LEU B 390 -18.83 6.03 -15.60
CA LEU B 390 -17.58 6.78 -15.68
C LEU B 390 -17.67 7.93 -16.68
N PRO B 391 -16.89 9.03 -16.48
CA PRO B 391 -15.92 9.25 -15.41
C PRO B 391 -16.55 9.49 -14.03
N LEU B 392 -15.78 9.18 -12.95
CA LEU B 392 -16.17 9.49 -11.56
C LEU B 392 -16.00 10.97 -11.45
N THR B 393 -16.67 11.58 -10.46
CA THR B 393 -16.66 13.05 -10.25
C THR B 393 -15.74 13.46 -9.10
N GLY B 394 -15.39 12.51 -8.23
CA GLY B 394 -14.59 12.84 -7.06
C GLY B 394 -15.53 13.21 -5.93
N LYS B 395 -16.85 13.21 -6.17
CA LYS B 395 -17.81 13.52 -5.13
C LYS B 395 -18.43 12.26 -4.49
N GLU B 396 -17.94 11.11 -4.94
CA GLU B 396 -18.37 9.84 -4.40
C GLU B 396 -18.00 9.81 -2.88
N ARG B 397 -19.02 9.59 -2.06
CA ARG B 397 -18.87 9.70 -0.61
C ARG B 397 -17.93 8.65 -0.04
N LYS B 398 -17.98 7.43 -0.58
CA LYS B 398 -17.23 6.34 0.02
C LYS B 398 -16.82 5.42 -1.11
N VAL B 399 -15.49 5.21 -1.26
CA VAL B 399 -14.92 4.45 -2.34
C VAL B 399 -14.25 3.19 -1.83
N ALA B 400 -14.67 2.03 -2.35
CA ALA B 400 -14.01 0.76 -2.02
C ALA B 400 -13.06 0.40 -3.13
N ILE B 401 -11.79 0.28 -2.81
CA ILE B 401 -10.80 -0.29 -3.73
C ILE B 401 -10.63 -1.76 -3.32
N LEU B 402 -10.85 -2.68 -4.26
CA LEU B 402 -10.88 -4.11 -3.91
C LEU B 402 -10.04 -4.91 -4.87
N GLY B 403 -9.14 -5.69 -4.32
CA GLY B 403 -8.31 -6.56 -5.14
C GLY B 403 -6.85 -6.41 -4.84
N GLU B 404 -6.19 -7.55 -4.78
CA GLU B 404 -4.77 -7.56 -4.52
C GLU B 404 -4.11 -6.83 -5.69
N ASP B 405 -4.69 -6.97 -6.92
CA ASP B 405 -4.18 -6.19 -8.07
C ASP B 405 -4.20 -4.64 -7.91
N ALA B 406 -4.87 -4.09 -6.91
CA ALA B 406 -4.76 -2.66 -6.61
C ALA B 406 -3.56 -2.30 -5.75
N GLY B 407 -3.00 -3.26 -4.96
CA GLY B 407 -2.09 -2.89 -3.86
C GLY B 407 -0.61 -3.10 -4.20
N SER B 408 0.24 -3.05 -3.16
CA SER B 408 1.68 -3.19 -3.31
C SER B 408 2.07 -4.63 -3.37
N ASN B 409 3.16 -4.88 -4.08
CA ASN B 409 3.91 -6.12 -3.90
C ASN B 409 4.62 -6.03 -2.52
N SER B 410 4.28 -6.93 -1.59
CA SER B 410 4.85 -6.94 -0.25
C SER B 410 6.38 -7.19 -0.25
N TYR B 411 6.93 -7.72 -1.32
CA TYR B 411 8.40 -7.82 -1.44
C TYR B 411 9.05 -6.58 -2.06
N GLY B 412 8.26 -5.54 -2.34
CA GLY B 412 8.76 -4.33 -3.00
C GLY B 412 8.51 -4.52 -4.48
N ALA B 413 8.34 -3.45 -5.26
CA ALA B 413 7.96 -3.60 -6.65
C ALA B 413 8.92 -4.56 -7.44
N ASN B 414 10.23 -4.51 -7.13
CA ASN B 414 11.23 -5.35 -7.84
C ASN B 414 11.57 -6.59 -7.01
N GLY B 415 10.78 -6.82 -5.96
CA GLY B 415 11.02 -7.96 -5.10
C GLY B 415 11.05 -9.39 -5.62
N CYS B 416 10.64 -9.64 -6.86
CA CYS B 416 10.61 -10.99 -7.43
C CYS B 416 11.53 -10.83 -8.65
N SER B 417 12.53 -11.71 -8.71
CA SER B 417 13.50 -11.62 -9.73
C SER B 417 12.88 -11.68 -11.15
N ASP B 418 13.26 -10.73 -12.06
CA ASP B 418 12.68 -10.72 -13.44
C ASP B 418 11.14 -10.75 -13.37
N ARG B 419 10.59 -10.12 -12.33
CA ARG B 419 9.13 -10.08 -12.07
C ARG B 419 8.47 -11.44 -12.01
N GLY B 420 9.18 -12.49 -11.55
CA GLY B 420 8.63 -13.85 -11.59
C GLY B 420 7.65 -14.15 -10.46
N CYS B 421 6.63 -13.32 -10.30
CA CYS B 421 5.52 -13.56 -9.37
C CYS B 421 4.29 -12.70 -9.79
N ASP B 422 3.13 -12.93 -9.17
CA ASP B 422 1.97 -12.12 -9.47
C ASP B 422 1.46 -11.47 -8.18
N ASN B 423 2.27 -10.66 -7.53
CA ASN B 423 1.87 -10.19 -6.19
C ASN B 423 1.64 -8.71 -6.22
N GLY B 424 0.53 -8.23 -5.66
CA GLY B 424 0.25 -6.83 -5.80
C GLY B 424 -0.04 -6.46 -7.25
N THR B 425 -0.19 -5.17 -7.49
CA THR B 425 -0.64 -4.73 -8.83
C THR B 425 0.26 -5.21 -9.95
N LEU B 426 -0.37 -5.71 -11.03
CA LEU B 426 0.38 -6.27 -12.15
C LEU B 426 0.68 -5.16 -13.20
N ALA B 427 1.92 -4.67 -13.22
CA ALA B 427 2.32 -3.61 -14.12
C ALA B 427 3.42 -4.06 -15.04
N MET B 428 3.86 -5.31 -14.90
CA MET B 428 4.96 -5.89 -15.70
C MET B 428 4.94 -7.41 -15.62
N ALA B 429 4.90 -8.08 -16.77
CA ALA B 429 4.98 -9.51 -16.84
C ALA B 429 6.43 -9.97 -16.69
N TRP B 430 6.71 -11.28 -16.79
CA TRP B 430 8.00 -11.82 -16.32
C TRP B 430 8.94 -12.32 -17.42
N GLY B 431 10.21 -12.41 -17.05
CA GLY B 431 11.24 -12.95 -17.93
C GLY B 431 12.27 -11.92 -18.31
N SER B 432 12.85 -12.09 -19.47
CA SER B 432 13.88 -11.15 -19.94
C SER B 432 13.23 -9.81 -20.38
N GLY B 433 11.91 -9.77 -20.58
CA GLY B 433 11.22 -8.62 -21.19
C GLY B 433 10.90 -7.61 -20.13
N THR B 434 11.84 -7.40 -19.22
CA THR B 434 11.57 -6.64 -18.01
C THR B 434 12.63 -5.65 -17.65
N ALA B 435 12.31 -4.80 -16.68
CA ALA B 435 13.19 -3.69 -16.28
C ALA B 435 12.84 -3.45 -14.85
N GLU B 436 13.83 -2.96 -14.13
CA GLU B 436 13.67 -2.61 -12.70
C GLU B 436 12.89 -1.29 -12.67
N PHE B 437 11.76 -1.32 -11.98
CA PHE B 437 11.02 -0.14 -11.67
C PHE B 437 11.90 0.81 -10.87
N PRO B 438 11.82 2.13 -11.16
CA PRO B 438 12.46 3.08 -10.21
C PRO B 438 11.52 3.30 -9.02
N TYR B 439 10.25 2.89 -9.20
CA TYR B 439 9.21 2.98 -8.22
C TYR B 439 7.96 2.41 -8.92
N LEU B 440 6.86 2.19 -8.18
CA LEU B 440 5.64 1.75 -8.80
C LEU B 440 4.46 2.41 -8.09
N VAL B 441 3.82 3.35 -8.77
CA VAL B 441 2.54 3.90 -8.34
C VAL B 441 1.37 2.90 -8.46
N THR B 442 0.91 2.38 -7.33
CA THR B 442 -0.17 1.41 -7.37
C THR B 442 -1.56 2.12 -7.52
N PRO B 443 -2.58 1.39 -8.07
CA PRO B 443 -3.98 1.96 -8.15
C PRO B 443 -4.50 2.44 -6.81
N GLU B 444 -4.20 1.66 -5.74
CA GLU B 444 -4.56 2.03 -4.40
C GLU B 444 -4.05 3.43 -3.98
N GLN B 445 -2.76 3.67 -4.21
CA GLN B 445 -2.15 4.95 -3.91
C GLN B 445 -2.80 6.11 -4.66
N ALA B 446 -2.95 5.98 -5.97
CA ALA B 446 -3.38 7.09 -6.78
C ALA B 446 -4.89 7.35 -6.54
N ILE B 447 -5.69 6.29 -6.37
CA ILE B 447 -7.14 6.48 -6.22
C ILE B 447 -7.43 6.98 -4.82
N GLN B 448 -6.81 6.42 -3.79
CA GLN B 448 -7.01 6.98 -2.46
C GLN B 448 -6.56 8.46 -2.36
N ALA B 449 -5.38 8.83 -2.90
CA ALA B 449 -4.96 10.25 -2.99
C ALA B 449 -6.05 11.06 -3.69
N GLU B 450 -6.57 10.57 -4.81
CA GLU B 450 -7.66 11.30 -5.48
C GLU B 450 -8.89 11.58 -4.57
N VAL B 451 -9.35 10.56 -3.90
CA VAL B 451 -10.52 10.68 -3.04
C VAL B 451 -10.23 11.65 -1.87
N LEU B 452 -8.99 11.62 -1.36
CA LEU B 452 -8.64 12.38 -0.15
C LEU B 452 -8.60 13.85 -0.57
N LYS B 453 -8.14 14.12 -1.78
CA LYS B 453 -8.13 15.47 -2.32
C LYS B 453 -9.59 16.07 -2.32
N HIS B 454 -10.64 15.25 -2.48
CA HIS B 454 -12.02 15.72 -2.46
C HIS B 454 -12.68 15.54 -1.09
N LYS B 455 -11.91 15.12 -0.08
CA LYS B 455 -12.42 14.86 1.29
C LYS B 455 -13.39 13.67 1.36
N GLY B 456 -13.22 12.64 0.52
CA GLY B 456 -14.03 11.44 0.65
C GLY B 456 -13.42 10.41 1.58
N SER B 457 -14.19 9.35 1.81
CA SER B 457 -13.82 8.18 2.56
C SER B 457 -13.43 7.12 1.53
N VAL B 458 -12.41 6.35 1.88
CA VAL B 458 -11.83 5.41 0.95
C VAL B 458 -10.98 4.35 1.73
N TYR B 459 -11.04 3.10 1.23
CA TYR B 459 -10.25 1.98 1.78
C TYR B 459 -9.84 1.05 0.66
N ALA B 460 -8.74 0.31 0.86
CA ALA B 460 -8.38 -0.73 -0.06
C ALA B 460 -8.34 -2.07 0.68
N ILE B 461 -8.98 -3.09 0.10
CA ILE B 461 -8.88 -4.46 0.55
C ILE B 461 -8.11 -5.22 -0.50
N THR B 462 -7.00 -5.85 -0.07
CA THR B 462 -6.06 -6.46 -0.99
C THR B 462 -5.78 -7.94 -0.75
N ASP B 463 -6.60 -8.59 0.05
CA ASP B 463 -6.57 -10.03 0.18
C ASP B 463 -7.80 -10.61 -0.58
N ASN B 464 -7.57 -11.30 -1.69
CA ASN B 464 -8.71 -11.77 -2.50
C ASN B 464 -9.59 -12.88 -1.88
N TRP B 465 -9.17 -13.34 -0.73
CA TRP B 465 -9.98 -14.33 0.02
C TRP B 465 -10.59 -13.73 1.31
N ALA B 466 -10.38 -12.46 1.52
CA ALA B 466 -11.04 -11.75 2.58
C ALA B 466 -12.48 -11.32 2.12
N LEU B 467 -13.35 -12.30 1.80
CA LEU B 467 -14.59 -12.03 1.07
C LEU B 467 -15.61 -11.42 2.04
N SER B 468 -15.47 -11.77 3.30
CA SER B 468 -16.33 -11.19 4.33
C SER B 468 -16.12 -9.67 4.49
N GLN B 469 -14.87 -9.29 4.70
CA GLN B 469 -14.53 -7.88 4.70
C GLN B 469 -14.93 -7.21 3.37
N VAL B 470 -14.72 -7.88 2.23
CA VAL B 470 -15.11 -7.29 0.91
C VAL B 470 -16.61 -7.03 0.81
N GLU B 471 -17.43 -7.95 1.27
CA GLU B 471 -18.89 -7.79 1.20
C GLU B 471 -19.38 -6.74 2.17
N THR B 472 -18.77 -6.65 3.34
CA THR B 472 -19.19 -5.64 4.32
C THR B 472 -18.91 -4.28 3.76
N LEU B 473 -17.72 -4.06 3.16
CA LEU B 473 -17.37 -2.72 2.67
C LEU B 473 -18.21 -2.39 1.45
N ALA B 474 -18.39 -3.36 0.56
CA ALA B 474 -19.12 -3.10 -0.68
C ALA B 474 -20.59 -2.67 -0.44
N LYS B 475 -21.23 -3.18 0.61
CA LYS B 475 -22.59 -2.68 1.00
C LYS B 475 -22.63 -1.19 1.43
N GLN B 476 -21.51 -0.71 1.98
CA GLN B 476 -21.42 0.67 2.50
C GLN B 476 -20.90 1.64 1.43
N ALA B 477 -20.42 1.12 0.28
CA ALA B 477 -19.68 2.00 -0.66
C ALA B 477 -20.59 2.71 -1.69
N SER B 478 -20.13 3.84 -2.26
CA SER B 478 -20.86 4.56 -3.33
C SER B 478 -20.38 3.97 -4.64
N VAL B 479 -19.14 3.48 -4.66
CA VAL B 479 -18.55 2.83 -5.81
C VAL B 479 -17.52 1.79 -5.32
N SER B 480 -17.54 0.63 -5.98
CA SER B 480 -16.55 -0.42 -5.80
C SER B 480 -15.65 -0.63 -7.03
N LEU B 481 -14.33 -0.52 -6.84
CA LEU B 481 -13.35 -0.60 -7.95
C LEU B 481 -12.57 -1.88 -7.74
N VAL B 482 -12.79 -2.86 -8.59
CA VAL B 482 -12.35 -4.21 -8.27
C VAL B 482 -11.28 -4.48 -9.33
N PHE B 483 -10.07 -4.83 -8.82
CA PHE B 483 -8.86 -5.09 -9.55
C PHE B 483 -8.52 -6.57 -9.60
N VAL B 484 -8.27 -7.06 -10.81
CA VAL B 484 -7.99 -8.51 -11.03
C VAL B 484 -6.97 -8.64 -12.13
N ASN B 485 -6.23 -9.74 -12.16
CA ASN B 485 -5.20 -9.87 -13.23
C ASN B 485 -5.02 -11.29 -13.71
N SER B 486 -4.16 -11.40 -14.72
CA SER B 486 -3.74 -12.67 -15.27
C SER B 486 -2.34 -12.45 -15.83
N ASP B 487 -1.40 -13.28 -15.36
CA ASP B 487 0.03 -13.01 -15.61
C ASP B 487 0.62 -14.10 -16.50
N ALA B 488 1.77 -13.81 -17.13
CA ALA B 488 2.46 -14.85 -17.95
C ALA B 488 3.86 -14.36 -18.16
N GLY B 489 4.69 -15.19 -18.82
CA GLY B 489 6.00 -14.67 -19.15
C GLY B 489 6.77 -15.61 -20.00
N GLU B 490 8.05 -15.37 -19.99
CA GLU B 490 9.02 -16.18 -20.67
C GLU B 490 9.19 -17.59 -20.03
N GLY B 491 9.40 -18.59 -20.89
CA GLY B 491 9.43 -19.95 -20.43
C GLY B 491 10.37 -20.42 -19.29
N TYR B 492 11.48 -19.72 -19.02
CA TYR B 492 12.44 -20.23 -17.99
C TYR B 492 11.96 -20.02 -16.53
N ILE B 493 10.83 -19.35 -16.40
CA ILE B 493 10.24 -19.04 -15.11
C ILE B 493 8.84 -19.61 -15.07
N SER B 494 8.58 -20.32 -14.00
CA SER B 494 7.28 -20.90 -13.76
C SER B 494 6.59 -20.25 -12.55
N VAL B 495 5.44 -19.58 -12.73
CA VAL B 495 4.68 -19.07 -11.58
C VAL B 495 3.38 -19.86 -11.43
N ASP B 496 3.18 -20.41 -10.23
CA ASP B 496 2.05 -21.24 -9.92
C ASP B 496 1.85 -22.32 -11.00
N GLY B 497 2.94 -22.87 -11.50
CA GLY B 497 2.81 -23.97 -12.42
C GLY B 497 2.54 -23.54 -13.86
N ASN B 498 2.48 -22.23 -14.10
CA ASN B 498 2.38 -21.69 -15.46
C ASN B 498 3.83 -21.56 -15.97
N GLU B 499 4.26 -22.51 -16.78
CA GLU B 499 5.59 -22.51 -17.35
C GLU B 499 5.71 -21.51 -18.51
N GLY B 500 5.69 -20.22 -18.21
CA GLY B 500 5.76 -19.22 -19.27
C GLY B 500 4.38 -18.96 -19.83
N ASP B 501 3.94 -19.85 -20.71
CA ASP B 501 2.58 -19.89 -21.19
C ASP B 501 1.60 -19.99 -19.98
N ARG B 502 0.43 -19.37 -20.14
CA ARG B 502 -0.70 -19.45 -19.23
C ARG B 502 -1.35 -20.82 -19.35
N ASN B 503 -1.65 -21.47 -18.23
CA ASN B 503 -2.40 -22.71 -18.26
C ASN B 503 -3.87 -22.42 -18.65
N ASN B 504 -4.37 -21.22 -18.38
CA ASN B 504 -5.74 -20.90 -18.71
C ASN B 504 -5.92 -19.40 -18.88
N LEU B 505 -7.12 -19.00 -19.24
CA LEU B 505 -7.38 -17.62 -19.54
C LEU B 505 -8.27 -17.04 -18.45
N THR B 506 -8.39 -17.74 -17.33
CA THR B 506 -9.17 -17.34 -16.17
C THR B 506 -8.43 -16.36 -15.21
N LEU B 507 -9.16 -15.49 -14.54
CA LEU B 507 -8.52 -14.52 -13.62
C LEU B 507 -7.80 -15.28 -12.49
N TRP B 508 -6.60 -14.83 -12.21
CA TRP B 508 -5.80 -15.32 -11.17
C TRP B 508 -6.33 -14.73 -9.87
N LYS B 509 -5.85 -15.35 -8.77
CA LYS B 509 -6.12 -14.88 -7.42
C LYS B 509 -7.57 -14.67 -7.09
N ASN B 510 -8.40 -15.64 -7.41
CA ASN B 510 -9.81 -15.61 -7.01
C ASN B 510 -10.58 -14.46 -7.63
N GLY B 511 -10.10 -14.01 -8.80
CA GLY B 511 -10.62 -12.81 -9.39
C GLY B 511 -12.10 -12.86 -9.68
N ASP B 512 -12.55 -13.91 -10.34
CA ASP B 512 -13.99 -14.09 -10.60
C ASP B 512 -14.85 -14.03 -9.34
N ASN B 513 -14.42 -14.72 -8.26
CA ASN B 513 -15.24 -14.77 -7.04
C ASN B 513 -15.19 -13.44 -6.35
N LEU B 514 -14.06 -12.75 -6.50
CA LEU B 514 -13.97 -11.36 -5.94
C LEU B 514 -14.91 -10.37 -6.61
N ILE B 515 -15.01 -10.43 -7.91
CA ILE B 515 -15.94 -9.54 -8.63
C ILE B 515 -17.39 -9.88 -8.17
N LYS B 516 -17.68 -11.18 -8.02
CA LYS B 516 -19.06 -11.63 -7.76
C LYS B 516 -19.48 -11.19 -6.36
N ALA B 517 -18.55 -11.18 -5.43
CA ALA B 517 -18.83 -10.80 -4.05
C ALA B 517 -19.05 -9.29 -3.97
N ALA B 518 -18.26 -8.52 -4.72
CA ALA B 518 -18.47 -7.08 -4.78
C ALA B 518 -19.80 -6.80 -5.47
N ALA B 519 -19.99 -7.33 -6.69
CA ALA B 519 -21.21 -7.00 -7.45
C ALA B 519 -22.52 -7.54 -6.78
N ASN B 520 -22.37 -8.54 -5.95
CA ASN B 520 -23.53 -9.02 -5.20
C ASN B 520 -23.97 -7.97 -4.15
N ASN B 521 -23.10 -7.01 -3.79
CA ASN B 521 -23.45 -6.01 -2.79
C ASN B 521 -23.35 -4.49 -3.13
N CYS B 522 -22.75 -4.04 -4.27
CA CYS B 522 -22.63 -2.56 -4.70
C CYS B 522 -23.33 -2.68 -6.06
N ASN B 523 -24.27 -1.78 -6.27
CA ASN B 523 -25.00 -1.57 -7.54
C ASN B 523 -24.11 -0.75 -8.50
N ASN B 524 -22.86 -0.54 -8.10
CA ASN B 524 -21.94 0.31 -8.86
C ASN B 524 -20.51 -0.26 -8.83
N THR B 525 -20.40 -1.47 -9.37
CA THR B 525 -19.16 -2.23 -9.34
C THR B 525 -18.43 -2.02 -10.65
N ILE B 526 -17.17 -1.55 -10.58
CA ILE B 526 -16.37 -1.21 -11.72
C ILE B 526 -15.16 -2.10 -11.75
N VAL B 527 -14.95 -2.86 -12.85
CA VAL B 527 -13.86 -3.83 -12.91
C VAL B 527 -12.65 -3.30 -13.69
N VAL B 528 -11.45 -3.37 -13.08
CA VAL B 528 -10.21 -3.05 -13.77
C VAL B 528 -9.32 -4.31 -13.88
N ILE B 529 -8.91 -4.61 -15.12
CA ILE B 529 -8.13 -5.81 -15.39
C ILE B 529 -6.73 -5.40 -15.83
N HIS B 530 -5.72 -5.93 -15.17
CA HIS B 530 -4.34 -5.87 -15.68
C HIS B 530 -3.93 -7.23 -16.15
N SER B 531 -3.52 -7.36 -17.40
CA SER B 531 -3.20 -8.70 -17.85
C SER B 531 -2.38 -8.62 -19.10
N VAL B 532 -1.82 -9.78 -19.44
CA VAL B 532 -0.95 -9.97 -20.59
C VAL B 532 -1.69 -10.12 -21.87
N GLY B 533 -3.04 -10.22 -21.81
CA GLY B 533 -3.86 -10.59 -22.92
C GLY B 533 -5.30 -10.80 -22.46
N PRO B 534 -6.13 -11.39 -23.31
CA PRO B 534 -7.51 -11.58 -22.98
C PRO B 534 -7.68 -12.51 -21.80
N VAL B 535 -8.73 -12.30 -21.01
CA VAL B 535 -9.16 -13.25 -20.00
C VAL B 535 -10.62 -13.52 -20.22
N LEU B 536 -11.14 -14.58 -19.62
CA LEU B 536 -12.57 -14.92 -19.71
C LEU B 536 -13.37 -14.07 -18.72
N VAL B 537 -14.31 -13.25 -19.22
CA VAL B 537 -15.14 -12.29 -18.41
C VAL B 537 -16.62 -12.80 -18.34
N ASP B 538 -16.85 -13.93 -19.01
CA ASP B 538 -18.22 -14.46 -19.22
C ASP B 538 -19.05 -14.65 -17.94
N GLU B 539 -18.45 -15.07 -16.81
CA GLU B 539 -19.32 -15.26 -15.69
C GLU B 539 -19.72 -14.02 -14.83
N TRP B 540 -19.26 -12.82 -15.22
CA TRP B 540 -19.68 -11.58 -14.50
C TRP B 540 -19.79 -10.35 -15.38
N TYR B 541 -19.37 -10.41 -16.65
CA TYR B 541 -19.37 -9.13 -17.41
C TYR B 541 -20.76 -8.49 -17.57
N ASP B 542 -21.79 -9.33 -17.59
CA ASP B 542 -23.14 -8.79 -17.84
C ASP B 542 -23.93 -8.74 -16.55
N HIS B 543 -23.28 -8.97 -15.41
CA HIS B 543 -23.92 -8.81 -14.09
C HIS B 543 -24.55 -7.41 -14.06
N PRO B 544 -25.84 -7.29 -13.62
CA PRO B 544 -26.47 -5.91 -13.67
C PRO B 544 -25.83 -4.85 -12.75
N ASN B 545 -25.07 -5.29 -11.74
CA ASN B 545 -24.35 -4.37 -10.89
C ASN B 545 -22.92 -4.10 -11.36
N VAL B 546 -22.47 -4.87 -12.37
CA VAL B 546 -21.20 -4.50 -12.99
C VAL B 546 -21.49 -3.33 -13.99
N THR B 547 -21.17 -2.11 -13.54
CA THR B 547 -21.45 -0.91 -14.32
C THR B 547 -20.35 -0.47 -15.28
N ALA B 548 -19.14 -1.01 -15.11
CA ALA B 548 -18.10 -0.68 -16.10
C ALA B 548 -16.94 -1.63 -16.00
N ILE B 549 -16.15 -1.72 -17.08
CA ILE B 549 -15.08 -2.68 -17.16
C ILE B 549 -14.02 -2.07 -18.04
N LEU B 550 -12.79 -2.05 -17.52
CA LEU B 550 -11.60 -1.53 -18.24
C LEU B 550 -10.52 -2.58 -18.28
N TRP B 551 -9.76 -2.59 -19.37
CA TRP B 551 -8.55 -3.39 -19.41
C TRP B 551 -7.37 -2.46 -19.61
N ALA B 552 -6.41 -2.56 -18.70
CA ALA B 552 -5.31 -1.60 -18.62
C ALA B 552 -3.96 -2.22 -18.96
N GLY B 553 -3.92 -3.50 -19.36
CA GLY B 553 -2.67 -4.07 -19.84
C GLY B 553 -1.61 -4.12 -18.72
N LEU B 554 -0.41 -3.63 -19.06
CA LEU B 554 0.79 -3.85 -18.21
C LEU B 554 1.48 -2.50 -18.18
N PRO B 555 1.00 -1.57 -17.30
CA PRO B 555 1.25 -0.13 -17.60
C PRO B 555 2.61 0.44 -17.19
N GLY B 556 3.44 -0.35 -16.49
CA GLY B 556 4.74 0.16 -16.05
C GLY B 556 4.61 1.08 -14.82
N GLN B 557 5.64 1.87 -14.54
CA GLN B 557 5.82 2.47 -13.23
C GLN B 557 4.70 3.45 -12.76
N GLU B 558 3.91 4.01 -13.70
CA GLU B 558 2.97 5.09 -13.38
C GLU B 558 1.55 4.52 -13.35
N SER B 559 1.46 3.19 -13.34
CA SER B 559 0.18 2.49 -13.40
C SER B 559 -1.04 3.19 -12.74
N GLY B 560 -0.93 3.40 -11.42
CA GLY B 560 -2.03 4.05 -10.63
C GLY B 560 -2.42 5.44 -11.21
N ASN B 561 -1.43 6.29 -11.52
CA ASN B 561 -1.73 7.66 -12.08
C ASN B 561 -2.37 7.59 -13.46
N SER B 562 -1.85 6.69 -14.33
CA SER B 562 -2.48 6.36 -15.60
C SER B 562 -3.98 6.03 -15.44
N LEU B 563 -4.31 5.14 -14.51
CA LEU B 563 -5.66 4.71 -14.32
C LEU B 563 -6.52 5.83 -13.75
N ALA B 564 -6.04 6.46 -12.66
CA ALA B 564 -6.79 7.53 -12.05
C ALA B 564 -7.10 8.62 -13.08
N ASP B 565 -6.16 8.94 -13.95
CA ASP B 565 -6.40 9.99 -14.95
C ASP B 565 -7.64 9.67 -15.80
N VAL B 566 -7.75 8.38 -16.20
CA VAL B 566 -8.93 7.85 -16.93
C VAL B 566 -10.21 7.79 -16.07
N LEU B 567 -10.13 7.22 -14.86
CA LEU B 567 -11.30 7.11 -14.04
C LEU B 567 -11.86 8.48 -13.70
N TYR B 568 -11.00 9.45 -13.44
CA TYR B 568 -11.50 10.77 -12.99
C TYR B 568 -11.67 11.78 -14.17
N GLY B 569 -11.60 11.26 -15.41
CA GLY B 569 -11.90 12.10 -16.56
C GLY B 569 -10.81 13.09 -17.00
N ARG B 570 -9.59 13.01 -16.48
CA ARG B 570 -8.53 13.90 -16.96
C ARG B 570 -8.15 13.50 -18.38
N VAL B 571 -8.25 12.18 -18.65
CA VAL B 571 -8.02 11.60 -19.96
C VAL B 571 -9.31 10.80 -20.32
N ASN B 572 -9.78 11.07 -21.54
CA ASN B 572 -10.91 10.39 -22.18
C ASN B 572 -10.36 9.11 -22.78
N PRO B 573 -10.83 7.94 -22.34
CA PRO B 573 -10.17 6.78 -22.97
C PRO B 573 -10.38 6.73 -24.49
N GLY B 574 -9.33 6.41 -25.26
CA GLY B 574 -9.46 6.26 -26.70
C GLY B 574 -8.92 4.91 -27.14
N ALA B 575 -8.30 4.16 -26.22
CA ALA B 575 -7.65 2.89 -26.58
C ALA B 575 -8.67 1.91 -27.16
N LYS B 576 -8.21 0.90 -27.93
CA LYS B 576 -9.11 -0.08 -28.62
C LYS B 576 -8.55 -1.45 -28.42
N SER B 577 -9.38 -2.44 -28.17
CA SER B 577 -8.79 -3.73 -27.89
C SER B 577 -7.91 -4.23 -29.07
N PRO B 578 -6.63 -4.67 -28.80
CA PRO B 578 -5.76 -5.17 -29.91
C PRO B 578 -5.87 -6.66 -30.13
N PHE B 579 -6.82 -7.28 -29.42
CA PHE B 579 -7.13 -8.70 -29.64
C PHE B 579 -8.62 -8.94 -29.33
N THR B 580 -9.03 -10.22 -29.41
CA THR B 580 -10.40 -10.65 -29.22
C THR B 580 -10.63 -11.20 -27.81
N TRP B 581 -11.78 -10.83 -27.21
CA TRP B 581 -12.24 -11.36 -25.95
C TRP B 581 -13.38 -12.38 -26.21
N GLY B 582 -12.98 -13.64 -26.19
CA GLY B 582 -13.87 -14.79 -26.53
C GLY B 582 -14.67 -15.19 -25.29
N LYS B 583 -15.77 -15.89 -25.55
CA LYS B 583 -16.62 -16.50 -24.54
C LYS B 583 -15.90 -17.61 -23.76
N THR B 584 -15.11 -18.46 -24.44
CA THR B 584 -14.42 -19.61 -23.88
C THR B 584 -12.98 -19.67 -24.47
N ARG B 585 -12.11 -20.52 -23.92
CA ARG B 585 -10.78 -20.80 -24.54
C ARG B 585 -10.93 -21.47 -25.94
N GLU B 586 -11.86 -22.39 -26.03
CA GLU B 586 -12.15 -23.13 -27.26
C GLU B 586 -12.40 -22.17 -28.42
N ALA B 587 -13.10 -21.07 -28.15
CA ALA B 587 -13.45 -20.12 -29.20
C ALA B 587 -12.23 -19.57 -29.98
N TYR B 588 -11.05 -19.53 -29.35
CA TYR B 588 -9.81 -19.16 -30.05
C TYR B 588 -9.10 -20.27 -30.86
N GLY B 589 -9.46 -21.56 -30.71
CA GLY B 589 -8.65 -22.64 -31.35
C GLY B 589 -7.17 -22.42 -31.06
N ASP B 590 -6.29 -22.72 -32.01
CA ASP B 590 -4.84 -22.49 -31.88
C ASP B 590 -4.32 -22.96 -30.51
N TYR B 591 -4.52 -24.25 -30.21
CA TYR B 591 -4.04 -24.75 -28.93
C TYR B 591 -2.49 -24.84 -28.89
N LEU B 592 -1.92 -24.61 -27.72
CA LEU B 592 -0.48 -24.77 -27.55
C LEU B 592 -0.15 -26.26 -27.66
N VAL B 593 1.05 -26.57 -28.08
CA VAL B 593 1.50 -27.93 -27.91
C VAL B 593 2.09 -28.02 -26.50
N ARG B 594 1.45 -28.86 -25.66
CA ARG B 594 1.80 -29.02 -24.23
C ARG B 594 2.33 -30.40 -23.88
N GLU B 595 2.29 -31.33 -24.84
CA GLU B 595 2.75 -32.71 -24.59
C GLU B 595 3.65 -33.11 -25.76
N LEU B 596 4.54 -34.06 -25.52
CA LEU B 596 5.46 -34.58 -26.58
C LEU B 596 4.63 -35.29 -27.70
N ASN B 597 4.83 -34.99 -28.98
CA ASN B 597 3.98 -35.65 -30.00
C ASN B 597 4.86 -36.26 -31.08
N ASN B 598 6.16 -36.33 -30.83
CA ASN B 598 7.12 -36.90 -31.75
C ASN B 598 8.14 -37.70 -30.92
N GLY B 599 7.64 -38.44 -29.95
CA GLY B 599 8.52 -39.33 -29.18
C GLY B 599 9.41 -38.41 -28.35
N ASN B 600 10.71 -38.64 -28.43
CA ASN B 600 11.70 -37.81 -27.72
C ASN B 600 12.50 -36.95 -28.68
N GLY B 601 11.95 -36.83 -29.89
CA GLY B 601 12.45 -35.85 -30.87
C GLY B 601 11.78 -34.50 -30.58
N ALA B 602 12.05 -33.53 -31.45
CA ALA B 602 11.47 -32.21 -31.37
C ALA B 602 9.94 -32.30 -31.48
N PRO B 603 9.17 -31.63 -30.57
CA PRO B 603 7.74 -31.51 -30.84
C PRO B 603 7.41 -30.73 -32.11
N GLN B 604 6.28 -31.10 -32.69
CA GLN B 604 5.94 -30.60 -33.98
C GLN B 604 4.73 -29.76 -33.72
N ASP B 605 4.82 -28.47 -34.11
CA ASP B 605 3.75 -27.50 -33.86
C ASP B 605 3.24 -27.10 -35.22
N ASP B 606 2.22 -27.81 -35.74
CA ASP B 606 1.69 -27.53 -37.10
C ASP B 606 0.76 -26.34 -37.05
N PHE B 607 1.05 -25.26 -37.81
CA PHE B 607 0.12 -24.11 -37.77
C PHE B 607 -1.07 -24.44 -38.71
N SER B 608 -1.82 -25.49 -38.35
CA SER B 608 -2.82 -26.04 -39.30
C SER B 608 -4.01 -25.08 -39.57
N GLU B 609 -4.21 -24.08 -38.69
CA GLU B 609 -5.23 -23.05 -38.93
C GLU B 609 -4.87 -22.02 -40.04
N GLY B 610 -3.60 -21.95 -40.50
CA GLY B 610 -3.17 -21.00 -41.52
C GLY B 610 -3.25 -19.58 -41.00
N VAL B 611 -3.79 -18.66 -41.79
CA VAL B 611 -3.86 -17.29 -41.36
C VAL B 611 -4.92 -17.06 -40.29
N PHE B 612 -5.73 -18.05 -39.96
CA PHE B 612 -6.91 -17.80 -39.13
C PHE B 612 -6.67 -17.82 -37.62
N ILE B 613 -6.03 -16.76 -37.15
CA ILE B 613 -5.77 -16.56 -35.71
C ILE B 613 -6.57 -15.35 -35.23
N ASP B 614 -6.82 -15.31 -33.93
CA ASP B 614 -7.56 -14.21 -33.27
C ASP B 614 -8.86 -13.90 -34.04
N TYR B 615 -9.14 -12.63 -34.33
CA TYR B 615 -10.45 -12.37 -34.98
C TYR B 615 -10.70 -13.09 -36.34
N ARG B 616 -9.64 -13.28 -37.14
CA ARG B 616 -9.84 -14.02 -38.41
C ARG B 616 -10.57 -15.38 -38.17
N GLY B 617 -10.18 -16.06 -37.08
CA GLY B 617 -10.73 -17.35 -36.72
C GLY B 617 -12.14 -17.23 -36.17
N PHE B 618 -12.36 -16.26 -35.27
CA PHE B 618 -13.69 -16.02 -34.76
C PHE B 618 -14.61 -15.71 -35.91
N ASP B 619 -14.19 -14.86 -36.87
CA ASP B 619 -15.06 -14.46 -37.98
C ASP B 619 -15.33 -15.67 -38.87
N LYS B 620 -14.27 -16.46 -39.11
CA LYS B 620 -14.39 -17.66 -39.91
C LYS B 620 -15.38 -18.65 -39.39
N ARG B 621 -15.39 -18.88 -38.08
CA ARG B 621 -16.30 -19.83 -37.48
C ARG B 621 -17.68 -19.17 -37.09
N ASN B 622 -17.90 -17.94 -37.53
CA ASN B 622 -19.05 -17.20 -37.11
C ASN B 622 -19.31 -17.23 -35.59
N GLU B 623 -18.25 -17.13 -34.79
CA GLU B 623 -18.39 -16.95 -33.35
C GLU B 623 -18.49 -15.47 -32.99
N THR B 624 -19.35 -15.17 -32.04
CA THR B 624 -19.48 -13.82 -31.54
C THR B 624 -18.61 -13.62 -30.31
N PRO B 625 -17.57 -12.78 -30.42
CA PRO B 625 -16.75 -12.40 -29.26
C PRO B 625 -17.59 -11.58 -28.27
N ILE B 626 -17.30 -11.66 -26.97
CA ILE B 626 -17.91 -10.68 -26.03
C ILE B 626 -17.42 -9.28 -26.40
N TYR B 627 -16.10 -9.11 -26.63
CA TYR B 627 -15.51 -7.83 -27.10
C TYR B 627 -14.60 -8.07 -28.28
N GLU B 628 -14.92 -7.46 -29.43
CA GLU B 628 -14.21 -7.74 -30.66
C GLU B 628 -12.88 -7.00 -30.75
N PHE B 629 -12.02 -7.53 -31.58
CA PHE B 629 -10.83 -6.81 -31.99
C PHE B 629 -11.25 -5.43 -32.47
N GLY B 630 -10.61 -4.39 -31.92
CA GLY B 630 -10.96 -3.06 -32.36
C GLY B 630 -11.91 -2.35 -31.44
N HIS B 631 -12.46 -3.06 -30.46
CA HIS B 631 -13.46 -2.46 -29.58
C HIS B 631 -12.88 -1.67 -28.39
N GLY B 632 -13.38 -0.46 -28.20
CA GLY B 632 -13.09 0.33 -27.03
C GLY B 632 -14.14 1.45 -26.99
N LEU B 633 -14.60 1.83 -25.80
CA LEU B 633 -15.62 2.84 -25.66
C LEU B 633 -14.89 4.15 -25.33
N SER B 634 -15.61 5.26 -25.44
CA SER B 634 -15.07 6.54 -25.06
C SER B 634 -16.11 7.26 -24.15
N TYR B 635 -15.71 8.33 -23.49
CA TYR B 635 -16.63 9.18 -22.78
C TYR B 635 -17.39 10.10 -23.77
N THR B 636 -17.14 10.02 -25.07
CA THR B 636 -17.99 10.75 -26.00
C THR B 636 -18.44 9.73 -27.07
N THR B 637 -19.15 10.18 -28.11
CA THR B 637 -19.55 9.30 -29.21
C THR B 637 -19.01 9.90 -30.52
N PHE B 638 -18.85 9.02 -31.52
CA PHE B 638 -18.36 9.43 -32.83
C PHE B 638 -19.23 8.91 -33.93
N ASN B 639 -19.24 9.65 -35.04
CA ASN B 639 -20.01 9.25 -36.17
C ASN B 639 -19.11 9.16 -37.39
N TYR B 640 -19.31 8.11 -38.18
CA TYR B 640 -18.50 7.80 -39.37
C TYR B 640 -19.41 7.89 -40.55
N SER B 641 -19.10 8.76 -41.51
CA SER B 641 -19.94 8.82 -42.72
C SER B 641 -19.16 9.25 -43.97
N GLY B 642 -19.87 9.33 -45.09
CA GLY B 642 -19.34 9.90 -46.29
C GLY B 642 -18.14 9.16 -46.89
N LEU B 643 -18.23 7.83 -47.01
CA LEU B 643 -17.19 7.02 -47.69
C LEU B 643 -16.95 7.48 -49.12
N HIS B 644 -15.73 7.88 -49.45
CA HIS B 644 -15.43 8.24 -50.86
C HIS B 644 -14.19 7.43 -51.31
N ILE B 645 -14.27 6.74 -52.45
CA ILE B 645 -13.13 5.95 -52.98
C ILE B 645 -12.63 6.51 -54.29
N GLN B 646 -11.33 6.54 -54.46
CA GLN B 646 -10.77 7.09 -55.67
C GLN B 646 -9.60 6.24 -56.19
N VAL B 647 -9.60 5.93 -57.49
CA VAL B 647 -8.49 5.16 -58.11
C VAL B 647 -7.36 6.12 -58.36
N LEU B 648 -6.14 5.73 -58.00
CA LEU B 648 -4.93 6.59 -58.22
C LEU B 648 -4.13 6.16 -59.47
N ASN B 649 -3.33 7.05 -60.08
CA ASN B 649 -2.41 6.68 -61.21
C ASN B 649 -1.17 5.96 -60.68
N ALA B 657 16.10 -3.73 -60.55
CA ALA B 657 17.36 -4.55 -60.51
C ALA B 657 17.07 -6.03 -60.70
N THR B 658 17.75 -6.69 -61.64
CA THR B 658 17.48 -8.14 -61.85
C THR B 658 18.56 -9.17 -61.41
N GLU B 659 19.82 -8.73 -61.23
CA GLU B 659 20.89 -9.54 -60.59
C GLU B 659 21.70 -8.69 -59.56
N THR B 660 22.36 -9.31 -58.59
CA THR B 660 23.09 -8.54 -57.56
C THR B 660 24.47 -8.41 -58.16
N GLY B 661 25.39 -7.74 -57.48
CA GLY B 661 26.83 -7.82 -57.81
C GLY B 661 27.38 -9.13 -57.26
N ALA B 662 28.63 -9.43 -57.66
CA ALA B 662 29.39 -10.55 -57.11
C ALA B 662 29.76 -10.18 -55.64
N ALA B 663 29.90 -11.20 -54.76
CA ALA B 663 30.27 -11.00 -53.38
C ALA B 663 31.66 -10.36 -53.31
N PRO B 664 31.77 -9.23 -52.62
CA PRO B 664 33.07 -8.54 -52.46
C PRO B 664 33.82 -9.10 -51.25
N THR B 665 35.13 -8.97 -51.24
CA THR B 665 35.91 -9.18 -50.04
C THR B 665 36.54 -7.82 -49.72
N PHE B 666 36.81 -7.56 -48.43
CA PHE B 666 37.27 -6.26 -47.97
C PHE B 666 38.47 -6.51 -47.07
N GLY B 667 39.64 -6.01 -47.50
CA GLY B 667 40.90 -6.26 -46.83
C GLY B 667 41.37 -7.67 -47.14
N GLN B 668 42.35 -8.17 -46.33
CA GLN B 668 43.15 -9.38 -46.61
C GLN B 668 43.22 -10.40 -45.45
N VAL B 669 43.33 -11.68 -45.83
CA VAL B 669 43.56 -12.75 -44.88
C VAL B 669 44.99 -13.28 -45.07
N GLY B 670 45.73 -13.40 -43.98
CA GLY B 670 47.05 -14.02 -44.02
C GLY B 670 47.11 -15.46 -43.60
N ASN B 671 48.24 -15.82 -43.01
CA ASN B 671 48.58 -17.18 -42.61
C ASN B 671 48.03 -17.36 -41.22
N ALA B 672 47.82 -18.60 -40.81
CA ALA B 672 47.45 -18.95 -39.46
C ALA B 672 48.27 -18.19 -38.37
N SER B 673 49.58 -18.09 -38.56
CA SER B 673 50.45 -17.52 -37.57
C SER B 673 50.10 -16.08 -37.17
N ASP B 674 49.47 -15.33 -38.07
CA ASP B 674 48.95 -14.01 -37.76
C ASP B 674 47.82 -13.98 -36.72
N TYR B 675 47.17 -15.11 -36.43
CA TYR B 675 45.95 -15.13 -35.62
C TYR B 675 46.10 -16.00 -34.36
N VAL B 676 47.36 -16.30 -34.02
CA VAL B 676 47.69 -17.00 -32.80
C VAL B 676 47.58 -15.95 -31.66
N TYR B 677 47.26 -16.37 -30.45
CA TYR B 677 47.11 -15.48 -29.30
C TYR B 677 48.32 -14.57 -29.10
N PRO B 678 48.11 -13.26 -29.02
CA PRO B 678 49.27 -12.41 -28.75
C PRO B 678 49.95 -12.80 -27.43
N GLU B 679 51.26 -12.67 -27.45
CA GLU B 679 52.09 -13.11 -26.35
C GLU B 679 51.90 -12.39 -25.04
N GLY B 680 51.69 -11.08 -25.08
CA GLY B 680 51.58 -10.35 -23.80
C GLY B 680 50.16 -10.30 -23.20
N LEU B 681 49.20 -11.03 -23.75
CA LEU B 681 47.81 -10.88 -23.34
C LEU B 681 47.45 -11.88 -22.22
N THR B 682 46.93 -11.41 -21.07
CA THR B 682 46.41 -12.39 -20.07
C THR B 682 45.04 -12.86 -20.52
N ARG B 683 44.88 -14.17 -20.65
CA ARG B 683 43.61 -14.74 -21.11
C ARG B 683 42.63 -14.86 -19.96
N ILE B 684 41.56 -14.07 -19.98
CA ILE B 684 40.55 -14.19 -18.98
C ILE B 684 39.79 -15.54 -19.10
N SER B 685 39.62 -16.18 -17.99
CA SER B 685 38.98 -17.44 -17.96
C SER B 685 37.45 -17.37 -18.39
N LYS B 686 36.98 -18.32 -19.22
CA LYS B 686 35.66 -18.34 -19.88
C LYS B 686 35.48 -17.28 -20.98
N PHE B 687 36.43 -16.33 -21.07
CA PHE B 687 36.35 -15.28 -22.11
C PHE B 687 36.52 -15.85 -23.52
N ILE B 688 35.68 -15.43 -24.46
CA ILE B 688 35.76 -15.95 -25.83
C ILE B 688 36.54 -14.96 -26.68
N TYR B 689 37.57 -15.48 -27.37
CA TYR B 689 38.50 -14.70 -28.16
C TYR B 689 38.46 -15.18 -29.62
N PRO B 690 39.10 -14.41 -30.53
CA PRO B 690 39.02 -14.84 -31.93
C PRO B 690 40.28 -15.65 -32.35
N TRP B 691 41.18 -15.87 -31.40
CA TRP B 691 42.53 -16.33 -31.69
C TRP B 691 42.75 -17.84 -31.59
N LEU B 692 43.86 -18.29 -32.16
CA LEU B 692 44.19 -19.71 -32.23
C LEU B 692 45.29 -20.06 -31.21
N ASN B 693 45.17 -21.20 -30.55
CA ASN B 693 46.26 -21.63 -29.67
C ASN B 693 47.58 -21.76 -30.44
N SER B 694 47.52 -22.33 -31.65
CA SER B 694 48.71 -22.52 -32.46
C SER B 694 48.30 -22.50 -33.93
N THR B 695 49.30 -22.60 -34.84
CA THR B 695 49.04 -22.66 -36.30
C THR B 695 48.44 -24.02 -36.76
N ASP B 696 48.36 -24.95 -35.83
CA ASP B 696 47.69 -26.20 -36.06
C ASP B 696 46.13 -26.00 -35.93
N LEU B 697 45.46 -25.93 -37.08
CA LEU B 697 44.04 -25.62 -37.14
C LEU B 697 43.14 -26.59 -36.37
N LYS B 698 43.28 -27.86 -36.68
CA LYS B 698 42.59 -28.91 -35.96
C LYS B 698 42.74 -28.86 -34.46
N ALA B 699 43.98 -28.77 -33.96
CA ALA B 699 44.13 -28.82 -32.52
C ALA B 699 43.61 -27.48 -31.90
N SER B 700 43.69 -26.39 -32.65
CA SER B 700 43.22 -25.11 -32.13
C SER B 700 41.69 -25.08 -32.08
N SER B 701 41.01 -25.86 -32.96
CA SER B 701 39.54 -25.88 -32.94
C SER B 701 38.97 -26.80 -31.87
N GLY B 702 39.71 -27.86 -31.56
CA GLY B 702 39.16 -28.87 -30.68
C GLY B 702 37.82 -29.49 -31.08
N ASP B 703 37.37 -29.31 -32.32
CA ASP B 703 36.09 -29.90 -32.82
C ASP B 703 36.26 -31.36 -33.19
N PRO B 704 35.49 -32.24 -32.53
CA PRO B 704 35.61 -33.66 -32.77
C PRO B 704 35.25 -33.99 -34.17
N TYR B 705 34.54 -33.10 -34.85
CA TYR B 705 34.19 -33.37 -36.28
C TYR B 705 35.09 -32.61 -37.23
N TYR B 706 36.16 -32.00 -36.71
CA TYR B 706 36.99 -31.13 -37.55
C TYR B 706 37.46 -31.88 -38.77
N GLY B 707 37.27 -31.27 -39.93
CA GLY B 707 37.79 -31.81 -41.17
C GLY B 707 37.15 -33.08 -41.66
N VAL B 708 36.00 -33.47 -41.10
CA VAL B 708 35.38 -34.75 -41.43
C VAL B 708 34.10 -34.51 -42.23
N ASP B 709 34.03 -35.12 -43.43
CA ASP B 709 32.92 -34.99 -44.36
C ASP B 709 32.55 -33.54 -44.61
N THR B 710 33.51 -32.65 -44.56
CA THR B 710 33.17 -31.24 -44.58
C THR B 710 32.31 -30.82 -45.78
N ALA B 711 32.76 -31.11 -46.99
CA ALA B 711 32.05 -30.72 -48.20
C ALA B 711 30.61 -31.30 -48.27
N GLU B 712 30.41 -32.52 -47.73
CA GLU B 712 29.06 -33.08 -47.73
C GLU B 712 28.15 -32.37 -46.72
N HIS B 713 28.74 -31.59 -45.80
CA HIS B 713 27.93 -30.89 -44.82
C HIS B 713 27.71 -29.39 -45.17
N VAL B 714 28.08 -29.01 -46.39
CA VAL B 714 28.00 -27.63 -46.86
C VAL B 714 27.06 -27.67 -48.05
N PRO B 715 25.82 -27.13 -47.89
CA PRO B 715 24.85 -27.30 -48.99
C PRO B 715 25.28 -26.64 -50.31
N GLU B 716 24.77 -27.13 -51.42
CA GLU B 716 25.07 -26.56 -52.73
C GLU B 716 24.77 -25.05 -52.78
N GLY B 717 25.65 -24.26 -53.41
CA GLY B 717 25.45 -22.82 -53.49
C GLY B 717 25.92 -22.07 -52.22
N ALA B 718 26.17 -22.76 -51.12
CA ALA B 718 26.57 -22.05 -49.90
C ALA B 718 27.85 -21.23 -50.05
N THR B 719 28.71 -21.53 -51.04
CA THR B 719 29.96 -20.72 -51.19
C THR B 719 30.04 -19.95 -52.53
N ASP B 720 28.90 -19.88 -53.19
CA ASP B 720 28.79 -19.19 -54.45
C ASP B 720 28.73 -17.65 -54.39
N GLY B 721 29.88 -17.01 -54.64
CA GLY B 721 30.07 -15.58 -54.50
C GLY B 721 29.75 -14.87 -55.82
N SER B 722 29.09 -15.57 -56.72
CA SER B 722 28.81 -15.01 -58.01
C SER B 722 27.45 -14.27 -57.91
N PRO B 723 27.21 -13.34 -58.84
CA PRO B 723 25.99 -12.58 -58.92
C PRO B 723 24.79 -13.49 -58.92
N GLN B 724 23.73 -13.03 -58.25
CA GLN B 724 22.60 -13.88 -58.01
C GLN B 724 21.37 -13.24 -58.63
N PRO B 725 20.36 -14.06 -58.99
CA PRO B 725 19.09 -13.48 -59.45
C PRO B 725 18.41 -12.72 -58.31
N VAL B 726 17.82 -11.58 -58.62
CA VAL B 726 16.95 -10.90 -57.65
C VAL B 726 15.57 -11.54 -57.69
N LEU B 727 15.02 -11.91 -56.52
CA LEU B 727 13.70 -12.51 -56.47
C LEU B 727 12.59 -11.54 -56.98
N PRO B 728 11.51 -12.11 -57.59
CA PRO B 728 10.37 -11.27 -58.03
C PRO B 728 9.78 -10.38 -56.92
N ALA B 729 9.65 -10.94 -55.72
CA ALA B 729 9.06 -10.19 -54.61
C ALA B 729 10.13 -9.45 -53.85
N GLY B 730 11.39 -9.50 -54.32
CA GLY B 730 12.54 -8.74 -53.68
C GLY B 730 12.91 -7.47 -54.46
N GLY B 731 14.08 -6.92 -54.18
CA GLY B 731 14.65 -5.84 -54.93
C GLY B 731 14.57 -4.49 -54.25
N GLY B 732 14.08 -4.47 -53.01
CA GLY B 732 13.87 -3.20 -52.35
C GLY B 732 13.92 -3.39 -50.88
N SER B 733 13.38 -2.43 -50.14
CA SER B 733 13.45 -2.55 -48.68
C SER B 733 12.09 -2.94 -48.14
N GLY B 734 12.02 -4.10 -47.48
CA GLY B 734 10.74 -4.67 -47.16
C GLY B 734 9.96 -5.26 -48.34
N GLY B 735 10.66 -5.65 -49.39
CA GLY B 735 10.01 -6.16 -50.60
C GLY B 735 10.17 -5.20 -51.79
N ASN B 736 9.95 -5.75 -52.98
CA ASN B 736 9.86 -5.03 -54.23
C ASN B 736 9.17 -3.66 -54.07
N PRO B 737 9.82 -2.59 -54.51
CA PRO B 737 9.15 -1.30 -54.31
C PRO B 737 7.76 -1.17 -54.96
N ARG B 738 7.45 -1.91 -56.02
CA ARG B 738 6.10 -1.80 -56.60
C ARG B 738 5.00 -2.18 -55.54
N LEU B 739 5.40 -2.91 -54.48
CA LEU B 739 4.46 -3.33 -53.49
C LEU B 739 3.90 -2.15 -52.71
N TYR B 740 4.68 -1.07 -52.70
CA TYR B 740 4.32 0.13 -51.93
C TYR B 740 3.73 1.26 -52.73
N ASP B 741 3.43 1.01 -54.01
CA ASP B 741 2.69 1.96 -54.83
C ASP B 741 1.27 2.12 -54.24
N GLU B 742 0.81 3.34 -54.20
CA GLU B 742 -0.53 3.60 -53.74
C GLU B 742 -1.53 3.54 -54.92
N LEU B 743 -2.52 2.67 -54.76
CA LEU B 743 -3.46 2.33 -55.82
C LEU B 743 -4.85 2.91 -55.62
N ILE B 744 -5.35 2.97 -54.37
CA ILE B 744 -6.67 3.55 -54.09
C ILE B 744 -6.60 4.48 -52.89
N ARG B 745 -7.30 5.59 -52.94
CA ARG B 745 -7.42 6.51 -51.79
C ARG B 745 -8.82 6.31 -51.25
N VAL B 746 -8.94 6.29 -49.93
CA VAL B 746 -10.25 6.12 -49.25
C VAL B 746 -10.40 7.32 -48.26
N SER B 747 -11.61 7.90 -48.16
CA SER B 747 -11.86 9.00 -47.24
C SER B 747 -13.17 8.78 -46.53
N VAL B 748 -13.27 9.25 -45.27
CA VAL B 748 -14.56 9.30 -44.59
C VAL B 748 -14.54 10.54 -43.74
N THR B 749 -15.71 10.94 -43.27
CA THR B 749 -15.92 12.03 -42.32
C THR B 749 -16.16 11.42 -40.96
N VAL B 750 -15.35 11.89 -40.03
CA VAL B 750 -15.50 11.50 -38.67
C VAL B 750 -15.92 12.72 -37.85
N LYS B 751 -17.01 12.56 -37.05
CA LYS B 751 -17.51 13.61 -36.18
C LYS B 751 -17.61 13.14 -34.73
N ASN B 752 -17.19 13.99 -33.82
CA ASN B 752 -17.49 13.81 -32.40
C ASN B 752 -18.89 14.36 -32.13
N THR B 753 -19.84 13.48 -31.83
CA THR B 753 -21.26 13.87 -31.65
C THR B 753 -21.60 13.88 -30.20
N GLY B 754 -20.61 13.70 -29.35
CA GLY B 754 -20.83 13.71 -27.89
C GLY B 754 -20.44 15.04 -27.26
N ARG B 755 -20.19 15.02 -25.95
CA ARG B 755 -20.03 16.30 -25.18
C ARG B 755 -18.59 16.41 -24.65
N VAL B 756 -17.75 15.42 -24.98
CA VAL B 756 -16.37 15.37 -24.39
C VAL B 756 -15.32 15.31 -25.53
N ALA B 757 -14.36 16.25 -25.55
CA ALA B 757 -13.17 16.12 -26.41
C ALA B 757 -12.52 14.75 -26.30
N GLY B 758 -12.00 14.23 -27.39
CA GLY B 758 -11.59 12.84 -27.37
C GLY B 758 -11.03 12.30 -28.66
N ASP B 759 -10.46 11.11 -28.60
CA ASP B 759 -9.90 10.57 -29.81
C ASP B 759 -10.78 9.47 -30.35
N ALA B 760 -10.95 9.52 -31.65
CA ALA B 760 -11.54 8.41 -32.40
C ALA B 760 -10.42 7.54 -32.93
N VAL B 761 -10.69 6.25 -33.11
CA VAL B 761 -9.80 5.38 -33.87
C VAL B 761 -10.56 4.77 -35.06
N PRO B 762 -10.62 5.51 -36.20
CA PRO B 762 -11.17 4.96 -37.43
C PRO B 762 -10.33 3.73 -37.91
N GLN B 763 -11.00 2.68 -38.35
CA GLN B 763 -10.31 1.46 -38.74
C GLN B 763 -10.87 1.11 -40.12
N LEU B 764 -9.96 0.80 -41.04
CA LEU B 764 -10.30 0.40 -42.44
C LEU B 764 -9.89 -1.07 -42.66
N TYR B 765 -10.84 -1.89 -43.10
CA TYR B 765 -10.64 -3.34 -43.27
C TYR B 765 -10.91 -3.57 -44.72
N VAL B 766 -10.19 -4.49 -45.33
CA VAL B 766 -10.60 -4.98 -46.64
C VAL B 766 -11.08 -6.43 -46.57
N SER B 767 -11.82 -6.80 -47.61
CA SER B 767 -12.07 -8.24 -47.93
C SER B 767 -11.41 -8.47 -49.25
N LEU B 768 -10.38 -9.32 -49.26
CA LEU B 768 -9.68 -9.62 -50.52
C LEU B 768 -10.43 -10.65 -51.39
N GLY B 769 -11.37 -11.41 -50.79
CA GLY B 769 -12.23 -12.36 -51.53
C GLY B 769 -11.62 -13.73 -51.78
N GLY B 770 -12.39 -14.69 -52.28
CA GLY B 770 -11.83 -16.03 -52.48
C GLY B 770 -12.30 -16.94 -51.35
N PRO B 771 -12.45 -18.25 -51.64
CA PRO B 771 -12.89 -19.23 -50.58
C PRO B 771 -11.97 -19.30 -49.35
N ASN B 772 -10.69 -18.98 -49.47
CA ASN B 772 -9.81 -19.15 -48.31
C ASN B 772 -9.44 -17.88 -47.55
N GLU B 773 -10.02 -16.75 -47.89
CA GLU B 773 -9.66 -15.49 -47.28
C GLU B 773 -10.55 -15.12 -46.08
N PRO B 774 -9.95 -14.52 -45.02
CA PRO B 774 -10.76 -13.92 -43.96
C PRO B 774 -11.82 -13.01 -44.54
N LYS B 775 -13.01 -12.98 -43.91
CA LYS B 775 -14.08 -11.99 -44.26
C LYS B 775 -13.60 -10.57 -44.28
N VAL B 776 -12.86 -10.19 -43.23
CA VAL B 776 -12.24 -8.83 -43.14
C VAL B 776 -10.84 -8.92 -42.57
N VAL B 777 -9.92 -8.15 -43.13
CA VAL B 777 -8.61 -7.96 -42.54
C VAL B 777 -8.30 -6.48 -42.38
N LEU B 778 -7.72 -6.09 -41.22
CA LEU B 778 -7.32 -4.67 -40.98
C LEU B 778 -6.28 -4.16 -41.98
N ARG B 779 -6.43 -2.95 -42.49
CA ARG B 779 -5.38 -2.38 -43.36
C ARG B 779 -4.86 -1.02 -42.91
N LYS B 780 -5.70 -0.14 -42.36
CA LYS B 780 -5.25 1.20 -41.99
C LYS B 780 -6.04 1.66 -40.78
N PHE B 781 -5.50 2.66 -40.06
CA PHE B 781 -6.12 3.14 -38.87
C PHE B 781 -5.40 4.40 -38.55
N ASP B 782 -6.00 5.21 -37.68
CA ASP B 782 -5.36 6.38 -37.15
C ASP B 782 -6.00 6.74 -35.83
N ARG B 783 -5.45 7.73 -35.14
CA ARG B 783 -6.07 8.17 -33.89
C ARG B 783 -6.17 9.65 -33.99
N LEU B 784 -7.40 10.13 -34.02
CA LEU B 784 -7.72 11.49 -34.36
C LEU B 784 -8.46 12.17 -33.20
N THR B 785 -7.95 13.34 -32.83
CA THR B 785 -8.46 14.09 -31.71
C THR B 785 -9.57 15.06 -32.21
N LEU B 786 -10.76 14.92 -31.66
CA LEU B 786 -11.88 15.77 -32.04
C LEU B 786 -12.53 16.37 -30.79
N LYS B 787 -12.74 17.69 -30.84
CA LYS B 787 -13.49 18.35 -29.81
C LYS B 787 -15.03 18.08 -30.03
N PRO B 788 -15.90 18.40 -29.04
CA PRO B 788 -17.33 18.07 -29.21
C PRO B 788 -17.88 18.84 -30.44
N SER B 789 -18.58 18.11 -31.34
CA SER B 789 -19.17 18.64 -32.61
C SER B 789 -18.14 18.76 -33.73
N GLU B 790 -16.87 18.55 -33.39
CA GLU B 790 -15.79 18.79 -34.34
C GLU B 790 -15.77 17.70 -35.38
N GLU B 791 -15.58 18.07 -36.65
CA GLU B 791 -15.47 17.06 -37.73
C GLU B 791 -14.12 17.10 -38.36
N THR B 792 -13.75 16.00 -38.99
CA THR B 792 -12.55 15.91 -39.82
C THR B 792 -12.76 14.87 -40.98
N VAL B 793 -12.02 15.05 -42.06
CA VAL B 793 -11.92 14.03 -43.10
C VAL B 793 -10.74 13.14 -42.77
N TRP B 794 -10.95 11.84 -42.70
CA TRP B 794 -9.83 10.91 -42.59
C TRP B 794 -9.58 10.38 -44.00
N THR B 795 -8.35 10.52 -44.47
CA THR B 795 -8.02 10.01 -45.79
C THR B 795 -6.85 9.13 -45.69
N THR B 796 -6.90 8.02 -46.42
CA THR B 796 -5.77 7.09 -46.36
C THR B 796 -5.61 6.36 -47.71
N THR B 797 -4.52 5.62 -47.92
CA THR B 797 -4.39 4.98 -49.21
C THR B 797 -4.15 3.51 -49.07
N LEU B 798 -4.62 2.71 -50.03
CA LEU B 798 -4.28 1.28 -50.10
C LEU B 798 -3.14 0.99 -51.07
N THR B 799 -2.10 0.28 -50.61
CA THR B 799 -0.98 -0.02 -51.48
C THR B 799 -1.26 -1.27 -52.33
N ARG B 800 -0.39 -1.56 -53.30
CA ARG B 800 -0.43 -2.86 -53.96
C ARG B 800 -0.33 -4.04 -52.96
N ARG B 801 0.55 -3.95 -51.96
CA ARG B 801 0.69 -5.01 -50.93
C ARG B 801 -0.65 -5.23 -50.17
N ASP B 802 -1.25 -4.11 -49.74
CA ASP B 802 -2.52 -4.14 -49.02
C ASP B 802 -3.61 -4.91 -49.74
N LEU B 803 -3.57 -4.92 -51.06
CA LEU B 803 -4.62 -5.59 -51.88
C LEU B 803 -4.26 -6.97 -52.42
N SER B 804 -3.14 -7.52 -51.95
CA SER B 804 -2.52 -8.72 -52.52
C SER B 804 -2.63 -9.97 -51.60
N ASN B 805 -2.39 -11.12 -52.19
CA ASN B 805 -2.24 -12.35 -51.50
C ASN B 805 -0.93 -12.93 -52.04
N TRP B 806 -0.30 -13.77 -51.24
CA TRP B 806 0.97 -14.29 -51.66
C TRP B 806 0.69 -15.53 -52.50
N ASP B 807 1.27 -15.60 -53.68
CA ASP B 807 0.97 -16.72 -54.60
C ASP B 807 2.20 -17.61 -54.57
N VAL B 808 2.08 -18.78 -53.96
CA VAL B 808 3.20 -19.70 -53.77
C VAL B 808 3.78 -20.14 -55.12
N ALA B 809 2.93 -20.36 -56.15
CA ALA B 809 3.43 -20.68 -57.51
C ALA B 809 4.31 -19.56 -58.12
N ALA B 810 3.94 -18.30 -57.92
CA ALA B 810 4.63 -17.22 -58.62
C ALA B 810 5.80 -16.76 -57.74
N GLN B 811 5.78 -17.25 -56.50
CA GLN B 811 6.68 -16.68 -55.49
C GLN B 811 6.59 -15.14 -55.46
N ASP B 812 5.36 -14.62 -55.40
CA ASP B 812 5.15 -13.17 -55.44
C ASP B 812 3.76 -12.78 -54.90
N TRP B 813 3.59 -11.52 -54.52
CA TRP B 813 2.30 -10.92 -54.19
C TRP B 813 1.50 -10.62 -55.46
N VAL B 814 0.24 -11.07 -55.45
CA VAL B 814 -0.67 -11.02 -56.57
C VAL B 814 -1.99 -10.43 -56.10
N ILE B 815 -2.50 -9.44 -56.82
CA ILE B 815 -3.89 -8.96 -56.56
C ILE B 815 -4.82 -9.96 -57.28
N THR B 816 -5.49 -10.82 -56.50
CA THR B 816 -6.25 -11.90 -57.13
C THR B 816 -7.52 -11.37 -57.83
N SER B 817 -8.08 -12.17 -58.74
CA SER B 817 -9.22 -11.73 -59.55
C SER B 817 -10.59 -11.65 -58.82
N TYR B 818 -10.70 -12.22 -57.62
CA TYR B 818 -11.98 -12.12 -56.87
C TYR B 818 -12.25 -10.68 -56.48
N PRO B 819 -13.53 -10.25 -56.47
CA PRO B 819 -13.82 -8.82 -56.27
C PRO B 819 -13.56 -8.46 -54.80
N LYS B 820 -12.97 -7.30 -54.55
CA LYS B 820 -12.66 -6.91 -53.15
C LYS B 820 -13.57 -5.81 -52.62
N LYS B 821 -13.76 -5.74 -51.31
CA LYS B 821 -14.61 -4.73 -50.65
C LYS B 821 -13.77 -3.97 -49.65
N VAL B 822 -14.21 -2.78 -49.26
CA VAL B 822 -13.53 -1.97 -48.26
C VAL B 822 -14.58 -1.62 -47.19
N HIS B 823 -14.17 -1.61 -45.93
CA HIS B 823 -15.07 -1.32 -44.80
C HIS B 823 -14.37 -0.32 -43.84
N VAL B 824 -15.15 0.61 -43.30
CA VAL B 824 -14.65 1.62 -42.34
C VAL B 824 -15.66 1.70 -41.18
N GLY B 825 -15.13 1.71 -39.97
CA GLY B 825 -15.98 1.92 -38.82
C GLY B 825 -15.11 2.01 -37.59
N SER B 826 -15.67 1.55 -36.46
CA SER B 826 -15.10 1.70 -35.10
C SER B 826 -14.57 0.40 -34.55
N SER B 827 -14.81 -0.71 -35.26
CA SER B 827 -14.27 -1.99 -34.83
C SER B 827 -14.43 -2.99 -35.94
N SER B 828 -13.90 -4.18 -35.72
CA SER B 828 -13.93 -5.22 -36.78
C SER B 828 -15.34 -5.74 -36.96
N ARG B 829 -16.24 -5.36 -36.04
CA ARG B 829 -17.61 -5.84 -36.06
C ARG B 829 -18.59 -4.70 -36.19
N GLN B 830 -18.12 -3.46 -36.05
CA GLN B 830 -18.98 -2.26 -36.21
C GLN B 830 -18.44 -1.48 -37.37
N LEU B 831 -19.00 -1.76 -38.55
CA LEU B 831 -18.51 -1.24 -39.83
C LEU B 831 -19.66 -0.75 -40.67
N PRO B 832 -20.13 0.50 -40.42
CA PRO B 832 -21.32 0.88 -41.15
C PRO B 832 -20.99 1.34 -42.58
N LEU B 833 -19.75 1.71 -42.85
CA LEU B 833 -19.44 2.16 -44.18
C LEU B 833 -18.75 1.03 -44.93
N HIS B 834 -19.25 0.74 -46.14
CA HIS B 834 -18.62 -0.23 -47.02
C HIS B 834 -18.94 0.08 -48.43
N ALA B 835 -18.03 -0.25 -49.33
CA ALA B 835 -18.22 -0.21 -50.78
C ALA B 835 -17.43 -1.33 -51.53
N ALA B 836 -17.83 -1.62 -52.76
CA ALA B 836 -17.02 -2.46 -53.67
C ALA B 836 -15.80 -1.65 -54.05
N LEU B 837 -14.64 -2.28 -54.13
CA LEU B 837 -13.46 -1.57 -54.68
C LEU B 837 -13.37 -1.82 -56.18
N PRO B 838 -12.99 -0.78 -56.96
CA PRO B 838 -12.78 -0.92 -58.41
C PRO B 838 -11.57 -1.82 -58.65
N LYS B 839 -11.57 -2.50 -59.80
CA LYS B 839 -10.52 -3.40 -60.15
C LYS B 839 -9.23 -2.60 -60.38
N VAL B 840 -8.15 -3.05 -59.74
CA VAL B 840 -6.84 -2.39 -59.93
C VAL B 840 -5.83 -3.53 -59.98
N GLN B 841 -4.62 -3.27 -60.49
CA GLN B 841 -3.61 -4.31 -60.72
C GLN B 841 -2.17 -3.84 -60.42
C1 NAG C . -38.68 5.73 30.17
C2 NAG C . -40.11 6.30 30.03
C3 NAG C . -40.95 5.60 29.00
C4 NAG C . -40.15 5.36 27.71
C5 NAG C . -38.75 4.70 27.97
C6 NAG C . -37.93 4.65 26.64
C7 NAG C . -40.99 7.27 32.02
C8 NAG C . -41.70 7.13 33.32
N2 NAG C . -40.80 6.18 31.32
O3 NAG C . -42.04 6.47 28.74
O4 NAG C . -40.88 4.49 26.88
O5 NAG C . -38.01 5.45 28.95
O6 NAG C . -37.65 5.97 26.23
O7 NAG C . -40.68 8.35 31.56
C1 NAG C . -41.32 5.04 25.66
C2 NAG C . -41.82 3.88 24.78
C3 NAG C . -42.60 4.45 23.58
C4 NAG C . -43.57 5.60 23.94
C5 NAG C . -42.80 6.64 24.77
C6 NAG C . -43.70 7.77 25.28
C7 NAG C . -40.56 1.70 24.71
C8 NAG C . -39.30 1.01 24.28
N2 NAG C . -40.71 2.99 24.42
O3 NAG C . -43.26 3.35 23.01
O4 NAG C . -44.06 6.29 22.79
O5 NAG C . -42.36 5.94 25.92
O6 NAG C . -44.69 7.10 26.06
O7 NAG C . -41.39 1.01 25.29
C1 BMA C . -45.31 5.78 22.24
C2 BMA C . -46.41 6.86 22.12
C3 BMA C . -47.72 6.41 21.42
C4 BMA C . -47.33 5.61 20.15
C5 BMA C . -46.24 4.53 20.43
C6 BMA C . -45.75 3.74 19.19
O2 BMA C . -45.88 7.96 21.43
O3 BMA C . -48.73 7.47 21.27
O4 BMA C . -48.49 5.00 19.63
O5 BMA C . -45.07 5.08 21.03
O6 BMA C . -44.97 4.63 18.42
C1 MAN C . -44.81 4.41 16.98
C2 MAN C . -44.18 5.73 16.53
C3 MAN C . -45.24 6.78 16.12
C4 MAN C . -46.22 6.16 15.10
C5 MAN C . -46.92 4.95 15.73
C6 MAN C . -48.12 4.35 14.93
O2 MAN C . -43.27 5.44 15.51
O3 MAN C . -44.64 7.99 15.67
O4 MAN C . -47.17 7.10 14.67
O5 MAN C . -45.92 3.97 16.13
O6 MAN C . -48.02 4.00 13.55
C1 NAG D . -7.08 -0.39 51.19
C2 NAG D . -7.89 0.91 51.41
C3 NAG D . -6.99 1.96 52.06
C4 NAG D . -6.33 1.36 53.30
C5 NAG D . -5.56 0.11 52.90
C6 NAG D . -4.85 -0.55 54.09
C7 NAG D . -9.69 1.54 49.95
C8 NAG D . -10.18 2.27 48.70
N2 NAG D . -8.40 1.58 50.23
O3 NAG D . -7.71 3.12 52.43
O4 NAG D . -5.40 2.26 53.86
O5 NAG D . -6.51 -0.78 52.41
O6 NAG D . -5.79 -0.67 55.17
O7 NAG D . -10.49 0.89 50.65
C1 NAG D . -5.73 2.67 55.18
C2 NAG D . -4.46 3.27 55.81
C3 NAG D . -4.77 3.80 57.21
C4 NAG D . -6.06 4.67 57.25
C5 NAG D . -7.17 3.90 56.49
C6 NAG D . -8.57 4.50 56.55
C7 NAG D . -2.37 2.53 54.86
C8 NAG D . -1.22 1.52 54.78
N2 NAG D . -3.34 2.33 55.76
O3 NAG D . -3.62 4.45 57.75
O4 NAG D . -6.45 4.80 58.59
O5 NAG D . -6.78 3.62 55.16
O6 NAG D . -8.50 5.76 55.97
O7 NAG D . -2.43 3.49 54.09
C1 BMA D . -5.94 5.93 59.32
C2 BMA D . -7.08 6.20 60.28
C3 BMA D . -6.76 7.19 61.37
C4 BMA D . -5.36 6.90 61.98
C5 BMA D . -4.23 6.49 60.97
C6 BMA D . -2.94 5.97 61.65
O2 BMA D . -7.46 5.01 60.91
O3 BMA D . -7.88 7.04 62.25
O4 BMA D . -4.94 8.09 62.60
O5 BMA D . -4.77 5.58 60.03
O6 BMA D . -2.00 5.09 60.98
C1 NAG E . -33.85 -7.32 40.46
C2 NAG E . -34.13 -8.06 39.17
C3 NAG E . -33.95 -9.54 39.38
C4 NAG E . -32.56 -9.78 39.94
C5 NAG E . -32.27 -8.94 41.20
C6 NAG E . -30.85 -9.18 41.71
C7 NAG E . -35.92 -7.15 37.65
C8 NAG E . -37.41 -6.97 37.51
N2 NAG E . -35.50 -7.79 38.77
O3 NAG E . -34.13 -10.22 38.14
O4 NAG E . -32.37 -11.12 40.28
O5 NAG E . -32.51 -7.57 40.88
O6 NAG E . -30.45 -8.35 42.79
O7 NAG E . -35.13 -6.76 36.77
C1 NAG E . -32.15 -12.01 39.21
C2 NAG E . -31.26 -13.04 39.86
C3 NAG E . -31.04 -14.24 38.91
C4 NAG E . -32.37 -14.80 38.39
C5 NAG E . -33.07 -13.63 37.72
C6 NAG E . -34.27 -14.14 36.93
C7 NAG E . -29.02 -12.02 39.57
C8 NAG E . -27.74 -11.57 40.20
N2 NAG E . -30.00 -12.49 40.37
O3 NAG E . -30.35 -15.23 39.63
O4 NAG E . -32.22 -15.88 37.48
O5 NAG E . -33.34 -12.60 38.70
O6 NAG E . -35.37 -14.11 37.80
O7 NAG E . -29.13 -11.95 38.35
C1 NAG F . -36.64 -3.40 48.69
C2 NAG F . -36.29 -4.56 49.61
C3 NAG F . -34.85 -5.04 49.39
C4 NAG F . -34.51 -5.15 47.91
C5 NAG F . -35.04 -3.93 47.14
C6 NAG F . -34.89 -4.12 45.65
C7 NAG F . -37.27 -4.73 51.92
C8 NAG F . -37.25 -4.19 53.37
N2 NAG F . -36.42 -4.16 51.04
O3 NAG F . -34.61 -6.27 50.09
O4 NAG F . -33.09 -5.18 47.69
O5 NAG F . -36.39 -3.70 47.37
O6 NAG F . -35.64 -5.27 45.24
O7 NAG F . -38.02 -5.65 51.57
C1 NAG F . -32.41 -6.42 47.87
C2 NAG F . -31.18 -6.43 46.95
C3 NAG F . -30.28 -7.60 47.27
C4 NAG F . -29.99 -7.74 48.79
C5 NAG F . -31.30 -7.71 49.60
C6 NAG F . -31.14 -7.64 51.11
C7 NAG F . -31.39 -5.30 44.79
C8 NAG F . -31.93 -5.37 43.37
N2 NAG F . -31.59 -6.38 45.56
O3 NAG F . -29.08 -7.34 46.58
O4 NAG F . -29.37 -8.99 48.89
O5 NAG F . -32.07 -6.57 49.26
O6 NAG F . -32.37 -7.88 51.76
O7 NAG F . -30.82 -4.28 45.23
C1 BMA F . -28.19 -9.01 49.71
C2 BMA F . -27.78 -10.46 49.95
C3 BMA F . -26.40 -10.60 50.58
C4 BMA F . -25.37 -9.75 49.85
C5 BMA F . -25.86 -8.29 49.78
C6 BMA F . -24.91 -7.35 49.02
O2 BMA F . -27.59 -11.09 48.72
O3 BMA F . -26.10 -11.96 50.51
O4 BMA F . -24.17 -9.83 50.56
O5 BMA F . -27.15 -8.22 49.13
O6 BMA F . -24.53 -7.96 47.78
C1 MAN F . -23.69 -7.17 46.93
C2 MAN F . -23.25 -8.04 45.78
C3 MAN F . -22.28 -9.10 46.29
C4 MAN F . -21.13 -8.42 47.01
C5 MAN F . -21.67 -7.58 48.13
C6 MAN F . -20.55 -6.90 48.88
O2 MAN F . -22.65 -7.17 44.83
O3 MAN F . -21.62 -9.82 45.28
O4 MAN F . -20.16 -9.34 47.44
O5 MAN F . -22.57 -6.62 47.61
O6 MAN F . -21.31 -6.27 49.88
C1 MAN F . -22.27 -11.06 44.98
C2 MAN F . -21.22 -12.07 44.44
C3 MAN F . -20.70 -11.55 43.10
C4 MAN F . -21.85 -11.41 42.13
C5 MAN F . -23.01 -10.57 42.70
C6 MAN F . -24.23 -10.85 41.84
O2 MAN F . -21.75 -13.37 44.26
O3 MAN F . -19.70 -12.34 42.54
O4 MAN F . -21.38 -10.73 41.01
O5 MAN F . -23.34 -10.81 44.09
O6 MAN F . -24.97 -9.69 42.13
C1 MAN F . -21.86 -14.14 45.48
C2 MAN F . -22.11 -15.59 45.02
C3 MAN F . -23.52 -15.68 44.37
C4 MAN F . -24.59 -15.21 45.37
C5 MAN F . -24.26 -13.78 45.84
C6 MAN F . -25.30 -13.27 46.83
O2 MAN F . -21.96 -16.47 46.11
O3 MAN F . -23.87 -16.94 43.85
O4 MAN F . -25.82 -15.26 44.71
O5 MAN F . -22.91 -13.71 46.35
O6 MAN F . -24.98 -11.99 47.34
C1 MAN F . -20.62 -5.40 50.79
C2 MAN F . -21.48 -5.25 52.07
C3 MAN F . -22.85 -4.66 51.73
C4 MAN F . -22.63 -3.35 50.93
C5 MAN F . -21.67 -3.52 49.76
C6 MAN F . -21.31 -2.18 49.10
O2 MAN F . -20.85 -4.26 52.85
O3 MAN F . -23.41 -4.26 52.97
O4 MAN F . -23.85 -2.73 50.59
O5 MAN F . -20.45 -4.10 50.22
O6 MAN F . -20.37 -2.44 48.08
C1 MAN F . -19.84 -4.82 53.75
C2 MAN F . -19.72 -3.92 54.99
C3 MAN F . -19.13 -2.56 54.65
C4 MAN F . -17.83 -2.73 53.85
C5 MAN F . -17.98 -3.72 52.70
C6 MAN F . -16.61 -4.00 52.10
O2 MAN F . -18.87 -4.53 55.94
O3 MAN F . -18.73 -2.03 55.90
O4 MAN F . -17.24 -1.45 53.48
O5 MAN F . -18.56 -4.93 53.12
O6 MAN F . -16.77 -4.90 51.01
C1 MAN F . -25.29 -12.30 51.63
C2 MAN F . -24.50 -13.54 51.20
C3 MAN F . -25.44 -14.69 50.90
C4 MAN F . -26.46 -14.87 52.04
C5 MAN F . -27.12 -13.55 52.44
C6 MAN F . -28.03 -13.76 53.64
O2 MAN F . -23.64 -13.98 52.22
O3 MAN F . -24.74 -15.91 50.77
O4 MAN F . -27.42 -15.73 51.52
O5 MAN F . -26.10 -12.59 52.76
O6 MAN F . -28.56 -12.54 54.08
C1 MAN F . -22.33 -13.40 52.24
C2 MAN F . -21.54 -14.61 52.78
C3 MAN F . -21.79 -14.74 54.30
C4 MAN F . -21.72 -13.45 55.10
C5 MAN F . -22.55 -12.36 54.39
C6 MAN F . -22.36 -11.00 55.01
O2 MAN F . -20.21 -14.76 52.24
O3 MAN F . -20.86 -15.58 54.87
O4 MAN F . -22.23 -13.78 56.35
O5 MAN F . -22.19 -12.23 53.03
O6 MAN F . -23.58 -10.63 55.59
C1 NAG G . -3.93 -10.36 9.67
C2 NAG G . -2.71 -11.28 9.52
C3 NAG G . -2.97 -12.72 10.00
C4 NAG G . -3.78 -12.80 11.32
C5 NAG G . -4.98 -11.83 11.31
C6 NAG G . -5.67 -11.67 12.67
C7 NAG G . -1.24 -10.50 7.76
C8 NAG G . -0.89 -10.45 6.28
N2 NAG G . -2.30 -11.22 8.12
O3 NAG G . -1.68 -13.27 10.12
O4 NAG G . -4.22 -14.13 11.49
O5 NAG G . -4.57 -10.50 10.92
O6 NAG G . -4.71 -11.39 13.71
O7 NAG G . -0.58 -9.89 8.60
C1 NAG G . -3.74 -14.73 12.72
C2 NAG G . -4.63 -15.90 13.10
C3 NAG G . -4.10 -16.78 14.24
C4 NAG G . -2.58 -16.90 14.34
C5 NAG G . -1.85 -15.62 13.86
C6 NAG G . -0.35 -15.78 13.61
C7 NAG G . -6.93 -15.45 12.65
C8 NAG G . -8.23 -14.83 13.13
N2 NAG G . -5.90 -15.35 13.48
O3 NAG G . -4.64 -18.06 14.02
O4 NAG G . -2.21 -17.21 15.68
O5 NAG G . -2.42 -15.18 12.63
O6 NAG G . 0.35 -14.66 14.11
O7 NAG G . -6.81 -16.02 11.54
C1 NAG H . 6.48 -11.41 22.28
C2 NAG H . 7.02 -12.80 21.94
C3 NAG H . 6.90 -13.11 20.44
C4 NAG H . 5.52 -12.70 19.90
C5 NAG H . 5.09 -11.31 20.36
C6 NAG H . 3.67 -11.00 19.94
C7 NAG H . 8.97 -13.54 23.21
C8 NAG H . 10.48 -13.44 23.35
N2 NAG H . 8.44 -12.82 22.23
O3 NAG H . 7.09 -14.52 20.29
O4 NAG H . 5.53 -12.71 18.49
O5 NAG H . 5.17 -11.14 21.75
O6 NAG H . 2.71 -11.81 20.53
O7 NAG H . 8.28 -14.28 23.96
C1 NAG H . 5.31 -13.96 17.84
C2 NAG H . 4.87 -13.66 16.44
C3 NAG H . 4.77 -14.92 15.57
C4 NAG H . 6.05 -15.73 15.63
C5 NAG H . 6.39 -15.90 17.12
C6 NAG H . 7.66 -16.68 17.47
C7 NAG H . 3.65 -11.66 16.15
C8 NAG H . 2.32 -10.94 16.13
N2 NAG H . 3.62 -12.96 16.44
O3 NAG H . 4.43 -14.59 14.25
O4 NAG H . 5.70 -17.02 15.12
O5 NAG H . 6.53 -14.60 17.66
O6 NAG H . 8.61 -16.01 16.67
O7 NAG H . 4.71 -11.08 15.89
C1 BMA H . 6.51 -17.44 13.99
C2 BMA H . 6.39 -18.94 13.76
C3 BMA H . 7.37 -19.31 12.63
C4 BMA H . 7.14 -18.46 11.36
C5 BMA H . 7.18 -16.96 11.76
C6 BMA H . 6.86 -16.02 10.61
O2 BMA H . 5.06 -19.13 13.34
O3 BMA H . 7.39 -20.70 12.34
O4 BMA H . 8.14 -18.80 10.43
O5 BMA H . 6.20 -16.76 12.77
O6 BMA H . 5.71 -16.49 9.97
C1 MAN H . 5.24 -15.80 8.80
C2 MAN H . 3.96 -16.52 8.38
C3 MAN H . 4.27 -17.93 7.84
C4 MAN H . 5.42 -17.91 6.81
C5 MAN H . 6.63 -17.13 7.37
C6 MAN H . 7.84 -17.02 6.45
O2 MAN H . 3.31 -15.79 7.36
O3 MAN H . 3.12 -18.61 7.38
O4 MAN H . 5.80 -19.24 6.54
O5 MAN H . 6.22 -15.82 7.75
O6 MAN H . 7.46 -16.07 5.45
C1 MAN H . 8.20 -16.20 4.22
C2 MAN H . 7.77 -15.06 3.30
C3 MAN H . 6.33 -15.21 2.83
C4 MAN H . 6.25 -16.55 2.10
C5 MAN H . 6.62 -17.60 3.18
C6 MAN H . 6.28 -19.07 2.94
O2 MAN H . 8.51 -15.04 2.12
O3 MAN H . 6.00 -14.13 1.98
O4 MAN H . 4.93 -16.72 1.67
O5 MAN H . 8.01 -17.43 3.51
O6 MAN H . 7.10 -19.56 1.91
C1 MAN H . 9.86 -14.61 2.32
C2 MAN H . 10.38 -14.03 0.99
C3 MAN H . 10.41 -15.19 -0.03
C4 MAN H . 11.25 -16.36 0.50
C5 MAN H . 10.94 -16.78 1.94
C6 MAN H . 12.11 -17.63 2.45
O2 MAN H . 11.67 -13.42 1.13
O3 MAN H . 10.97 -14.75 -1.26
O4 MAN H . 11.13 -17.47 -0.36
O5 MAN H . 10.72 -15.64 2.79
O6 MAN H . 11.78 -18.35 3.62
C1 MAN H . 8.71 -21.31 12.52
C2 MAN H . 8.90 -22.64 11.77
C3 MAN H . 7.84 -23.59 12.33
C4 MAN H . 7.87 -23.72 13.87
C5 MAN H . 8.14 -22.37 14.56
C6 MAN H . 8.51 -22.48 16.04
O2 MAN H . 10.24 -23.13 11.87
O3 MAN H . 7.99 -24.85 11.73
O4 MAN H . 6.58 -24.12 14.25
O5 MAN H . 9.12 -21.64 13.84
O6 MAN H . 9.37 -21.41 16.41
C1 NAG I . 27.06 -0.64 8.30
C2 NAG I . 27.42 -2.09 8.48
C3 NAG I . 28.53 -2.46 7.51
C4 NAG I . 28.18 -2.17 6.04
C5 NAG I . 27.65 -0.77 5.92
C6 NAG I . 27.06 -0.59 4.52
C7 NAG I . 27.68 -3.18 10.63
C8 NAG I . 28.36 -3.09 11.96
N2 NAG I . 27.94 -2.19 9.79
O3 NAG I . 28.89 -3.81 7.58
O4 NAG I . 29.34 -2.28 5.18
O5 NAG I . 26.71 -0.44 6.93
O6 NAG I . 27.08 0.82 4.32
O7 NAG I . 26.94 -4.11 10.37
C1 NAG I . 29.35 -3.52 4.47
C2 NAG I . 30.13 -3.35 3.19
C3 NAG I . 30.21 -4.72 2.52
C4 NAG I . 30.69 -5.83 3.44
C5 NAG I . 29.79 -5.86 4.70
C6 NAG I . 30.32 -6.87 5.71
C7 NAG I . 29.86 -1.28 2.03
C8 NAG I . 29.05 -0.43 1.10
N2 NAG I . 29.40 -2.50 2.30
O3 NAG I . 31.11 -4.68 1.48
O4 NAG I . 30.57 -7.03 2.70
O5 NAG I . 29.80 -4.56 5.30
O6 NAG I . 31.74 -6.67 5.88
O7 NAG I . 30.91 -0.86 2.54
C1 BMA I . 31.82 -7.74 2.64
C2 BMA I . 31.56 -9.24 2.59
C3 BMA I . 32.85 -10.05 2.36
C4 BMA I . 33.60 -9.46 1.14
C5 BMA I . 33.83 -7.93 1.32
C6 BMA I . 34.51 -7.16 0.15
O2 BMA I . 30.53 -9.49 1.66
O3 BMA I . 32.58 -11.47 2.39
O4 BMA I . 34.83 -10.09 0.84
O5 BMA I . 32.58 -7.31 1.54
O6 BMA I . 33.71 -7.41 -1.01
C1 MAN I . 34.22 -6.96 -2.28
C2 MAN I . 33.19 -7.39 -3.34
C3 MAN I . 33.21 -8.92 -3.52
C4 MAN I . 34.63 -9.46 -3.75
C5 MAN I . 35.56 -8.94 -2.67
C6 MAN I . 37.02 -9.46 -2.70
O2 MAN I . 33.41 -6.71 -4.58
O3 MAN I . 32.43 -9.22 -4.63
O4 MAN I . 34.56 -10.87 -3.70
O5 MAN I . 35.47 -7.49 -2.65
O6 MAN I . 37.92 -8.35 -2.78
C1 MAN I . 31.60 -10.37 -4.50
C2 MAN I . 30.89 -10.47 -5.82
C3 MAN I . 29.85 -9.37 -5.94
C4 MAN I . 28.90 -9.43 -4.75
C5 MAN I . 29.76 -9.29 -3.48
C6 MAN I . 29.07 -9.14 -2.11
O2 MAN I . 30.14 -11.65 -5.83
O3 MAN I . 29.08 -9.52 -7.08
O4 MAN I . 28.04 -8.34 -4.93
O5 MAN I . 30.64 -10.37 -3.45
O6 MAN I . 28.10 -10.14 -2.04
C1 MAN I . 30.86 -12.80 -6.29
C2 MAN I . 29.94 -13.63 -7.21
C3 MAN I . 28.74 -14.09 -6.38
C4 MAN I . 29.22 -14.97 -5.22
C5 MAN I . 30.24 -14.19 -4.38
C6 MAN I . 31.05 -15.08 -3.47
O2 MAN I . 30.54 -14.75 -7.84
O3 MAN I . 27.75 -14.63 -7.25
O4 MAN I . 28.13 -15.28 -4.39
O5 MAN I . 31.25 -13.58 -5.17
O6 MAN I . 32.38 -14.86 -3.91
C1 MAN I . 39.35 -8.61 -2.76
C2 MAN I . 39.83 -8.01 -1.45
C3 MAN I . 39.83 -6.48 -1.79
C4 MAN I . 40.97 -6.15 -2.76
C5 MAN I . 40.50 -6.73 -4.09
C6 MAN I . 41.56 -6.47 -5.18
O2 MAN I . 41.03 -8.65 -1.01
O3 MAN I . 39.72 -5.60 -0.71
O4 MAN I . 41.30 -4.76 -2.86
O5 MAN I . 40.10 -8.12 -3.94
O6 MAN I . 42.25 -7.63 -5.60
C1 NAG J . 38.75 -8.76 -29.22
C2 NAG J . 40.13 -8.09 -29.46
C3 NAG J . 40.96 -8.10 -28.17
C4 NAG J . 40.16 -7.71 -26.89
C5 NAG J . 38.79 -8.40 -26.84
C6 NAG J . 37.91 -7.86 -25.70
C7 NAG J . 41.08 -7.97 -31.69
C8 NAG J . 41.86 -8.63 -32.81
N2 NAG J . 40.87 -8.70 -30.53
O3 NAG J . 42.12 -7.35 -28.31
O4 NAG J . 40.84 -8.16 -25.72
O5 NAG J . 38.13 -8.18 -28.06
O6 NAG J . 37.63 -6.48 -25.99
O7 NAG J . 40.70 -6.78 -31.85
C1 NAG J . 41.40 -7.05 -25.01
C2 NAG J . 41.93 -7.60 -23.69
C3 NAG J . 42.60 -6.44 -22.97
C4 NAG J . 43.76 -5.87 -23.81
C5 NAG J . 43.20 -5.40 -25.19
C6 NAG J . 44.31 -5.10 -26.18
C7 NAG J . 40.66 -9.30 -22.43
C8 NAG J . 39.44 -9.64 -21.63
N2 NAG J . 40.80 -8.06 -22.88
O3 NAG J . 43.03 -6.92 -21.73
O4 NAG J . 44.27 -4.68 -23.24
O5 NAG J . 42.42 -6.43 -25.79
O6 NAG J . 43.68 -4.16 -26.99
O7 NAG J . 41.48 -10.22 -22.68
C1 BMA J . 45.39 -4.94 -22.37
C2 BMA J . 46.42 -3.86 -22.65
C3 BMA J . 47.55 -3.96 -21.62
C4 BMA J . 47.03 -4.07 -20.18
C5 BMA J . 45.88 -5.13 -20.02
C6 BMA J . 45.11 -4.99 -18.70
O2 BMA J . 45.74 -2.65 -22.40
O3 BMA J . 48.36 -2.82 -21.64
O4 BMA J . 48.13 -4.38 -19.38
O5 BMA J . 44.95 -4.87 -21.03
O6 BMA J . 44.92 -3.59 -18.51
C1 MAN J . 49.46 -3.06 -22.50
C2 MAN J . 50.54 -2.09 -22.06
C3 MAN J . 50.08 -0.69 -22.32
C4 MAN J . 49.85 -0.51 -23.81
C5 MAN J . 48.83 -1.55 -24.26
C6 MAN J . 48.53 -1.38 -25.74
O2 MAN J . 51.66 -2.22 -22.94
O3 MAN J . 51.10 0.19 -21.98
O4 MAN J . 49.32 0.80 -24.00
O5 MAN J . 49.23 -2.89 -23.89
O6 MAN J . 47.49 -2.31 -26.08
C1 MAN J . 52.63 -3.10 -22.38
C2 MAN J . 54.05 -2.80 -22.90
C3 MAN J . 54.12 -3.04 -24.40
C4 MAN J . 53.58 -4.47 -24.72
C5 MAN J . 52.24 -4.73 -24.00
C6 MAN J . 51.75 -6.15 -24.10
O2 MAN J . 54.87 -3.79 -22.30
O3 MAN J . 55.45 -2.93 -24.84
O4 MAN J . 53.43 -4.59 -26.12
O5 MAN J . 52.27 -4.45 -22.61
O6 MAN J . 51.34 -6.15 -25.44
C1 MAN J . 55.54 -3.37 -21.11
C2 MAN J . 56.89 -4.12 -21.07
C3 MAN J . 56.64 -5.63 -20.96
C4 MAN J . 55.79 -5.93 -19.74
C5 MAN J . 54.47 -5.17 -19.94
C6 MAN J . 53.41 -5.51 -18.89
O2 MAN J . 57.56 -3.75 -19.91
O3 MAN J . 57.81 -6.35 -20.78
O4 MAN J . 55.63 -7.35 -19.67
O5 MAN J . 54.78 -3.77 -19.98
O6 MAN J . 52.68 -4.33 -18.58
C1 MAN J . 44.55 -3.30 -17.15
C2 MAN J . 44.04 -1.85 -17.17
C3 MAN J . 45.15 -0.82 -17.33
C4 MAN J . 46.27 -1.10 -16.29
C5 MAN J . 46.67 -2.61 -16.20
C6 MAN J . 47.87 -3.04 -15.29
O2 MAN J . 43.38 -1.55 -15.96
O3 MAN J . 44.64 0.54 -17.40
O4 MAN J . 47.37 -0.37 -16.77
O5 MAN J . 45.57 -3.53 -16.17
O6 MAN J . 47.99 -2.77 -13.87
C1 NAG K . 7.79 -25.29 -44.58
C2 NAG K . 8.51 -24.31 -45.52
C3 NAG K . 7.52 -23.74 -46.48
C4 NAG K . 6.97 -24.91 -47.27
C5 NAG K . 6.23 -25.83 -46.31
C6 NAG K . 5.60 -27.08 -46.97
C7 NAG K . 10.34 -23.15 -44.48
C8 NAG K . 10.72 -21.91 -43.70
N2 NAG K . 9.06 -23.20 -44.79
O3 NAG K . 8.14 -22.74 -47.29
O4 NAG K . 6.01 -24.37 -48.11
O5 NAG K . 7.16 -26.29 -45.35
O6 NAG K . 6.45 -27.64 -47.96
O7 NAG K . 11.20 -24.05 -44.72
C1 NAG K . 6.29 -24.62 -49.50
C2 NAG K . 5.06 -24.48 -50.40
C3 NAG K . 5.45 -24.85 -51.83
C4 NAG K . 6.73 -24.10 -52.26
C5 NAG K . 7.81 -24.36 -51.18
C6 NAG K . 9.22 -23.82 -51.46
C7 NAG K . 2.93 -24.77 -49.14
C8 NAG K . 1.78 -25.68 -48.79
N2 NAG K . 3.89 -25.23 -49.95
O3 NAG K . 4.37 -24.56 -52.71
O4 NAG K . 7.21 -24.59 -53.49
O5 NAG K . 7.32 -23.79 -50.00
O6 NAG K . 9.00 -22.49 -51.81
O7 NAG K . 3.01 -23.62 -48.67
C1 BMA K . 6.64 -23.92 -54.63
C2 BMA K . 7.70 -23.99 -55.75
C3 BMA K . 7.11 -23.51 -57.09
C4 BMA K . 5.88 -24.33 -57.44
C5 BMA K . 4.87 -24.35 -56.28
C6 BMA K . 3.82 -25.42 -56.49
O2 BMA K . 8.21 -25.31 -55.88
O3 BMA K . 8.11 -23.55 -58.11
O4 BMA K . 5.26 -23.70 -58.54
O5 BMA K . 5.43 -24.57 -55.00
O6 BMA K . 2.73 -25.10 -55.64
C1 MAN K . 8.50 -22.22 -58.61
C2 MAN K . 9.21 -22.38 -59.98
C3 MAN K . 10.63 -23.00 -59.82
C4 MAN K . 11.44 -22.45 -58.63
C5 MAN K . 10.55 -22.17 -57.41
C6 MAN K . 11.30 -21.55 -56.22
O2 MAN K . 9.17 -21.14 -60.70
O3 MAN K . 11.44 -22.92 -60.97
O4 MAN K . 12.42 -23.42 -58.28
O5 MAN K . 9.36 -21.44 -57.76
O6 MAN K . 11.21 -22.44 -55.11
C1 MAN K . 1.77 -26.20 -55.66
C2 MAN K . 0.61 -25.89 -54.69
C3 MAN K . 1.02 -26.15 -53.24
C4 MAN K . 1.59 -27.60 -53.11
C5 MAN K . 2.76 -27.78 -54.12
C6 MAN K . 3.67 -29.04 -54.06
O2 MAN K . -0.49 -26.70 -55.00
O3 MAN K . -0.07 -25.75 -52.39
O4 MAN K . 2.08 -27.90 -51.81
O5 MAN K . 2.29 -27.53 -55.44
O6 MAN K . 3.01 -30.28 -53.86
C1 NAG L . 34.55 -25.26 -32.05
C2 NAG L . 34.91 -25.19 -30.56
C3 NAG L . 34.75 -26.58 -29.93
C4 NAG L . 33.35 -27.13 -30.16
C5 NAG L . 33.02 -27.07 -31.63
C6 NAG L . 31.55 -27.49 -31.81
C7 NAG L . 36.54 -23.56 -29.53
C8 NAG L . 37.98 -23.19 -29.34
N2 NAG L . 36.25 -24.64 -30.31
O3 NAG L . 34.92 -26.51 -28.53
O4 NAG L . 33.27 -28.49 -29.97
O5 NAG L . 33.22 -25.78 -32.17
O6 NAG L . 31.20 -27.48 -33.16
O7 NAG L . 35.68 -22.94 -28.91
C1 NAG L . 33.03 -28.94 -28.63
C2 NAG L . 32.16 -30.20 -28.64
C3 NAG L . 32.13 -30.91 -27.29
C4 NAG L . 33.53 -31.16 -26.72
C5 NAG L . 34.18 -29.76 -26.68
C6 NAG L . 35.57 -29.77 -26.08
C7 NAG L . 29.91 -29.07 -28.55
C8 NAG L . 28.61 -28.88 -29.31
N2 NAG L . 30.84 -29.86 -29.12
O3 NAG L . 31.43 -32.11 -27.38
O4 NAG L . 33.44 -31.69 -25.40
O5 NAG L . 34.27 -29.26 -28.02
O6 NAG L . 36.33 -30.56 -27.00
O7 NAG L . 30.10 -28.49 -27.45
C1 BMA L . 33.75 -33.10 -25.30
C2 BMA L . 34.25 -32.94 -23.85
C3 BMA L . 35.19 -34.08 -23.42
C4 BMA L . 34.64 -35.46 -23.80
C5 BMA L . 34.35 -35.47 -25.34
C6 BMA L . 33.89 -36.83 -25.91
O2 BMA L . 33.17 -32.78 -22.95
O3 BMA L . 35.49 -34.07 -22.04
O4 BMA L . 35.59 -36.42 -23.34
O5 BMA L . 33.38 -34.44 -25.62
O6 BMA L . 32.51 -36.92 -26.25
C1 NAG M . 37.38 -25.72 -41.03
C2 NAG M . 37.05 -27.22 -41.25
C3 NAG M . 35.69 -27.61 -40.67
C4 NAG M . 35.38 -27.02 -39.27
C5 NAG M . 35.76 -25.53 -39.37
C6 NAG M . 35.46 -24.75 -38.07
C7 NAG M . 38.06 -28.20 -43.21
C8 NAG M . 38.12 -28.43 -44.69
N2 NAG M . 37.10 -27.46 -42.65
O3 NAG M . 35.51 -29.00 -40.71
O4 NAG M . 34.01 -26.91 -38.98
O5 NAG M . 37.13 -25.43 -39.67
O6 NAG M . 36.04 -25.51 -37.02
O7 NAG M . 38.89 -28.74 -42.51
C1 NAG M . 33.21 -28.06 -38.71
C2 NAG M . 31.93 -27.57 -38.07
C3 NAG M . 30.99 -28.76 -37.70
C4 NAG M . 30.82 -29.73 -38.92
C5 NAG M . 32.18 -30.00 -39.54
C6 NAG M . 32.02 -30.66 -40.89
C7 NAG M . 32.14 -25.63 -36.61
C8 NAG M . 32.74 -25.11 -35.34
N2 NAG M . 32.37 -26.92 -36.89
O3 NAG M . 29.73 -28.29 -37.19
O4 NAG M . 30.34 -30.95 -38.42
O5 NAG M . 32.92 -28.84 -39.86
O6 NAG M . 33.30 -31.14 -41.22
O7 NAG M . 31.50 -24.89 -37.41
C1 BMA M . 29.12 -31.36 -39.00
C2 BMA M . 28.86 -32.73 -38.42
C3 BMA M . 27.55 -33.33 -38.99
C4 BMA M . 26.45 -32.29 -38.87
C5 BMA M . 26.86 -30.94 -39.45
C6 BMA M . 25.73 -29.96 -39.23
O2 BMA M . 28.78 -32.66 -37.02
O3 BMA M . 27.23 -34.51 -38.23
O4 BMA M . 25.19 -32.69 -39.41
O5 BMA M . 28.02 -30.52 -38.75
O6 BMA M . 25.46 -29.88 -37.83
C1 MAN M . 24.55 -28.80 -37.55
C2 MAN M . 24.04 -28.96 -36.14
C3 MAN M . 23.02 -30.11 -36.11
C4 MAN M . 21.88 -29.90 -37.06
C5 MAN M . 22.47 -29.78 -38.44
C6 MAN M . 21.42 -29.48 -39.53
O2 MAN M . 23.55 -27.71 -35.71
O3 MAN M . 22.43 -30.22 -34.87
O4 MAN M . 20.88 -30.92 -36.94
O5 MAN M . 23.40 -28.69 -38.38
O6 MAN M . 22.17 -29.63 -40.72
C1 MAN M . 23.18 -31.02 -33.93
C2 MAN M . 22.14 -31.70 -33.02
C3 MAN M . 21.53 -30.62 -32.13
C4 MAN M . 22.61 -30.00 -31.27
C5 MAN M . 23.70 -29.38 -32.15
C6 MAN M . 24.89 -29.13 -31.25
O2 MAN M . 22.65 -32.69 -32.14
O3 MAN M . 20.65 -31.27 -31.25
O4 MAN M . 22.07 -29.03 -30.41
O5 MAN M . 24.14 -30.21 -33.24
O6 MAN M . 25.55 -28.36 -32.22
C1 MAN M . 22.84 -34.03 -32.66
C2 MAN M . 23.13 -34.97 -31.45
C3 MAN M . 24.53 -34.76 -30.89
C4 MAN M . 25.56 -34.80 -32.02
C5 MAN M . 25.17 -33.93 -33.22
C6 MAN M . 26.16 -34.04 -34.39
O2 MAN M . 22.99 -36.34 -31.78
O3 MAN M . 24.83 -35.77 -29.96
O4 MAN M . 26.78 -34.38 -31.45
O5 MAN M . 23.84 -34.18 -33.68
O6 MAN M . 25.98 -32.96 -35.30
C1 MAN M . 21.48 -29.23 -41.92
C2 MAN M . 22.34 -29.62 -43.13
C3 MAN M . 23.63 -28.79 -43.20
C4 MAN M . 23.32 -27.29 -43.02
C5 MAN M . 22.36 -27.00 -41.85
C6 MAN M . 21.91 -25.54 -41.76
O2 MAN M . 21.67 -29.24 -44.28
O3 MAN M . 24.31 -28.99 -44.46
O4 MAN M . 24.55 -26.60 -42.91
O5 MAN M . 21.18 -27.85 -41.96
O6 MAN M . 21.08 -25.50 -40.63
C1 MAN M . 20.69 -30.22 -44.74
C2 MAN M . 20.47 -30.06 -46.26
C3 MAN M . 19.87 -28.66 -46.65
C4 MAN M . 18.60 -28.36 -45.80
C5 MAN M . 18.81 -28.74 -44.31
C6 MAN M . 17.46 -28.75 -43.61
O2 MAN M . 19.55 -31.11 -46.61
O3 MAN M . 19.50 -28.72 -48.01
O4 MAN M . 18.05 -27.02 -45.92
O5 MAN M . 19.47 -30.00 -44.14
O6 MAN M . 17.70 -29.10 -42.25
C1 MAN M . 26.55 -35.53 -39.02
C2 MAN M . 25.82 -36.47 -38.07
C3 MAN M . 26.83 -37.34 -37.30
C4 MAN M . 27.83 -38.01 -38.24
C5 MAN M . 28.40 -37.00 -39.25
C6 MAN M . 29.24 -37.68 -40.33
O2 MAN M . 24.96 -37.27 -38.84
O3 MAN M . 26.22 -38.28 -36.47
O4 MAN M . 28.91 -38.50 -37.49
O5 MAN M . 27.37 -36.29 -39.89
O6 MAN M . 30.03 -36.68 -40.92
C1 MAN M . 23.59 -36.91 -38.99
C2 MAN M . 22.77 -38.21 -38.87
C3 MAN M . 23.10 -39.20 -40.04
C4 MAN M . 23.05 -38.52 -41.39
C5 MAN M . 23.84 -37.22 -41.32
C6 MAN M . 23.65 -36.54 -42.66
O2 MAN M . 21.39 -38.05 -38.53
O3 MAN M . 22.32 -40.37 -40.12
O4 MAN M . 23.71 -39.30 -42.35
O5 MAN M . 23.42 -36.38 -40.27
O6 MAN M . 24.24 -35.30 -42.47
C1 NAG N . 4.11 -13.68 -3.45
C2 NAG N . 2.85 -14.40 -2.96
C3 NAG N . 3.12 -15.88 -2.69
C4 NAG N . 3.87 -16.58 -3.83
C5 NAG N . 5.12 -15.77 -4.19
C6 NAG N . 5.87 -16.31 -5.38
C7 NAG N . 1.38 -12.89 -1.75
C8 NAG N . 1.04 -12.25 -0.43
N2 NAG N . 2.42 -13.73 -1.76
O3 NAG N . 1.90 -16.52 -2.38
O4 NAG N . 4.35 -17.80 -3.37
O5 NAG N . 4.73 -14.43 -4.47
O6 NAG N . 4.97 -16.58 -6.44
O7 NAG N . 0.71 -12.66 -2.78
C1 NAG N . 4.03 -18.93 -4.20
C2 NAG N . 4.79 -20.17 -3.69
C3 NAG N . 4.44 -21.40 -4.55
C4 NAG N . 2.92 -21.53 -4.83
C5 NAG N . 2.26 -20.16 -5.19
C6 NAG N . 0.75 -20.20 -5.03
C7 NAG N . 7.00 -19.51 -2.70
C8 NAG N . 8.45 -19.33 -3.09
N2 NAG N . 6.23 -19.91 -3.72
O3 NAG N . 4.88 -22.55 -3.88
O4 NAG N . 2.65 -22.50 -5.84
O5 NAG N . 2.64 -19.18 -4.26
O6 NAG N . 0.09 -19.44 -6.00
O7 NAG N . 6.63 -19.27 -1.52
C1 BMA N . 2.39 -23.86 -5.39
C2 BMA N . 1.21 -24.40 -6.23
C3 BMA N . 0.94 -25.91 -6.07
C4 BMA N . 2.27 -26.70 -6.08
C5 BMA N . 3.46 -26.08 -5.31
C6 BMA N . 4.75 -26.85 -5.69
O2 BMA N . 1.47 -24.09 -7.58
O3 BMA N . -0.01 -26.43 -7.02
O4 BMA N . 2.05 -27.96 -5.50
O5 BMA N . 3.56 -24.67 -5.53
O6 BMA N . 5.97 -26.24 -5.32
C1 NAG O . -6.04 -21.15 -13.94
C2 NAG O . -6.53 -22.22 -12.97
C3 NAG O . -6.41 -21.78 -11.53
C4 NAG O . -5.05 -21.14 -11.19
C5 NAG O . -4.74 -20.10 -12.28
C6 NAG O . -3.36 -19.49 -12.07
C7 NAG O . -8.39 -23.43 -13.90
C8 NAG O . -9.89 -23.46 -14.15
N2 NAG O . -7.95 -22.36 -13.23
O3 NAG O . -6.60 -22.92 -10.79
O4 NAG O . -5.27 -20.44 -9.99
O5 NAG O . -4.75 -20.79 -13.52
O6 NAG O . -2.39 -20.51 -12.30
O7 NAG O . -7.58 -24.31 -14.25
C1 NAG O . -4.88 -21.10 -8.79
C2 NAG O . -4.53 -20.08 -7.70
C3 NAG O . -4.35 -20.79 -6.34
C4 NAG O . -5.53 -21.70 -6.03
C5 NAG O . -5.72 -22.64 -7.24
C6 NAG O . -6.87 -23.66 -7.20
C7 NAG O . -3.26 -18.24 -8.45
C8 NAG O . -1.94 -17.57 -8.89
N2 NAG O . -3.29 -19.47 -8.07
O3 NAG O . -4.30 -19.86 -5.30
O4 NAG O . -5.21 -22.36 -4.81
O5 NAG O . -5.99 -21.80 -8.34
O6 NAG O . -8.08 -22.94 -7.06
O7 NAG O . -4.34 -17.67 -8.43
C1 BMA O . -6.19 -22.23 -3.76
C2 BMA O . -5.99 -23.49 -2.93
C3 BMA O . -6.91 -23.51 -1.71
C4 BMA O . -6.74 -22.22 -0.93
C5 BMA O . -6.72 -20.93 -1.75
C6 BMA O . -5.78 -20.31 -0.76
O2 BMA O . -4.62 -23.55 -2.58
O3 BMA O . -6.50 -24.54 -0.83
O4 BMA O . -7.70 -22.08 0.09
O5 BMA O . -6.04 -21.03 -3.00
O6 BMA O . -5.54 -19.00 -1.07
C1 MAN O . -5.02 -18.25 0.02
C2 MAN O . -3.76 -18.77 0.67
C3 MAN O . -3.97 -19.67 1.89
C4 MAN O . -5.06 -19.10 2.76
C5 MAN O . -6.34 -18.87 1.93
C6 MAN O . -7.51 -18.24 2.69
O2 MAN O . -3.00 -17.67 1.10
O3 MAN O . -2.73 -19.93 2.53
O4 MAN O . -5.38 -20.08 3.67
O5 MAN O . -6.08 -17.98 0.86
O6 MAN O . -7.06 -17.00 3.21
C1 MAN O . -7.95 -16.57 4.24
C2 MAN O . -7.67 -15.09 4.43
C3 MAN O . -6.21 -14.93 4.85
C4 MAN O . -5.91 -15.71 6.12
C5 MAN O . -6.35 -17.17 5.91
C6 MAN O . -6.20 -17.94 7.21
O2 MAN O . -8.45 -14.55 5.48
O3 MAN O . -5.96 -13.56 5.06
O4 MAN O . -4.55 -15.56 6.47
O5 MAN O . -7.72 -17.24 5.47
O6 MAN O . -6.96 -19.13 7.08
C1 MAN O . -9.77 -14.25 5.09
C2 MAN O . -10.33 -13.09 5.94
C3 MAN O . -10.38 -13.57 7.40
C4 MAN O . -11.30 -14.77 7.47
C5 MAN O . -10.81 -15.90 6.54
C6 MAN O . -11.80 -17.06 6.47
O2 MAN O . -11.66 -12.69 5.52
O3 MAN O . -10.85 -12.55 8.24
O4 MAN O . -11.24 -15.18 8.78
O5 MAN O . -10.59 -15.39 5.20
O6 MAN O . -11.42 -17.86 5.37
C1 MAN O . -7.27 -25.75 -1.01
C2 MAN O . -8.79 -25.84 -1.11
C3 MAN O . -9.42 -26.05 0.32
C4 MAN O . -8.67 -27.10 1.17
C5 MAN O . -7.16 -27.20 0.84
C6 MAN O . -6.53 -28.50 1.33
O2 MAN O . -8.95 -26.92 -1.99
O3 MAN O . -10.82 -26.31 0.33
O4 MAN O . -8.86 -26.76 2.54
O5 MAN O . -6.85 -27.03 -0.55
O6 MAN O . -5.16 -28.23 1.44
C1 NAG P . -27.01 -5.32 -6.83
C2 NAG P . -27.41 -6.69 -6.27
C3 NAG P . -28.46 -6.57 -5.18
C4 NAG P . -28.00 -5.66 -4.02
C5 NAG P . -27.54 -4.34 -4.64
C6 NAG P . -26.96 -3.35 -3.62
C7 NAG P . -27.52 -8.82 -7.50
C8 NAG P . -28.08 -9.55 -8.72
N2 NAG P . -27.85 -7.55 -7.38
O3 NAG P . -28.63 -7.84 -4.67
O4 NAG P . -29.11 -5.28 -3.20
O5 NAG P . -26.66 -4.48 -5.77
O6 NAG P . -27.23 -2.12 -4.20
O7 NAG P . -26.81 -9.41 -6.67
C1 NAG P . -29.22 -6.02 -1.99
C2 NAG P . -30.14 -5.20 -1.11
C3 NAG P . -30.33 -6.01 0.17
C4 NAG P . -30.84 -7.42 -0.08
C5 NAG P . -30.04 -8.14 -1.20
C6 NAG P . -30.74 -9.42 -1.73
C7 NAG P . -29.93 -2.76 -1.21
C8 NAG P . -29.17 -1.55 -0.72
N2 NAG P . -29.53 -3.93 -0.76
O3 NAG P . -31.30 -5.31 0.94
O4 NAG P . -30.69 -8.18 1.11
O5 NAG P . -29.84 -7.23 -2.26
O6 NAG P . -32.07 -9.14 -2.18
O7 NAG P . -30.87 -2.69 -2.00
C1 BMA P . -31.93 -8.66 1.63
C2 BMA P . -31.70 -9.95 2.40
C3 BMA P . -33.06 -10.43 2.91
C4 BMA P . -33.80 -9.33 3.65
C5 BMA P . -33.91 -8.09 2.76
C6 BMA P . -34.38 -6.91 3.56
O2 BMA P . -30.80 -9.76 3.44
O3 BMA P . -32.95 -11.63 3.65
O4 BMA P . -35.08 -9.79 3.97
O5 BMA P . -32.59 -7.73 2.46
O6 BMA P . -33.56 -6.96 4.74
C1 MAN P . -33.85 -5.80 5.56
C2 MAN P . -32.92 -5.77 6.74
C3 MAN P . -33.11 -6.98 7.64
C4 MAN P . -34.57 -7.10 8.04
C5 MAN P . -35.51 -6.87 6.85
C6 MAN P . -36.96 -6.78 7.29
O2 MAN P . -33.23 -4.55 7.42
O3 MAN P . -32.36 -6.70 8.78
O4 MAN P . -34.80 -8.41 8.47
O5 MAN P . -35.15 -5.72 6.07
O6 MAN P . -37.80 -7.14 6.22
C1 MAN P . -31.38 -7.62 9.19
C2 MAN P . -30.63 -6.98 10.36
C3 MAN P . -29.73 -5.88 9.87
C4 MAN P . -28.63 -6.49 9.03
C5 MAN P . -29.31 -7.22 7.88
C6 MAN P . -28.33 -8.03 7.05
O2 MAN P . -29.77 -7.88 11.00
O3 MAN P . -29.16 -5.18 10.95
O4 MAN P . -27.91 -5.44 8.43
O5 MAN P . -30.43 -8.06 8.23
O6 MAN P . -29.12 -8.54 6.01
C1 MAN P . -30.42 -8.67 12.00
C2 MAN P . -29.25 -9.11 12.90
C3 MAN P . -28.52 -10.30 12.25
C4 MAN P . -29.52 -11.41 11.85
C5 MAN P . -30.47 -10.78 10.85
C6 MAN P . -31.36 -11.81 10.11
O2 MAN P . -29.72 -9.34 14.22
O3 MAN P . -27.42 -10.69 13.05
O4 MAN P . -28.92 -12.50 11.16
O5 MAN P . -31.19 -9.75 11.50
O6 MAN P . -32.69 -11.84 10.62
C1 MAN P . -39.05 -7.60 6.73
C2 MAN P . -39.93 -8.09 5.57
C3 MAN P . -40.11 -6.86 4.62
C4 MAN P . -40.53 -5.59 5.39
C5 MAN P . -39.73 -5.31 6.65
C6 MAN P . -40.43 -4.20 7.42
O2 MAN P . -41.15 -8.67 6.04
O3 MAN P . -41.01 -7.08 3.55
O4 MAN P . -40.37 -4.46 4.59
O5 MAN P . -39.64 -6.49 7.43
O6 MAN P . -41.63 -4.66 8.00
C1 MAN P . -33.53 -12.75 2.93
C2 MAN P . -34.51 -13.70 3.65
C3 MAN P . -33.81 -14.70 4.62
C4 MAN P . -32.31 -15.00 4.35
C5 MAN P . -31.58 -13.96 3.52
C6 MAN P . -30.30 -14.53 2.94
O2 MAN P . -35.39 -14.34 2.73
O3 MAN P . -34.59 -15.89 4.75
O4 MAN P . -31.61 -15.05 5.57
O5 MAN P . -32.37 -13.44 2.48
O6 MAN P . -29.40 -14.54 4.01
C1 NAG Q . -14.61 -22.99 39.74
C2 NAG Q . -15.05 -24.46 39.53
C3 NAG Q . -16.17 -24.78 40.53
C4 NAG Q . -15.76 -24.41 41.97
C5 NAG Q . -15.19 -22.99 42.07
C6 NAG Q . -14.61 -22.73 43.46
C7 NAG Q . -14.93 -25.88 37.44
C8 NAG Q . -15.48 -26.16 36.06
N2 NAG Q . -15.46 -24.84 38.16
O3 NAG Q . -16.53 -26.15 40.44
O4 NAG Q . -16.88 -24.50 42.79
O5 NAG Q . -14.21 -22.75 41.06
O6 NAG Q . -13.45 -23.54 43.70
O7 NAG Q . -13.99 -26.61 37.82
C1 NAG R . -43.36 -9.21 34.63
C2 NAG R . -42.41 -10.34 35.05
C3 NAG R . -41.80 -11.02 33.81
C4 NAG R . -42.98 -11.53 32.98
C5 NAG R . -43.64 -10.27 32.48
C6 NAG R . -44.58 -10.53 31.31
C7 NAG R . -41.25 -10.48 37.17
C8 NAG R . -40.16 -9.97 38.05
N2 NAG R . -41.39 -9.91 35.98
O3 NAG R . -41.01 -12.13 34.17
O4 NAG R . -42.56 -12.38 31.95
O5 NAG R . -44.26 -9.68 33.63
O6 NAG R . -45.88 -10.67 31.82
O7 NAG R . -41.97 -11.39 37.55
C1 MRD S . 16.41 13.35 -10.27
C2 MRD S . 17.33 14.16 -9.35
O2 MRD S . 18.65 13.61 -9.37
CM MRD S . 17.39 15.57 -9.89
C3 MRD S . 16.82 14.14 -7.87
C4 MRD S . 16.72 12.70 -7.34
O4 MRD S . 16.08 12.62 -6.05
C5 MRD S . 18.11 12.08 -7.31
C1 MRD T . -18.19 -0.65 12.83
C2 MRD T . -19.60 -1.05 12.41
O2 MRD T . -20.43 -0.82 13.52
CM MRD T . -20.15 -0.25 11.26
C3 MRD T . -19.69 -2.54 12.12
C4 MRD T . -20.93 -3.02 12.96
O4 MRD T . -20.78 -4.40 13.24
C5 MRD T . -22.23 -2.69 12.26
C1 NOJ U . -15.89 -1.56 28.48
C2 NOJ U . -14.74 -0.57 28.58
O2 NOJ U . -13.93 -0.85 29.73
C3 NOJ U . -15.21 0.88 28.69
O3 NOJ U . -14.06 1.72 28.51
C4 NOJ U . -16.24 1.17 27.58
O4 NOJ U . -16.63 2.53 27.59
C5 NOJ U . -17.43 0.25 27.74
N5 NOJ U . -16.91 -1.11 27.50
C6 NOJ U . -18.48 0.50 26.70
O6 NOJ U . -17.93 0.31 25.41
C1 NAG V . 15.68 -39.27 -23.74
C2 NAG V . 16.37 -40.17 -22.72
C3 NAG V . 17.49 -40.87 -23.48
C4 NAG V . 16.93 -41.66 -24.64
C5 NAG V . 16.12 -40.74 -25.56
C6 NAG V . 15.43 -41.53 -26.67
C7 NAG V . 17.70 -38.40 -21.53
C8 NAG V . 18.00 -37.86 -20.17
N2 NAG V . 16.85 -39.44 -21.54
O3 NAG V . 18.17 -41.73 -22.61
O4 NAG V . 18.04 -42.07 -25.38
O5 NAG V . 15.16 -40.03 -24.79
O6 NAG V . 14.12 -41.91 -26.26
O7 NAG V . 18.24 -37.90 -22.55
C1 NAG W . -23.94 9.09 -38.71
C2 NAG W . -25.20 8.30 -38.39
C3 NAG W . -26.17 8.31 -39.60
C4 NAG W . -26.32 9.68 -40.33
C5 NAG W . -25.00 10.46 -40.34
C6 NAG W . -25.20 11.92 -40.74
C7 NAG W . -25.28 6.29 -36.93
C8 NAG W . -24.78 4.87 -36.78
N2 NAG W . -24.84 6.94 -38.03
O3 NAG W . -27.46 7.84 -39.21
O4 NAG W . -26.69 9.48 -41.67
O5 NAG W . -24.38 10.40 -39.07
O6 NAG W . -23.99 12.42 -41.29
O7 NAG W . -26.04 6.78 -36.08
C1 NAG X . 43.94 -23.74 -25.93
C2 NAG X . 43.10 -25.00 -25.64
C3 NAG X . 42.48 -24.92 -24.26
C4 NAG X . 43.55 -24.69 -23.22
C5 NAG X . 44.22 -23.35 -23.56
C6 NAG X . 45.25 -23.00 -22.50
C7 NAG X . 41.93 -26.26 -27.29
C8 NAG X . 40.76 -26.36 -28.23
N2 NAG X . 42.03 -25.17 -26.57
O3 NAG X . 41.83 -26.14 -23.99
O4 NAG X . 42.95 -24.65 -21.96
O5 NAG X . 44.84 -23.46 -24.86
O6 NAG X . 46.55 -23.32 -22.98
O7 NAG X . 42.73 -27.18 -27.21
C1 MPD Y . 18.42 -6.27 -11.36
C2 MPD Y . 19.63 -6.95 -10.70
O2 MPD Y . 20.31 -5.79 -10.19
CM MPD Y . 19.20 -7.82 -9.52
C3 MPD Y . 20.48 -7.92 -11.54
C4 MPD Y . 21.45 -8.75 -10.67
O4 MPD Y . 22.30 -7.81 -10.03
C5 MPD Y . 20.85 -9.59 -9.52
C1 MRD Z . 0.42 -28.90 -43.23
C2 MRD Z . 1.02 -27.71 -42.46
O2 MRD Z . 0.77 -26.51 -43.13
CM MRD Z . 0.35 -27.60 -41.09
C3 MRD Z . 2.56 -27.84 -42.27
C4 MRD Z . 3.44 -27.73 -43.55
O4 MRD Z . 4.82 -27.30 -43.25
C5 MRD Z . 2.81 -26.83 -44.61
C1 NOJ AA . 16.17 -15.07 -24.27
C2 NOJ AA . 14.95 -14.22 -24.70
O2 NOJ AA . 14.22 -15.09 -25.56
C3 NOJ AA . 15.38 -13.02 -25.58
O3 NOJ AA . 14.29 -12.15 -25.95
C4 NOJ AA . 16.38 -12.17 -24.81
O4 NOJ AA . 16.62 -10.93 -25.51
C5 NOJ AA . 17.64 -13.02 -24.54
N5 NOJ AA . 17.30 -14.26 -23.78
C6 NOJ AA . 18.64 -12.23 -23.69
O6 NOJ AA . 18.16 -12.03 -22.35
#